data_2YL5
#
_entry.id   2YL5
#
_cell.length_a   67.250
_cell.length_b   115.860
_cell.length_c   132.260
_cell.angle_alpha   90.00
_cell.angle_beta   99.62
_cell.angle_gamma   90.00
#
_symmetry.space_group_name_H-M   'P 1 21 1'
#
loop_
_entity.id
_entity.type
_entity.pdbx_description
1 polymer BETA-N-ACETYLHEXOSAMINIDASE
2 non-polymer 'MAGNESIUM ION'
3 non-polymer 1,2-ETHANEDIOL
4 water water
#
_entity_poly.entity_id   1
_entity_poly.type   'polypeptide(L)'
_entity_poly.pdbx_seq_one_letter_code
;GSHMEKLAKNKVISIDAGRKYFTLNQLKRIVDKASELGYSDVHLLLGNDGLRFLLDDMTITANGKTYASDDVKKAIIEGT
KAYYDDPNGTALTQAEVTELIEYAKSKDIGLIPAINSPGHMDAMLVAMEKLGIKNPQAHFDKVSKTTMDLKNEEAMNFVK
ALIGKYMDFFAGKTKIFNFGTDEYANDATSAQGWYYLKWYQLYGKFAEYANTLAAMAKERGLQPMAFNDGFYYEDKDDVQ
FDKDVLISYWSKGWWGYNLASPQYLASKGYKFLNTNGDWYYILGQKPEDGGGFLKKAIENTGKTPFNQLASTKYPEVDLP
TVGSMLSIWADRPSAEYKEEEIFELMTAFADHNKDYFRANYNALREELAKIPTNLEGYSKESLEALDAAKTALNYNLNRN
KQAELDTLVANLKAALQGLKPAVTHSGSLDENEVAANVETRP
;
_entity_poly.pdbx_strand_id   A,B,C,D
#
loop_
_chem_comp.id
_chem_comp.type
_chem_comp.name
_chem_comp.formula
EDO non-polymer 1,2-ETHANEDIOL 'C2 H6 O2'
MG non-polymer 'MAGNESIUM ION' 'Mg 2'
#
# COMPACT_ATOMS: atom_id res chain seq x y z
N HIS A 3 22.36 13.45 19.38
CA HIS A 3 22.63 12.87 20.72
C HIS A 3 21.76 11.63 20.97
N MET A 4 22.35 10.62 21.58
CA MET A 4 21.71 9.32 21.78
C MET A 4 20.48 9.38 22.70
N GLU A 5 20.56 10.23 23.73
CA GLU A 5 19.50 10.36 24.74
C GLU A 5 18.17 10.82 24.19
N LYS A 6 18.20 11.83 23.33
CA LYS A 6 16.99 12.41 22.74
C LYS A 6 16.30 11.45 21.78
N LEU A 7 17.10 10.74 20.99
CA LEU A 7 16.58 9.77 20.02
C LEU A 7 16.15 8.47 20.68
N ALA A 8 16.67 8.20 21.88
CA ALA A 8 16.28 7.02 22.67
C ALA A 8 14.90 7.19 23.29
N LYS A 9 14.45 8.44 23.44
CA LYS A 9 13.14 8.74 24.01
C LYS A 9 12.00 8.35 23.08
N ASN A 10 10.84 8.07 23.68
CA ASN A 10 9.64 7.70 22.92
C ASN A 10 8.93 8.92 22.34
N LYS A 11 8.64 8.85 21.05
CA LYS A 11 7.81 9.86 20.39
C LYS A 11 6.56 9.16 19.90
N VAL A 12 5.45 9.41 20.58
CA VAL A 12 4.24 8.62 20.38
C VAL A 12 3.05 9.43 19.87
N ILE A 13 2.38 8.89 18.86
CA ILE A 13 1.09 9.41 18.41
C ILE A 13 -0.02 8.49 18.91
N SER A 14 -0.95 9.05 19.67
CA SER A 14 -2.06 8.30 20.25
C SER A 14 -3.32 8.45 19.42
N ILE A 15 -3.97 7.32 19.14
CA ILE A 15 -5.20 7.29 18.34
C ILE A 15 -6.34 6.63 19.11
N ASP A 16 -7.45 7.35 19.23
CA ASP A 16 -8.64 6.84 19.93
C ASP A 16 -9.49 5.97 19.00
N ALA A 17 -9.06 4.72 18.82
CA ALA A 17 -9.78 3.75 18.02
C ALA A 17 -10.71 2.89 18.90
N GLY A 18 -10.98 3.38 20.10
CA GLY A 18 -11.93 2.73 21.01
C GLY A 18 -13.31 3.32 20.86
N ARG A 19 -13.39 4.64 20.94
CA ARG A 19 -14.65 5.36 20.75
C ARG A 19 -15.11 5.30 19.29
N LYS A 20 -14.15 5.40 18.37
CA LYS A 20 -14.43 5.47 16.93
C LYS A 20 -13.68 4.38 16.17
N TYR A 21 -14.28 3.92 15.07
CA TYR A 21 -13.65 2.90 14.23
C TYR A 21 -12.63 3.49 13.25
N PHE A 22 -11.49 2.82 13.15
CA PHE A 22 -10.47 3.11 12.15
C PHE A 22 -10.21 1.83 11.37
N THR A 23 -10.11 1.95 10.05
CA THR A 23 -9.76 0.79 9.20
C THR A 23 -8.28 0.46 9.35
N LEU A 24 -7.90 -0.75 8.94
CA LEU A 24 -6.49 -1.16 8.94
C LEU A 24 -5.64 -0.22 8.10
N ASN A 25 -6.17 0.17 6.94
CA ASN A 25 -5.49 1.10 6.02
C ASN A 25 -5.28 2.49 6.60
N GLN A 26 -6.29 3.01 7.30
CA GLN A 26 -6.19 4.30 7.98
C GLN A 26 -5.10 4.27 9.05
N LEU A 27 -5.04 3.17 9.79
CA LEU A 27 -4.03 3.00 10.84
C LEU A 27 -2.63 2.74 10.27
N LYS A 28 -2.57 2.03 9.14
CA LYS A 28 -1.31 1.84 8.42
C LYS A 28 -0.74 3.17 7.92
N ARG A 29 -1.62 4.05 7.46
CA ARG A 29 -1.23 5.37 6.98
C ARG A 29 -0.77 6.30 8.11
N ILE A 30 -1.32 6.09 9.30
CA ILE A 30 -0.85 6.80 10.50
C ILE A 30 0.54 6.31 10.90
N VAL A 31 0.75 4.99 10.81
CA VAL A 31 2.03 4.36 11.11
C VAL A 31 3.15 4.84 10.17
N ASP A 32 2.84 4.89 8.88
N ASP A 32 2.87 4.90 8.87
CA ASP A 32 3.79 5.31 7.84
CA ASP A 32 3.91 5.31 7.90
C ASP A 32 4.15 6.79 7.96
C ASP A 32 4.12 6.83 7.82
N LYS A 33 3.18 7.60 8.39
CA LYS A 33 3.38 9.04 8.58
C LYS A 33 4.20 9.26 9.84
N ALA A 34 4.00 8.39 10.82
CA ALA A 34 4.78 8.40 12.06
C ALA A 34 6.24 8.02 11.80
N SER A 35 6.44 7.05 10.92
CA SER A 35 7.78 6.62 10.52
C SER A 35 8.52 7.72 9.76
N GLU A 36 7.78 8.44 8.91
CA GLU A 36 8.31 9.54 8.11
C GLU A 36 8.79 10.70 8.99
N LEU A 37 7.95 11.09 9.96
CA LEU A 37 8.22 12.26 10.79
C LEU A 37 9.21 12.00 11.92
N GLY A 38 9.47 10.72 12.19
CA GLY A 38 10.47 10.34 13.19
C GLY A 38 9.91 9.93 14.54
N TYR A 39 8.64 9.50 14.55
CA TYR A 39 8.02 8.94 15.76
C TYR A 39 8.57 7.54 16.01
N SER A 40 8.42 7.06 17.23
CA SER A 40 8.90 5.74 17.61
C SER A 40 7.76 4.73 17.82
N ASP A 41 6.59 5.25 18.22
CA ASP A 41 5.47 4.39 18.59
C ASP A 41 4.11 4.95 18.16
N VAL A 42 3.15 4.04 17.99
CA VAL A 42 1.75 4.42 17.81
C VAL A 42 0.94 3.83 18.96
N HIS A 43 0.41 4.72 19.80
CA HIS A 43 -0.44 4.32 20.91
C HIS A 43 -1.87 4.15 20.40
N LEU A 44 -2.38 2.92 20.48
CA LEU A 44 -3.67 2.60 19.90
C LEU A 44 -4.66 2.12 20.95
N LEU A 45 -5.61 2.99 21.30
CA LEU A 45 -6.69 2.62 22.20
C LEU A 45 -7.69 1.75 21.44
N LEU A 46 -7.85 0.51 21.89
CA LEU A 46 -8.78 -0.43 21.28
C LEU A 46 -10.02 -0.61 22.16
N GLY A 47 -9.80 -0.49 23.47
CA GLY A 47 -10.88 -0.46 24.45
C GLY A 47 -10.93 0.90 25.10
N ASN A 48 -11.91 1.70 24.70
CA ASN A 48 -12.13 3.05 25.24
C ASN A 48 -13.56 3.46 24.93
N ASP A 49 -14.44 3.32 25.93
CA ASP A 49 -15.90 3.40 25.74
C ASP A 49 -16.39 2.21 24.92
N GLY A 50 -16.12 2.23 23.63
CA GLY A 50 -16.38 1.08 22.76
C GLY A 50 -15.19 0.14 22.74
N LEU A 51 -15.45 -1.14 22.53
CA LEU A 51 -14.39 -2.14 22.42
C LEU A 51 -14.29 -2.63 20.98
N ARG A 52 -13.26 -2.15 20.29
CA ARG A 52 -13.16 -2.33 18.84
C ARG A 52 -12.02 -3.26 18.42
N PHE A 53 -11.89 -4.37 19.14
CA PHE A 53 -10.90 -5.40 18.83
C PHE A 53 -11.39 -6.76 19.32
N LEU A 54 -11.52 -7.69 18.39
CA LEU A 54 -11.91 -9.06 18.71
C LEU A 54 -10.81 -10.05 18.32
N LEU A 55 -10.45 -10.92 19.26
CA LEU A 55 -9.52 -12.01 18.99
C LEU A 55 -10.26 -13.13 18.27
N ASP A 56 -9.52 -14.03 17.65
CA ASP A 56 -10.11 -15.19 16.97
C ASP A 56 -10.81 -16.12 17.95
N ASP A 57 -10.20 -16.30 19.12
CA ASP A 57 -10.79 -17.06 20.22
C ASP A 57 -11.09 -16.14 21.39
N MET A 58 -12.38 -15.92 21.64
CA MET A 58 -12.83 -15.03 22.71
C MET A 58 -13.46 -15.79 23.88
N THR A 59 -13.14 -17.08 23.98
CA THR A 59 -13.61 -17.92 25.09
C THR A 59 -13.07 -17.39 26.41
N ILE A 60 -13.97 -17.16 27.37
CA ILE A 60 -13.60 -16.60 28.67
C ILE A 60 -14.00 -17.54 29.82
N THR A 61 -13.07 -17.75 30.73
CA THR A 61 -13.29 -18.57 31.92
C THR A 61 -13.21 -17.71 33.18
N ALA A 62 -14.36 -17.53 33.82
CA ALA A 62 -14.47 -16.77 35.07
C ALA A 62 -15.73 -17.16 35.82
N ASN A 63 -15.70 -16.98 37.15
CA ASN A 63 -16.85 -17.24 38.02
C ASN A 63 -17.29 -18.71 38.06
N GLY A 64 -16.35 -19.61 37.79
CA GLY A 64 -16.62 -21.05 37.80
C GLY A 64 -17.31 -21.61 36.57
N LYS A 65 -17.40 -20.78 35.52
N LYS A 65 -17.40 -20.78 35.52
CA LYS A 65 -18.04 -21.17 34.27
CA LYS A 65 -18.02 -21.20 34.27
C LYS A 65 -17.26 -20.64 33.07
C LYS A 65 -17.25 -20.65 33.08
N THR A 66 -17.62 -21.10 31.88
CA THR A 66 -17.02 -20.63 30.64
C THR A 66 -18.03 -19.96 29.72
N TYR A 67 -17.62 -18.85 29.12
CA TYR A 67 -18.44 -18.13 28.17
C TYR A 67 -17.92 -18.42 26.77
N ALA A 68 -18.77 -19.02 25.94
CA ALA A 68 -18.41 -19.42 24.58
C ALA A 68 -17.88 -18.25 23.77
N SER A 69 -16.89 -18.52 22.91
CA SER A 69 -16.23 -17.51 22.09
C SER A 69 -17.21 -16.72 21.23
N ASP A 70 -18.16 -17.42 20.62
CA ASP A 70 -19.17 -16.80 19.78
C ASP A 70 -20.18 -15.97 20.58
N ASP A 71 -20.41 -16.39 21.83
CA ASP A 71 -21.27 -15.64 22.75
C ASP A 71 -20.63 -14.32 23.17
N VAL A 72 -19.32 -14.37 23.45
CA VAL A 72 -18.56 -13.19 23.86
C VAL A 72 -18.43 -12.17 22.73
N LYS A 73 -18.12 -12.67 21.52
CA LYS A 73 -18.02 -11.82 20.33
C LYS A 73 -19.33 -11.06 20.09
N LYS A 74 -20.44 -11.81 20.06
CA LYS A 74 -21.77 -11.23 19.84
C LYS A 74 -22.14 -10.20 20.91
N ALA A 75 -21.79 -10.50 22.15
CA ALA A 75 -22.05 -9.60 23.28
C ALA A 75 -21.23 -8.31 23.18
N ILE A 76 -19.97 -8.43 22.78
CA ILE A 76 -19.08 -7.28 22.62
C ILE A 76 -19.49 -6.39 21.44
N ILE A 77 -19.88 -7.02 20.33
N ILE A 77 -19.88 -7.02 20.34
CA ILE A 77 -20.37 -6.29 19.16
CA ILE A 77 -20.37 -6.30 19.16
C ILE A 77 -21.64 -5.51 19.47
C ILE A 77 -21.62 -5.49 19.49
N GLU A 78 -22.52 -6.09 20.29
CA GLU A 78 -23.75 -5.44 20.72
C GLU A 78 -23.47 -4.30 21.71
N GLY A 79 -22.47 -4.50 22.57
CA GLY A 79 -22.05 -3.48 23.53
C GLY A 79 -21.40 -2.28 22.87
N THR A 80 -20.56 -2.55 21.88
CA THR A 80 -19.85 -1.51 21.13
C THR A 80 -20.82 -0.69 20.27
N LYS A 81 -21.79 -1.37 19.66
CA LYS A 81 -22.84 -0.71 18.89
C LYS A 81 -23.81 0.05 19.78
N ALA A 82 -23.96 -0.41 21.03
CA ALA A 82 -24.80 0.27 22.03
C ALA A 82 -24.19 1.61 22.43
N TYR A 83 -22.87 1.67 22.55
CA TYR A 83 -22.18 2.94 22.79
C TYR A 83 -22.30 3.84 21.56
N TYR A 84 -21.81 3.34 20.42
CA TYR A 84 -21.90 4.05 19.15
C TYR A 84 -21.82 3.08 17.98
N ASP A 85 -22.93 2.97 17.24
CA ASP A 85 -23.01 2.12 16.06
C ASP A 85 -22.35 2.83 14.89
N ASP A 86 -21.02 2.69 14.80
CA ASP A 86 -20.22 3.33 13.77
C ASP A 86 -20.53 2.72 12.39
N PRO A 87 -20.96 3.55 11.43
CA PRO A 87 -21.24 3.09 10.07
C PRO A 87 -20.00 2.66 9.28
N ASN A 88 -18.83 3.08 9.75
CA ASN A 88 -17.55 2.72 9.11
C ASN A 88 -17.07 1.32 9.47
N GLY A 89 -17.53 0.81 10.62
CA GLY A 89 -17.15 -0.50 11.11
C GLY A 89 -17.34 -0.62 12.61
N THR A 90 -17.16 -1.83 13.14
CA THR A 90 -17.35 -2.07 14.57
C THR A 90 -16.05 -2.40 15.30
N ALA A 91 -15.39 -3.47 14.86
CA ALA A 91 -14.19 -3.96 15.52
C ALA A 91 -13.13 -4.45 14.54
N LEU A 92 -11.86 -4.27 14.92
CA LEU A 92 -10.74 -4.82 14.16
C LEU A 92 -10.58 -6.30 14.49
N THR A 93 -10.16 -7.08 13.49
CA THR A 93 -9.92 -8.51 13.69
C THR A 93 -8.51 -8.76 14.22
N GLN A 94 -8.24 -10.00 14.62
CA GLN A 94 -6.91 -10.40 15.06
C GLN A 94 -5.91 -10.32 13.91
N ALA A 95 -6.34 -10.75 12.72
CA ALA A 95 -5.52 -10.72 11.52
C ALA A 95 -5.12 -9.29 11.13
N GLU A 96 -6.04 -8.34 11.34
CA GLU A 96 -5.79 -6.93 11.05
C GLU A 96 -4.79 -6.30 12.02
N VAL A 97 -4.93 -6.59 13.31
CA VAL A 97 -4.03 -6.06 14.33
C VAL A 97 -2.64 -6.70 14.24
N THR A 98 -2.59 -8.00 13.94
CA THR A 98 -1.34 -8.72 13.72
C THR A 98 -0.57 -8.13 12.53
N GLU A 99 -1.29 -7.83 11.45
CA GLU A 99 -0.71 -7.21 10.26
C GLU A 99 -0.21 -5.80 10.55
N LEU A 100 -0.96 -5.06 11.37
CA LEU A 100 -0.59 -3.69 11.77
C LEU A 100 0.69 -3.67 12.62
N ILE A 101 0.82 -4.64 13.52
CA ILE A 101 2.01 -4.78 14.35
C ILE A 101 3.25 -5.09 13.50
N GLU A 102 3.10 -6.02 12.56
CA GLU A 102 4.18 -6.41 11.65
C GLU A 102 4.54 -5.29 10.65
N TYR A 103 3.54 -4.55 10.21
CA TYR A 103 3.74 -3.40 9.31
C TYR A 103 4.49 -2.28 10.02
N ALA A 104 4.14 -2.06 11.29
CA ALA A 104 4.80 -1.05 12.11
C ALA A 104 6.23 -1.45 12.44
N LYS A 105 6.45 -2.75 12.69
CA LYS A 105 7.77 -3.29 13.01
C LYS A 105 8.75 -3.14 11.84
N SER A 106 8.23 -3.26 10.62
CA SER A 106 9.05 -3.13 9.40
C SER A 106 9.52 -1.69 9.18
N LYS A 107 8.91 -0.75 9.92
CA LYS A 107 9.26 0.67 9.81
CA LYS A 107 9.26 0.67 9.81
C LYS A 107 9.80 1.22 11.14
N ASP A 108 10.25 0.32 12.00
CA ASP A 108 10.78 0.65 13.34
C ASP A 108 9.79 1.43 14.21
N ILE A 109 8.51 1.09 14.07
CA ILE A 109 7.44 1.69 14.86
C ILE A 109 6.86 0.65 15.81
N GLY A 110 6.84 0.98 17.10
CA GLY A 110 6.22 0.11 18.09
C GLY A 110 4.73 0.40 18.20
N LEU A 111 3.97 -0.59 18.65
CA LEU A 111 2.55 -0.39 18.93
C LEU A 111 2.30 -0.51 20.43
N ILE A 112 1.56 0.44 20.98
CA ILE A 112 1.17 0.40 22.39
C ILE A 112 -0.36 0.32 22.46
N PRO A 113 -0.89 -0.90 22.65
CA PRO A 113 -2.34 -1.09 22.76
C PRO A 113 -2.90 -0.59 24.09
N ALA A 114 -4.14 -0.14 24.08
CA ALA A 114 -4.82 0.30 25.29
C ALA A 114 -6.22 -0.28 25.41
N ILE A 115 -6.44 -1.06 26.47
CA ILE A 115 -7.74 -1.61 26.80
C ILE A 115 -8.15 -1.04 28.15
N ASN A 116 -9.11 -0.12 28.14
CA ASN A 116 -9.43 0.68 29.33
C ASN A 116 -10.40 0.01 30.31
N SER A 117 -10.11 0.20 31.60
CA SER A 117 -10.92 -0.27 32.71
C SER A 117 -10.30 0.27 34.01
N PRO A 118 -11.10 0.46 35.08
CA PRO A 118 -12.53 0.18 35.22
C PRO A 118 -13.44 1.26 34.61
N GLY A 119 -12.87 2.41 34.28
CA GLY A 119 -13.62 3.47 33.60
C GLY A 119 -13.57 3.28 32.10
N HIS A 120 -14.33 4.10 31.38
CA HIS A 120 -14.38 4.09 29.91
C HIS A 120 -14.56 2.68 29.31
N MET A 121 -15.56 1.96 29.81
CA MET A 121 -15.84 0.58 29.34
C MET A 121 -17.33 0.32 29.10
N ASP A 122 -17.99 1.26 28.42
CA ASP A 122 -19.41 1.17 28.10
C ASP A 122 -19.78 -0.15 27.41
N ALA A 123 -18.95 -0.54 26.45
CA ALA A 123 -19.17 -1.75 25.65
C ALA A 123 -19.08 -3.03 26.48
N MET A 124 -18.10 -3.10 27.38
CA MET A 124 -17.91 -4.26 28.23
C MET A 124 -19.06 -4.48 29.20
N LEU A 125 -19.61 -3.37 29.71
CA LEU A 125 -20.73 -3.41 30.66
C LEU A 125 -21.99 -4.01 30.03
N VAL A 126 -22.32 -3.55 28.82
CA VAL A 126 -23.47 -4.07 28.07
C VAL A 126 -23.21 -5.52 27.66
N ALA A 127 -21.97 -5.81 27.26
CA ALA A 127 -21.56 -7.17 26.89
C ALA A 127 -21.76 -8.17 28.03
N MET A 128 -21.41 -7.75 29.24
CA MET A 128 -21.59 -8.58 30.43
C MET A 128 -23.06 -8.82 30.74
N GLU A 129 -23.89 -7.80 30.51
CA GLU A 129 -25.34 -7.92 30.67
C GLU A 129 -25.95 -8.94 29.71
N LYS A 130 -25.47 -8.95 28.47
CA LYS A 130 -25.93 -9.89 27.45
C LYS A 130 -25.47 -11.31 27.75
N LEU A 131 -24.39 -11.44 28.52
CA LEU A 131 -23.83 -12.74 28.89
C LEU A 131 -24.37 -13.27 30.22
N GLY A 132 -25.29 -12.53 30.83
CA GLY A 132 -25.95 -12.97 32.07
C GLY A 132 -25.39 -12.39 33.35
N ILE A 133 -24.38 -11.53 33.23
CA ILE A 133 -23.82 -10.84 34.39
C ILE A 133 -24.64 -9.59 34.70
N LYS A 134 -25.45 -9.67 35.74
CA LYS A 134 -26.37 -8.60 36.12
C LYS A 134 -25.66 -7.46 36.84
N ASN A 135 -26.12 -6.24 36.59
CA ASN A 135 -25.64 -5.02 37.25
C ASN A 135 -24.12 -4.89 37.37
N PRO A 136 -23.40 -4.89 36.22
CA PRO A 136 -21.95 -4.74 36.29
C PRO A 136 -21.51 -3.29 36.54
N GLN A 137 -22.44 -2.36 36.38
CA GLN A 137 -22.14 -0.93 36.44
C GLN A 137 -22.03 -0.40 37.86
N ALA A 138 -21.15 0.58 38.04
CA ALA A 138 -21.04 1.33 39.29
C ALA A 138 -22.26 2.22 39.46
N HIS A 139 -22.63 2.46 40.72
CA HIS A 139 -23.86 3.17 41.03
C HIS A 139 -23.65 4.20 42.15
N PHE A 140 -23.72 5.48 41.79
CA PHE A 140 -23.55 6.58 42.75
C PHE A 140 -24.74 7.54 42.74
N ASP A 141 -24.59 8.69 42.08
CA ASP A 141 -25.71 9.64 41.91
C ASP A 141 -26.76 9.04 40.98
N LYS A 142 -26.29 8.18 40.08
CA LYS A 142 -27.14 7.37 39.22
C LYS A 142 -26.34 6.14 38.77
N VAL A 143 -26.97 5.24 38.03
CA VAL A 143 -26.28 4.07 37.49
C VAL A 143 -25.39 4.51 36.34
N SER A 144 -24.09 4.28 36.48
CA SER A 144 -23.11 4.66 35.45
C SER A 144 -23.30 3.84 34.18
N LYS A 145 -22.96 4.42 33.04
CA LYS A 145 -23.00 3.72 31.77
C LYS A 145 -21.59 3.46 31.25
N THR A 146 -20.60 3.84 32.07
CA THR A 146 -19.21 3.87 31.63
C THR A 146 -18.26 3.05 32.51
N THR A 147 -18.64 2.82 33.77
CA THR A 147 -17.73 2.27 34.76
C THR A 147 -18.26 1.04 35.48
N MET A 148 -17.35 0.09 35.74
CA MET A 148 -17.67 -1.16 36.44
C MET A 148 -17.70 -0.97 37.96
N ASP A 149 -18.66 -1.63 38.59
CA ASP A 149 -18.75 -1.71 40.04
C ASP A 149 -17.66 -2.63 40.57
N LEU A 150 -16.78 -2.07 41.40
CA LEU A 150 -15.65 -2.82 41.97
C LEU A 150 -16.10 -3.90 42.96
N LYS A 151 -17.32 -3.74 43.49
CA LYS A 151 -17.87 -4.67 44.46
C LYS A 151 -18.53 -5.89 43.80
N ASN A 152 -18.84 -5.78 42.51
CA ASN A 152 -19.41 -6.89 41.75
C ASN A 152 -18.33 -7.88 41.33
N GLU A 153 -18.16 -8.93 42.13
CA GLU A 153 -17.16 -9.98 41.87
C GLU A 153 -17.33 -10.63 40.50
N GLU A 154 -18.57 -10.92 40.13
CA GLU A 154 -18.91 -11.58 38.87
C GLU A 154 -18.43 -10.76 37.67
N ALA A 155 -18.64 -9.45 37.73
CA ALA A 155 -18.20 -8.53 36.69
C ALA A 155 -16.69 -8.35 36.72
N MET A 156 -16.13 -8.25 37.93
CA MET A 156 -14.70 -8.07 38.13
C MET A 156 -13.88 -9.27 37.63
N ASN A 157 -14.37 -10.47 37.90
CA ASN A 157 -13.70 -11.70 37.46
C ASN A 157 -13.70 -11.88 35.95
N PHE A 158 -14.81 -11.49 35.30
CA PHE A 158 -14.94 -11.57 33.85
C PHE A 158 -13.99 -10.61 33.14
N VAL A 159 -13.97 -9.36 33.60
CA VAL A 159 -13.16 -8.30 32.99
C VAL A 159 -11.65 -8.58 33.14
N LYS A 160 -11.26 -9.07 34.32
CA LYS A 160 -9.88 -9.50 34.54
C LYS A 160 -9.49 -10.61 33.56
N ALA A 161 -10.38 -11.59 33.39
CA ALA A 161 -10.17 -12.68 32.45
C ALA A 161 -10.17 -12.20 31.00
N LEU A 162 -11.00 -11.22 30.70
CA LEU A 162 -11.08 -10.63 29.36
C LEU A 162 -9.82 -9.85 29.01
N ILE A 163 -9.36 -9.02 29.94
CA ILE A 163 -8.12 -8.25 29.77
C ILE A 163 -6.91 -9.18 29.69
N GLY A 164 -6.94 -10.26 30.47
CA GLY A 164 -5.90 -11.29 30.44
C GLY A 164 -5.72 -11.90 29.06
N LYS A 165 -6.85 -12.20 28.40
CA LYS A 165 -6.85 -12.76 27.05
C LYS A 165 -6.32 -11.79 26.00
N TYR A 166 -6.61 -10.50 26.17
CA TYR A 166 -6.02 -9.46 25.32
C TYR A 166 -4.52 -9.35 25.57
N MET A 167 -4.14 -9.41 26.84
CA MET A 167 -2.73 -9.36 27.24
C MET A 167 -1.93 -10.56 26.71
N ASP A 168 -2.57 -11.73 26.67
CA ASP A 168 -1.96 -12.95 26.13
C ASP A 168 -1.59 -12.80 24.65
N PHE A 169 -2.44 -12.10 23.91
CA PHE A 169 -2.21 -11.85 22.49
C PHE A 169 -1.04 -10.88 22.28
N PHE A 170 -1.03 -9.78 23.04
CA PHE A 170 0.01 -8.76 22.90
C PHE A 170 1.35 -9.16 23.52
N ALA A 171 1.36 -10.25 24.28
CA ALA A 171 2.58 -10.79 24.88
C ALA A 171 3.54 -11.28 23.81
N GLY A 172 4.72 -10.68 23.75
CA GLY A 172 5.73 -11.03 22.76
C GLY A 172 5.56 -10.33 21.42
N LYS A 173 4.51 -9.52 21.31
CA LYS A 173 4.24 -8.74 20.09
C LYS A 173 4.49 -7.26 20.33
N THR A 174 4.14 -6.79 21.52
CA THR A 174 4.35 -5.40 21.92
C THR A 174 5.13 -5.35 23.24
N LYS A 175 5.79 -4.23 23.49
CA LYS A 175 6.56 -4.06 24.72
C LYS A 175 5.69 -3.59 25.88
N ILE A 176 4.66 -2.81 25.55
CA ILE A 176 3.87 -2.10 26.56
C ILE A 176 2.37 -2.38 26.40
N PHE A 177 1.67 -2.50 27.52
CA PHE A 177 0.21 -2.62 27.54
C PHE A 177 -0.39 -1.57 28.47
N ASN A 178 -1.27 -0.73 27.93
CA ASN A 178 -1.95 0.30 28.69
C ASN A 178 -3.32 -0.17 29.18
N PHE A 179 -3.47 -0.28 30.50
CA PHE A 179 -4.74 -0.68 31.10
C PHE A 179 -5.61 0.50 31.57
N GLY A 180 -5.15 1.71 31.29
CA GLY A 180 -5.93 2.93 31.49
C GLY A 180 -6.11 3.39 32.93
N THR A 181 -7.20 2.94 33.54
CA THR A 181 -7.61 3.34 34.91
C THR A 181 -7.79 4.85 35.09
N ASP A 182 -8.15 5.55 34.02
CA ASP A 182 -8.18 7.02 34.03
C ASP A 182 -9.40 7.66 34.67
N GLU A 183 -10.45 6.88 34.94
CA GLU A 183 -11.66 7.42 35.56
C GLU A 183 -12.40 6.40 36.43
N TYR A 184 -13.31 6.91 37.27
CA TYR A 184 -14.27 6.07 37.96
C TYR A 184 -15.64 6.70 38.06
N ALA A 185 -16.49 6.41 37.07
CA ALA A 185 -17.89 6.84 37.02
C ALA A 185 -18.08 8.36 37.11
N ASN A 186 -17.35 9.10 36.28
CA ASN A 186 -17.50 10.55 36.20
C ASN A 186 -18.88 10.97 35.70
N ASP A 187 -19.54 10.10 34.96
CA ASP A 187 -20.90 10.32 34.47
C ASP A 187 -21.94 10.18 35.60
N ALA A 188 -21.58 9.46 36.64
CA ALA A 188 -22.48 9.16 37.75
C ALA A 188 -22.11 9.91 39.04
N THR A 189 -21.16 10.84 38.94
CA THR A 189 -20.65 11.54 40.12
C THR A 189 -20.45 13.04 39.88
N SER A 190 -20.92 13.54 38.74
CA SER A 190 -20.65 14.91 38.27
C SER A 190 -19.15 15.18 38.19
N ALA A 191 -18.44 14.23 37.58
CA ALA A 191 -16.97 14.26 37.43
C ALA A 191 -16.23 14.39 38.77
N GLN A 192 -16.59 13.52 39.71
CA GLN A 192 -15.96 13.49 41.04
C GLN A 192 -15.69 12.05 41.49
N GLY A 193 -15.33 11.20 40.52
CA GLY A 193 -15.17 9.77 40.75
C GLY A 193 -14.22 9.36 41.87
N TRP A 194 -13.10 10.08 41.97
CA TRP A 194 -12.08 9.79 42.97
C TRP A 194 -12.51 10.23 44.37
N TYR A 195 -13.27 11.33 44.44
CA TYR A 195 -13.83 11.81 45.70
C TYR A 195 -14.92 10.88 46.21
N TYR A 196 -15.66 10.27 45.28
CA TYR A 196 -16.70 9.30 45.62
C TYR A 196 -16.13 7.96 46.08
N LEU A 197 -15.03 7.53 45.47
CA LEU A 197 -14.32 6.32 45.90
C LEU A 197 -13.78 6.47 47.32
N LYS A 198 -13.27 7.67 47.63
CA LYS A 198 -12.78 8.00 48.97
C LYS A 198 -13.92 8.04 49.98
N TRP A 199 -15.04 8.65 49.59
CA TRP A 199 -16.22 8.78 50.43
C TRP A 199 -16.75 7.42 50.88
N TYR A 200 -16.84 6.49 49.93
CA TYR A 200 -17.39 5.17 50.20
C TYR A 200 -16.33 4.13 50.56
N GLN A 201 -15.11 4.61 50.84
CA GLN A 201 -13.97 3.77 51.21
C GLN A 201 -13.72 2.62 50.23
N LEU A 202 -13.79 2.93 48.95
CA LEU A 202 -13.59 1.96 47.88
C LEU A 202 -12.34 2.27 47.06
N TYR A 203 -11.58 3.27 47.49
CA TYR A 203 -10.34 3.67 46.82
C TYR A 203 -9.23 2.64 47.02
N GLY A 204 -9.26 1.95 48.17
CA GLY A 204 -8.36 0.83 48.43
C GLY A 204 -8.65 -0.33 47.50
N LYS A 205 -9.93 -0.52 47.16
CA LYS A 205 -10.36 -1.55 46.22
C LYS A 205 -10.00 -1.20 44.77
N PHE A 206 -9.98 0.09 44.45
CA PHE A 206 -9.53 0.55 43.13
C PHE A 206 -8.05 0.25 42.93
N ALA A 207 -7.25 0.57 43.94
CA ALA A 207 -5.82 0.31 43.91
C ALA A 207 -5.52 -1.17 43.74
N GLU A 208 -6.27 -1.99 44.46
CA GLU A 208 -6.16 -3.45 44.38
C GLU A 208 -6.41 -3.94 42.95
N TYR A 209 -7.36 -3.31 42.26
CA TYR A 209 -7.68 -3.63 40.87
C TYR A 209 -6.58 -3.19 39.91
N ALA A 210 -6.04 -1.99 40.15
CA ALA A 210 -4.95 -1.45 39.33
C ALA A 210 -3.65 -2.22 39.54
N ASN A 211 -3.39 -2.63 40.78
CA ASN A 211 -2.22 -3.45 41.11
C ASN A 211 -2.29 -4.84 40.50
N THR A 212 -3.49 -5.38 40.41
CA THR A 212 -3.73 -6.69 39.76
C THR A 212 -3.43 -6.60 38.27
N LEU A 213 -3.94 -5.56 37.61
CA LEU A 213 -3.72 -5.34 36.18
C LEU A 213 -2.25 -5.13 35.84
N ALA A 214 -1.53 -4.45 36.73
CA ALA A 214 -0.10 -4.22 36.58
C ALA A 214 0.70 -5.52 36.73
N ALA A 215 0.28 -6.35 37.68
CA ALA A 215 0.90 -7.65 37.92
C ALA A 215 0.60 -8.64 36.78
N MET A 216 -0.58 -8.51 36.20
CA MET A 216 -1.00 -9.33 35.06
C MET A 216 -0.16 -9.02 33.82
N ALA A 217 0.16 -7.75 33.63
CA ALA A 217 0.98 -7.30 32.50
C ALA A 217 2.43 -7.76 32.65
N LYS A 218 2.99 -7.57 33.84
CA LYS A 218 4.38 -7.92 34.13
C LYS A 218 4.66 -9.42 34.03
N GLU A 219 3.69 -10.24 34.46
CA GLU A 219 3.80 -11.69 34.41
C GLU A 219 3.80 -12.20 32.96
N ARG A 220 3.13 -11.46 32.09
CA ARG A 220 3.05 -11.81 30.67
C ARG A 220 4.11 -11.09 29.82
N GLY A 221 5.09 -10.48 30.50
CA GLY A 221 6.22 -9.82 29.83
C GLY A 221 5.88 -8.51 29.16
N LEU A 222 4.85 -7.84 29.66
CA LEU A 222 4.45 -6.53 29.15
C LEU A 222 4.72 -5.45 30.18
N GLN A 223 5.31 -4.35 29.73
CA GLN A 223 5.51 -3.17 30.58
C GLN A 223 4.14 -2.56 30.88
N PRO A 224 3.76 -2.51 32.17
CA PRO A 224 2.46 -1.96 32.55
C PRO A 224 2.39 -0.46 32.32
N MET A 225 1.27 0.01 31.80
N MET A 225 1.24 0.01 31.85
CA MET A 225 1.05 1.43 31.53
CA MET A 225 1.03 1.40 31.51
C MET A 225 -0.34 1.85 31.97
C MET A 225 -0.35 1.84 31.98
N ALA A 226 -0.44 3.05 32.53
CA ALA A 226 -1.71 3.61 32.98
C ALA A 226 -1.66 5.14 32.99
N PHE A 227 -2.83 5.76 32.91
CA PHE A 227 -2.94 7.21 33.06
C PHE A 227 -2.79 7.58 34.53
N ASN A 228 -2.38 8.81 34.80
CA ASN A 228 -2.02 9.24 36.15
C ASN A 228 -3.18 9.38 37.14
N ASP A 229 -4.38 9.58 36.61
CA ASP A 229 -5.57 9.94 37.39
C ASP A 229 -5.75 9.21 38.72
N GLY A 230 -5.73 7.88 38.68
CA GLY A 230 -6.02 7.06 39.85
C GLY A 230 -4.89 6.88 40.85
N PHE A 231 -3.66 7.21 40.42
CA PHE A 231 -2.47 6.98 41.24
C PHE A 231 -2.25 8.06 42.29
N TYR A 232 -2.25 7.64 43.55
CA TYR A 232 -1.98 8.50 44.72
C TYR A 232 -2.79 9.81 44.71
N TYR A 233 -4.11 9.68 44.59
CA TYR A 233 -5.02 10.82 44.53
C TYR A 233 -4.81 11.81 45.68
N GLU A 234 -4.74 13.10 45.32
CA GLU A 234 -4.53 14.20 46.27
C GLU A 234 -3.22 14.08 47.06
N ASP A 235 -2.20 13.50 46.42
CA ASP A 235 -0.87 13.29 47.01
C ASP A 235 -0.88 12.55 48.35
N LYS A 236 -1.84 11.63 48.51
CA LYS A 236 -1.95 10.82 49.72
C LYS A 236 -1.45 9.40 49.44
N ASP A 237 -0.77 8.79 50.42
CA ASP A 237 -0.20 7.46 50.24
C ASP A 237 -0.63 6.43 51.31
N ASP A 238 -1.83 6.60 51.85
CA ASP A 238 -2.40 5.58 52.74
C ASP A 238 -2.81 4.33 51.96
N VAL A 239 -3.01 4.51 50.65
CA VAL A 239 -3.25 3.40 49.73
C VAL A 239 -2.09 3.36 48.73
N GLN A 240 -1.41 2.22 48.64
N GLN A 240 -1.43 2.20 48.64
CA GLN A 240 -0.29 2.12 47.72
CA GLN A 240 -0.21 1.99 47.83
C GLN A 240 -0.66 1.62 46.34
C GLN A 240 -0.52 1.44 46.43
N PHE A 241 0.28 1.83 45.43
CA PHE A 241 0.13 1.38 44.05
C PHE A 241 1.42 0.71 43.57
N ASP A 242 1.32 -0.10 42.52
CA ASP A 242 2.47 -0.73 41.89
C ASP A 242 3.42 0.34 41.36
N LYS A 243 4.71 0.21 41.67
CA LYS A 243 5.70 1.23 41.34
C LYS A 243 6.27 1.11 39.93
N ASP A 244 6.06 -0.04 39.29
CA ASP A 244 6.65 -0.33 37.98
C ASP A 244 5.86 0.23 36.81
N VAL A 245 4.64 0.72 37.08
CA VAL A 245 3.75 1.22 36.04
C VAL A 245 4.29 2.49 35.37
N LEU A 246 4.35 2.46 34.04
CA LEU A 246 4.67 3.65 33.26
C LEU A 246 3.48 4.59 33.28
N ILE A 247 3.68 5.80 33.79
CA ILE A 247 2.60 6.76 33.97
C ILE A 247 2.42 7.68 32.77
N SER A 248 1.26 7.59 32.14
CA SER A 248 0.86 8.50 31.08
C SER A 248 0.28 9.75 31.72
N TYR A 249 1.15 10.70 32.06
CA TYR A 249 0.71 11.91 32.73
C TYR A 249 0.17 12.94 31.74
N TRP A 250 -1.08 13.35 31.95
CA TRP A 250 -1.76 14.27 31.03
C TRP A 250 -2.23 15.57 31.69
N SER A 251 -2.59 15.49 32.98
CA SER A 251 -3.09 16.64 33.73
C SER A 251 -3.12 16.39 35.23
N LYS A 252 -3.10 17.47 36.00
CA LYS A 252 -3.27 17.40 37.45
C LYS A 252 -4.74 17.61 37.82
N GLY A 253 -5.57 17.82 36.79
CA GLY A 253 -7.00 17.98 36.98
C GLY A 253 -7.46 19.43 36.96
N TRP A 254 -8.56 19.68 37.66
CA TRP A 254 -9.19 20.99 37.73
C TRP A 254 -9.70 21.21 39.16
N TRP A 255 -10.53 22.21 39.38
CA TRP A 255 -11.07 22.47 40.72
C TRP A 255 -11.95 21.31 41.19
N GLY A 256 -11.61 20.77 42.36
CA GLY A 256 -12.35 19.65 42.95
C GLY A 256 -12.00 18.30 42.35
N TYR A 257 -10.94 18.28 41.52
CA TYR A 257 -10.46 17.05 40.88
C TYR A 257 -8.96 16.96 41.16
N ASN A 258 -8.63 16.67 42.41
CA ASN A 258 -7.26 16.80 42.92
C ASN A 258 -6.37 15.61 42.62
N LEU A 259 -5.95 15.48 41.35
CA LEU A 259 -5.05 14.41 40.93
C LEU A 259 -3.65 14.65 41.49
N ALA A 260 -2.88 13.57 41.62
CA ALA A 260 -1.50 13.64 42.10
C ALA A 260 -0.64 14.48 41.17
N SER A 261 0.22 15.31 41.77
CA SER A 261 1.15 16.15 41.01
C SER A 261 2.24 15.30 40.38
N PRO A 262 2.88 15.80 39.30
CA PRO A 262 4.01 15.08 38.70
C PRO A 262 5.18 14.98 39.68
N GLN A 263 5.34 16.01 40.52
CA GLN A 263 6.39 16.04 41.54
C GLN A 263 6.23 14.91 42.56
N TYR A 264 4.98 14.68 42.98
CA TYR A 264 4.68 13.65 43.98
C TYR A 264 4.82 12.23 43.43
N LEU A 265 4.40 12.03 42.18
CA LEU A 265 4.53 10.73 41.52
C LEU A 265 5.99 10.42 41.20
N ALA A 266 6.75 11.46 40.89
CA ALA A 266 8.20 11.33 40.66
C ALA A 266 8.93 10.99 41.96
N SER A 267 8.40 11.47 43.08
CA SER A 267 8.96 11.17 44.41
C SER A 267 8.69 9.72 44.82
N LYS A 268 7.70 9.10 44.19
CA LYS A 268 7.38 7.69 44.42
C LYS A 268 8.18 6.78 43.47
N GLY A 269 8.91 7.38 42.54
CA GLY A 269 9.79 6.64 41.63
C GLY A 269 9.18 6.31 40.28
N TYR A 270 8.11 7.00 39.91
CA TYR A 270 7.43 6.76 38.65
C TYR A 270 8.11 7.43 37.46
N LYS A 271 8.26 6.66 36.39
CA LYS A 271 8.68 7.20 35.10
C LYS A 271 7.46 7.64 34.31
N PHE A 272 7.58 8.73 33.57
CA PHE A 272 6.45 9.30 32.84
C PHE A 272 6.58 9.19 31.33
N LEU A 273 5.44 8.94 30.68
CA LEU A 273 5.31 9.25 29.25
C LEU A 273 4.50 10.53 29.18
N ASN A 274 5.17 11.62 28.83
CA ASN A 274 4.57 12.96 28.82
C ASN A 274 3.43 13.09 27.82
N THR A 275 2.20 12.85 28.31
CA THR A 275 1.01 12.92 27.47
C THR A 275 0.27 14.24 27.74
N ASN A 276 1.01 15.34 27.75
CA ASN A 276 0.48 16.65 28.07
C ASN A 276 -0.85 16.96 27.37
N GLY A 277 -1.84 17.36 28.18
CA GLY A 277 -3.17 17.69 27.67
C GLY A 277 -3.19 18.90 26.74
N ASP A 278 -2.07 19.62 26.69
CA ASP A 278 -1.90 20.75 25.79
C ASP A 278 -1.91 20.32 24.32
N TRP A 279 -1.42 19.10 24.06
CA TRP A 279 -1.30 18.59 22.68
C TRP A 279 -2.53 17.80 22.21
N TYR A 280 -3.60 17.84 23.01
CA TYR A 280 -4.83 17.11 22.72
C TYR A 280 -5.60 17.69 21.53
N TYR A 281 -6.02 16.81 20.62
CA TYR A 281 -6.99 17.17 19.60
C TYR A 281 -8.17 16.21 19.59
N ILE A 282 -9.34 16.74 19.89
CA ILE A 282 -10.59 16.00 19.80
C ILE A 282 -11.18 16.24 18.41
N LEU A 283 -11.53 15.16 17.72
CA LEU A 283 -12.05 15.23 16.35
C LEU A 283 -13.29 16.13 16.26
N GLY A 284 -13.24 17.09 15.36
CA GLY A 284 -14.37 18.00 15.11
C GLY A 284 -14.52 19.15 16.09
N GLN A 285 -13.58 19.25 17.05
CA GLN A 285 -13.60 20.33 18.04
C GLN A 285 -13.22 21.65 17.39
N LYS A 286 -13.96 22.70 17.71
CA LYS A 286 -13.75 24.02 17.12
C LYS A 286 -13.41 25.09 18.16
N PRO A 287 -12.75 26.20 17.73
CA PRO A 287 -12.33 27.29 18.61
C PRO A 287 -13.36 27.76 19.64
N GLU A 288 -14.64 27.80 19.24
CA GLU A 288 -15.71 28.25 20.15
C GLU A 288 -16.08 27.23 21.22
N ASP A 289 -15.78 25.95 20.95
CA ASP A 289 -16.06 24.87 21.90
C ASP A 289 -15.11 24.89 23.09
N GLY A 290 -13.95 25.50 22.91
CA GLY A 290 -12.87 25.46 23.91
C GLY A 290 -12.17 24.12 23.86
N GLY A 291 -11.39 23.82 24.89
CA GLY A 291 -10.68 22.54 24.99
C GLY A 291 -9.71 22.28 23.86
N GLY A 292 -9.58 21.02 23.47
CA GLY A 292 -8.60 20.61 22.47
C GLY A 292 -9.04 20.72 21.03
N PHE A 293 -9.12 21.95 20.52
CA PHE A 293 -9.34 22.17 19.09
C PHE A 293 -8.01 22.25 18.35
N LEU A 294 -8.04 22.03 17.03
CA LEU A 294 -6.83 21.88 16.22
C LEU A 294 -5.86 23.06 16.27
N LYS A 295 -6.40 24.28 16.25
CA LYS A 295 -5.60 25.49 16.27
C LYS A 295 -4.75 25.60 17.54
N LYS A 296 -5.34 25.27 18.68
CA LYS A 296 -4.64 25.33 19.96
C LYS A 296 -3.59 24.22 20.10
N ALA A 297 -3.93 23.02 19.62
CA ALA A 297 -3.03 21.87 19.69
C ALA A 297 -1.75 22.09 18.88
N ILE A 298 -1.90 22.63 17.67
CA ILE A 298 -0.76 22.96 16.80
C ILE A 298 0.10 24.08 17.41
N GLU A 299 -0.57 25.05 18.02
CA GLU A 299 0.10 26.15 18.73
C GLU A 299 0.90 25.62 19.93
N ASN A 300 0.32 24.66 20.65
CA ASN A 300 0.93 24.11 21.86
C ASN A 300 2.13 23.19 21.61
N THR A 301 2.23 22.64 20.40
CA THR A 301 3.39 21.82 20.01
C THR A 301 4.67 22.66 20.03
N GLY A 302 4.50 23.97 19.88
CA GLY A 302 5.60 24.92 19.96
C GLY A 302 5.70 25.61 21.31
N LYS A 303 4.54 25.94 21.90
CA LYS A 303 4.49 26.65 23.17
CA LYS A 303 4.50 26.65 23.18
C LYS A 303 4.87 25.76 24.37
N THR A 304 4.37 24.53 24.37
CA THR A 304 4.67 23.58 25.45
C THR A 304 5.91 22.76 25.11
N PRO A 305 6.97 22.88 25.94
CA PRO A 305 8.22 22.13 25.75
C PRO A 305 8.00 20.62 25.75
N PHE A 306 8.82 19.91 24.97
CA PHE A 306 8.74 18.46 24.82
C PHE A 306 8.75 17.72 26.16
N ASN A 307 9.59 18.19 27.09
CA ASN A 307 9.74 17.55 28.40
C ASN A 307 8.83 18.10 29.50
N GLN A 308 8.02 19.10 29.16
CA GLN A 308 7.15 19.74 30.15
C GLN A 308 5.93 18.88 30.49
N LEU A 309 5.87 18.45 31.75
CA LEU A 309 4.70 17.76 32.28
C LEU A 309 3.63 18.78 32.62
N ALA A 310 2.37 18.39 32.49
CA ALA A 310 1.23 19.26 32.80
C ALA A 310 1.27 19.72 34.25
N SER A 311 0.85 20.96 34.48
CA SER A 311 0.87 21.62 35.79
C SER A 311 2.28 21.97 36.31
N THR A 312 3.28 21.87 35.43
CA THR A 312 4.65 22.26 35.77
C THR A 312 5.24 23.21 34.74
N LYS A 313 6.17 24.06 35.20
CA LYS A 313 6.90 24.98 34.34
C LYS A 313 8.29 24.41 34.04
N TYR A 314 8.55 24.14 32.78
CA TYR A 314 9.85 23.62 32.33
C TYR A 314 10.73 24.78 31.87
N PRO A 315 12.06 24.71 32.12
CA PRO A 315 12.81 23.64 32.80
C PRO A 315 12.85 23.73 34.32
N GLU A 316 12.31 24.80 34.89
CA GLU A 316 12.27 25.01 36.35
C GLU A 316 12.02 23.70 37.10
N VAL A 317 10.93 23.03 36.74
CA VAL A 317 10.65 21.68 37.20
C VAL A 317 11.04 20.71 36.08
N ASP A 318 12.11 19.96 36.32
CA ASP A 318 12.65 19.02 35.33
C ASP A 318 12.59 17.59 35.90
N LEU A 319 11.52 16.88 35.54
CA LEU A 319 11.31 15.51 36.01
C LEU A 319 11.54 14.51 34.88
N PRO A 320 12.28 13.42 35.16
CA PRO A 320 12.65 12.44 34.14
C PRO A 320 11.44 11.81 33.44
N THR A 321 11.44 11.88 32.11
CA THR A 321 10.42 11.25 31.29
C THR A 321 11.07 10.29 30.31
N VAL A 322 10.35 9.24 29.93
CA VAL A 322 10.84 8.30 28.91
C VAL A 322 10.57 8.81 27.50
N GLY A 323 9.75 9.86 27.41
CA GLY A 323 9.37 10.45 26.14
C GLY A 323 8.04 11.19 26.23
N SER A 324 7.45 11.49 25.08
CA SER A 324 6.21 12.24 25.03
C SER A 324 5.18 11.63 24.08
N MET A 325 3.90 11.89 24.37
CA MET A 325 2.80 11.37 23.57
C MET A 325 1.80 12.47 23.20
N LEU A 326 1.60 12.64 21.90
CA LEU A 326 0.56 13.53 21.38
C LEU A 326 -0.69 12.70 21.09
N SER A 327 -1.84 13.16 21.58
CA SER A 327 -3.05 12.34 21.57
C SER A 327 -4.19 12.88 20.71
N ILE A 328 -4.77 11.98 19.92
CA ILE A 328 -5.96 12.26 19.14
C ILE A 328 -7.15 11.53 19.79
N TRP A 329 -8.18 12.30 20.14
CA TRP A 329 -9.36 11.75 20.80
C TRP A 329 -10.61 11.85 19.94
N ALA A 330 -11.55 10.93 20.15
CA ALA A 330 -12.80 10.92 19.42
C ALA A 330 -14.00 10.99 20.37
N ASP A 331 -13.98 11.98 21.26
CA ASP A 331 -15.00 12.17 22.30
C ASP A 331 -16.44 12.02 21.76
N ARG A 332 -16.72 12.64 20.62
CA ARG A 332 -17.90 12.29 19.84
C ARG A 332 -17.48 11.63 18.53
N PRO A 333 -17.55 10.28 18.49
CA PRO A 333 -17.02 9.45 17.40
C PRO A 333 -17.76 9.63 16.07
N SER A 334 -18.88 10.36 16.09
CA SER A 334 -19.63 10.67 14.88
C SER A 334 -18.95 11.77 14.07
N ALA A 335 -18.06 12.53 14.71
CA ALA A 335 -17.27 13.55 14.02
C ALA A 335 -16.33 12.92 13.01
N GLU A 336 -16.16 13.60 11.87
CA GLU A 336 -15.37 13.07 10.77
C GLU A 336 -13.87 13.08 11.08
N TYR A 337 -13.23 11.93 10.87
CA TYR A 337 -11.78 11.84 10.97
C TYR A 337 -11.14 12.34 9.68
N LYS A 338 -10.45 13.48 9.80
CA LYS A 338 -9.74 14.06 8.68
C LYS A 338 -8.24 13.79 8.84
N GLU A 339 -7.75 12.84 8.04
CA GLU A 339 -6.36 12.38 8.08
C GLU A 339 -5.34 13.53 8.07
N GLU A 340 -5.58 14.53 7.23
CA GLU A 340 -4.65 15.66 7.06
C GLU A 340 -4.52 16.55 8.29
N GLU A 341 -5.60 16.64 9.08
CA GLU A 341 -5.58 17.40 10.34
C GLU A 341 -4.63 16.76 11.33
N ILE A 342 -4.72 15.44 11.43
CA ILE A 342 -3.87 14.64 12.32
C ILE A 342 -2.42 14.69 11.83
N PHE A 343 -2.24 14.62 10.52
CA PHE A 343 -0.93 14.67 9.88
C PHE A 343 -0.23 16.02 10.07
N GLU A 344 -1.01 17.11 10.02
CA GLU A 344 -0.47 18.45 10.25
C GLU A 344 -0.03 18.64 11.71
N LEU A 345 -0.83 18.11 12.63
CA LEU A 345 -0.52 18.17 14.06
C LEU A 345 0.70 17.32 14.40
N MET A 346 0.79 16.15 13.76
CA MET A 346 1.93 15.24 13.93
C MET A 346 3.22 15.86 13.40
N THR A 347 3.12 16.54 12.26
CA THR A 347 4.25 17.21 11.62
C THR A 347 4.73 18.41 12.46
N ALA A 348 3.78 19.17 13.00
CA ALA A 348 4.08 20.33 13.82
C ALA A 348 4.86 19.96 15.09
N PHE A 349 4.46 18.85 15.71
CA PHE A 349 5.13 18.35 16.91
C PHE A 349 6.55 17.86 16.61
N ALA A 350 6.73 17.27 15.43
CA ALA A 350 8.03 16.81 14.97
C ALA A 350 8.94 17.97 14.56
N ASP A 351 8.37 18.98 13.91
CA ASP A 351 9.11 20.14 13.43
C ASP A 351 9.61 21.04 14.55
N HIS A 352 8.84 21.14 15.63
CA HIS A 352 9.24 21.92 16.81
C HIS A 352 10.28 21.18 17.65
N ASN A 353 10.44 19.87 17.41
CA ASN A 353 11.34 19.03 18.19
C ASN A 353 12.22 18.14 17.32
N LYS A 354 12.87 18.73 16.32
CA LYS A 354 13.68 18.00 15.34
C LYS A 354 14.86 17.23 15.96
N ASP A 355 15.30 17.65 17.14
CA ASP A 355 16.38 16.98 17.86
C ASP A 355 15.97 15.68 18.56
N TYR A 356 14.66 15.52 18.77
CA TYR A 356 14.12 14.30 19.39
C TYR A 356 13.67 13.28 18.35
N PHE A 357 13.04 13.76 17.28
CA PHE A 357 12.52 12.91 16.21
C PHE A 357 13.62 12.54 15.23
N ARG A 358 13.63 11.28 14.79
CA ARG A 358 14.62 10.80 13.83
C ARG A 358 14.30 11.24 12.40
N ALA A 359 15.27 11.09 11.50
CA ALA A 359 15.08 11.45 10.09
C ALA A 359 14.17 10.46 9.37
N ASN A 360 13.76 10.80 8.15
CA ASN A 360 12.90 9.96 7.33
C ASN A 360 13.69 8.86 6.64
N TYR A 361 13.53 7.62 7.11
CA TYR A 361 14.28 6.47 6.59
C TYR A 361 13.49 5.59 5.63
N ASN A 362 12.38 6.12 5.09
CA ASN A 362 11.55 5.38 4.16
C ASN A 362 12.17 5.22 2.77
N ALA A 363 12.80 6.29 2.28
CA ALA A 363 13.50 6.26 0.99
C ALA A 363 14.73 5.34 1.04
N LEU A 364 15.39 5.29 2.20
N LEU A 364 15.38 5.29 2.20
CA LEU A 364 16.55 4.43 2.41
CA LEU A 364 16.55 4.44 2.42
C LEU A 364 16.16 2.95 2.44
C LEU A 364 16.17 2.95 2.47
N ARG A 365 14.97 2.66 2.98
CA ARG A 365 14.47 1.29 3.05
C ARG A 365 14.02 0.76 1.69
N GLU A 366 13.48 1.66 0.87
CA GLU A 366 13.08 1.34 -0.50
C GLU A 366 14.30 1.01 -1.36
N GLU A 367 15.39 1.73 -1.14
CA GLU A 367 16.63 1.58 -1.89
C GLU A 367 17.38 0.29 -1.51
N LEU A 368 17.32 -0.07 -0.24
CA LEU A 368 17.94 -1.31 0.25
C LEU A 368 17.17 -2.56 -0.17
N ALA A 369 15.89 -2.37 -0.49
CA ALA A 369 15.04 -3.46 -0.98
C ALA A 369 15.31 -3.78 -2.45
N LYS A 370 16.24 -3.05 -3.06
CA LYS A 370 16.56 -3.22 -4.47
C LYS A 370 17.98 -3.78 -4.70
N ILE A 371 18.59 -4.29 -3.64
CA ILE A 371 19.92 -4.92 -3.74
C ILE A 371 19.81 -6.28 -4.42
N LYS A 380 34.32 -6.52 -10.68
CA LYS A 380 33.66 -6.46 -9.37
C LYS A 380 34.12 -5.27 -8.52
N GLU A 381 34.53 -4.20 -9.20
CA GLU A 381 34.73 -2.90 -8.57
C GLU A 381 33.37 -2.27 -8.27
N SER A 382 32.34 -2.81 -8.94
CA SER A 382 30.95 -2.41 -8.73
C SER A 382 30.44 -2.83 -7.34
N LEU A 383 30.87 -4.00 -6.89
CA LEU A 383 30.51 -4.51 -5.57
C LEU A 383 31.23 -3.76 -4.44
N GLU A 384 32.41 -3.22 -4.75
CA GLU A 384 33.15 -2.38 -3.82
C GLU A 384 32.46 -1.03 -3.61
N ALA A 385 31.92 -0.48 -4.71
CA ALA A 385 31.20 0.79 -4.68
C ALA A 385 29.87 0.69 -3.94
N LEU A 386 29.16 -0.43 -4.17
CA LEU A 386 27.91 -0.71 -3.47
C LEU A 386 28.14 -0.98 -1.99
N ASP A 387 29.27 -1.61 -1.68
CA ASP A 387 29.63 -1.95 -0.31
C ASP A 387 30.06 -0.70 0.48
N ALA A 388 30.69 0.24 -0.21
CA ALA A 388 31.17 1.48 0.41
C ALA A 388 30.03 2.42 0.80
N ALA A 389 29.02 2.54 -0.08
CA ALA A 389 27.85 3.38 0.16
C ALA A 389 26.95 2.79 1.24
N LYS A 390 26.95 1.46 1.34
CA LYS A 390 26.20 0.72 2.35
C LYS A 390 26.79 0.94 3.74
N THR A 391 28.12 1.02 3.81
CA THR A 391 28.84 1.25 5.06
C THR A 391 28.72 2.71 5.50
N ALA A 392 28.60 3.61 4.53
CA ALA A 392 28.49 5.05 4.78
C ALA A 392 27.14 5.46 5.36
N LEU A 393 26.16 4.56 5.29
CA LEU A 393 24.81 4.82 5.79
C LEU A 393 24.77 5.12 7.29
N ASN A 394 24.00 6.14 7.66
CA ASN A 394 23.85 6.56 9.04
C ASN A 394 22.40 6.42 9.50
N TYR A 395 22.16 5.49 10.42
CA TYR A 395 20.82 5.22 10.93
C TYR A 395 20.49 6.00 12.20
N ASN A 396 21.41 6.90 12.58
CA ASN A 396 21.30 7.65 13.83
C ASN A 396 20.98 9.14 13.65
N LEU A 397 20.55 9.51 12.44
CA LEU A 397 20.28 10.92 12.15
C LEU A 397 18.88 11.35 12.57
N ASN A 398 18.80 12.53 13.18
CA ASN A 398 17.53 13.12 13.59
C ASN A 398 16.89 13.95 12.48
N ARG A 399 15.74 14.55 12.76
CA ARG A 399 14.96 15.30 11.77
C ARG A 399 15.68 16.56 11.24
N ASN A 400 16.65 17.06 12.00
CA ASN A 400 17.48 18.18 11.57
C ASN A 400 18.41 17.86 10.40
N LYS A 401 18.64 16.57 10.16
CA LYS A 401 19.63 16.12 9.18
C LYS A 401 19.02 15.28 8.06
N GLN A 402 17.96 15.79 7.42
CA GLN A 402 17.33 15.10 6.31
C GLN A 402 18.16 15.19 5.03
N ALA A 403 18.68 16.39 4.76
CA ALA A 403 19.54 16.63 3.59
C ALA A 403 20.83 15.81 3.65
N GLU A 404 21.35 15.63 4.86
CA GLU A 404 22.54 14.80 5.10
C GLU A 404 22.27 13.33 4.81
N LEU A 405 21.07 12.87 5.17
CA LEU A 405 20.66 11.49 4.89
C LEU A 405 20.36 11.28 3.41
N ASP A 406 19.67 12.25 2.81
CA ASP A 406 19.30 12.19 1.39
C ASP A 406 20.51 12.01 0.47
N THR A 407 21.62 12.67 0.82
CA THR A 407 22.88 12.54 0.09
C THR A 407 23.44 11.13 0.20
N LEU A 408 23.36 10.54 1.39
CA LEU A 408 23.82 9.18 1.65
C LEU A 408 22.99 8.14 0.91
N VAL A 409 21.68 8.38 0.81
CA VAL A 409 20.77 7.51 0.07
C VAL A 409 21.02 7.63 -1.43
N ALA A 410 21.32 8.86 -1.88
CA ALA A 410 21.62 9.12 -3.29
C ALA A 410 22.91 8.43 -3.75
N ASN A 411 23.88 8.34 -2.84
CA ASN A 411 25.13 7.63 -3.10
C ASN A 411 24.92 6.12 -3.22
N LEU A 412 24.01 5.60 -2.41
CA LEU A 412 23.62 4.19 -2.46
C LEU A 412 22.85 3.88 -3.75
N LYS A 413 22.11 4.88 -4.22
CA LYS A 413 21.37 4.77 -5.48
C LYS A 413 22.32 4.71 -6.67
N ALA A 414 23.36 5.54 -6.65
CA ALA A 414 24.36 5.60 -7.71
C ALA A 414 25.21 4.33 -7.79
N ALA A 415 25.49 3.74 -6.63
CA ALA A 415 26.24 2.50 -6.54
C ALA A 415 25.41 1.29 -7.01
N LEU A 416 24.11 1.36 -6.77
CA LEU A 416 23.18 0.30 -7.15
C LEU A 416 22.85 0.31 -8.64
N GLN A 417 22.81 1.51 -9.22
CA GLN A 417 22.54 1.67 -10.66
C GLN A 417 23.80 1.49 -11.52
N GLY A 418 24.90 1.11 -10.86
CA GLY A 418 26.16 0.84 -11.55
C GLY A 418 26.79 -0.49 -11.15
N LEU A 419 25.95 -1.48 -10.90
CA LEU A 419 26.42 -2.83 -10.56
C LEU A 419 26.85 -3.61 -11.81
N GLY B 1 -35.21 3.31 -18.48
CA GLY B 1 -35.29 4.33 -19.57
C GLY B 1 -34.75 5.68 -19.13
N SER B 2 -35.59 6.44 -18.41
CA SER B 2 -35.19 7.74 -17.88
C SER B 2 -34.23 7.59 -16.70
N HIS B 3 -34.33 6.46 -16.00
CA HIS B 3 -33.43 6.12 -14.91
C HIS B 3 -31.98 6.06 -15.37
N MET B 4 -31.76 5.52 -16.56
CA MET B 4 -30.45 5.51 -17.20
C MET B 4 -30.03 6.92 -17.60
N GLU B 5 -30.94 7.62 -18.28
CA GLU B 5 -30.68 8.94 -18.86
C GLU B 5 -30.33 10.02 -17.83
N LYS B 6 -30.96 9.93 -16.66
CA LYS B 6 -30.68 10.87 -15.57
C LYS B 6 -29.33 10.60 -14.91
N LEU B 7 -28.98 9.32 -14.77
CA LEU B 7 -27.68 8.92 -14.25
C LEU B 7 -26.57 9.04 -15.30
N ALA B 8 -26.97 9.12 -16.56
CA ALA B 8 -26.02 9.29 -17.68
C ALA B 8 -25.49 10.72 -17.76
N LYS B 9 -26.25 11.67 -17.21
CA LYS B 9 -25.88 13.09 -17.24
C LYS B 9 -24.71 13.41 -16.32
N ASN B 10 -24.02 14.50 -16.63
CA ASN B 10 -22.88 14.96 -15.84
C ASN B 10 -23.31 15.76 -14.62
N LYS B 11 -22.76 15.39 -13.46
CA LYS B 11 -22.96 16.14 -12.23
C LYS B 11 -21.59 16.66 -11.81
N VAL B 12 -21.37 17.96 -11.99
CA VAL B 12 -20.03 18.53 -11.86
C VAL B 12 -19.93 19.58 -10.75
N ILE B 13 -18.86 19.47 -9.96
CA ILE B 13 -18.48 20.52 -9.01
C ILE B 13 -17.26 21.28 -9.55
N SER B 14 -17.42 22.59 -9.71
CA SER B 14 -16.37 23.44 -10.25
C SER B 14 -15.59 24.15 -9.14
N ILE B 15 -14.26 24.06 -9.21
CA ILE B 15 -13.38 24.67 -8.22
C ILE B 15 -12.44 25.68 -8.88
N ASP B 16 -12.54 26.93 -8.44
CA ASP B 16 -11.67 28.00 -8.94
C ASP B 16 -10.30 27.92 -8.27
N ALA B 17 -9.45 27.05 -8.80
CA ALA B 17 -8.08 26.89 -8.31
C ALA B 17 -7.09 27.66 -9.19
N GLY B 18 -7.61 28.58 -9.98
CA GLY B 18 -6.80 29.48 -10.80
C GLY B 18 -6.50 30.77 -10.07
N ARG B 19 -7.54 31.36 -9.48
CA ARG B 19 -7.40 32.58 -8.67
C ARG B 19 -6.74 32.28 -7.33
N LYS B 20 -7.08 31.13 -6.75
CA LYS B 20 -6.63 30.75 -5.41
C LYS B 20 -5.99 29.36 -5.40
N TYR B 21 -4.98 29.18 -4.56
CA TYR B 21 -4.28 27.90 -4.47
C TYR B 21 -5.05 26.85 -3.65
N PHE B 22 -5.10 25.64 -4.19
CA PHE B 22 -5.65 24.49 -3.49
C PHE B 22 -4.59 23.38 -3.47
N THR B 23 -4.39 22.77 -2.31
CA THR B 23 -3.42 21.67 -2.17
C THR B 23 -3.94 20.41 -2.86
N LEU B 24 -3.04 19.46 -3.09
CA LEU B 24 -3.41 18.16 -3.66
C LEU B 24 -4.42 17.44 -2.77
N ASN B 25 -4.20 17.50 -1.45
CA ASN B 25 -5.09 16.88 -0.48
C ASN B 25 -6.48 17.52 -0.43
N GLN B 26 -6.53 18.85 -0.49
CA GLN B 26 -7.80 19.59 -0.50
C GLN B 26 -8.66 19.21 -1.71
N LEU B 27 -8.00 19.05 -2.86
CA LEU B 27 -8.69 18.66 -4.09
C LEU B 27 -9.08 17.19 -4.11
N LYS B 28 -8.25 16.34 -3.50
CA LYS B 28 -8.56 14.92 -3.34
C LYS B 28 -9.78 14.71 -2.45
N ARG B 29 -9.91 15.57 -1.43
CA ARG B 29 -11.06 15.54 -0.52
C ARG B 29 -12.34 16.03 -1.17
N ILE B 30 -12.22 16.96 -2.12
CA ILE B 30 -13.36 17.42 -2.92
C ILE B 30 -13.80 16.30 -3.87
N VAL B 31 -12.81 15.62 -4.46
CA VAL B 31 -13.05 14.47 -5.34
C VAL B 31 -13.71 13.32 -4.58
N ASP B 32 -13.20 13.03 -3.39
CA ASP B 32 -13.73 11.96 -2.53
C ASP B 32 -15.18 12.23 -2.11
N LYS B 33 -15.47 13.50 -1.79
CA LYS B 33 -16.83 13.91 -1.43
C LYS B 33 -17.76 13.89 -2.64
N ALA B 34 -17.22 14.26 -3.80
CA ALA B 34 -17.97 14.22 -5.06
C ALA B 34 -18.40 12.79 -5.40
N SER B 35 -17.50 11.84 -5.18
CA SER B 35 -17.79 10.42 -5.42
C SER B 35 -18.86 9.87 -4.49
N GLU B 36 -18.80 10.29 -3.22
CA GLU B 36 -19.75 9.84 -2.20
C GLU B 36 -21.15 10.42 -2.41
N LEU B 37 -21.21 11.69 -2.82
CA LEU B 37 -22.48 12.38 -3.02
C LEU B 37 -23.16 12.01 -4.34
N GLY B 38 -22.40 11.44 -5.28
CA GLY B 38 -22.94 10.96 -6.53
C GLY B 38 -22.67 11.85 -7.73
N TYR B 39 -21.67 12.71 -7.61
CA TYR B 39 -21.20 13.53 -8.73
C TYR B 39 -20.46 12.67 -9.75
N SER B 40 -20.25 13.21 -10.95
CA SER B 40 -19.55 12.49 -12.00
C SER B 40 -18.21 13.11 -12.34
N ASP B 41 -18.11 14.44 -12.21
CA ASP B 41 -16.88 15.16 -12.57
C ASP B 41 -16.51 16.26 -11.59
N VAL B 42 -15.22 16.59 -11.54
CA VAL B 42 -14.72 17.76 -10.85
C VAL B 42 -14.10 18.70 -11.89
N HIS B 43 -14.69 19.87 -12.05
CA HIS B 43 -14.19 20.88 -12.98
C HIS B 43 -13.15 21.76 -12.29
N LEU B 44 -11.90 21.61 -12.71
CA LEU B 44 -10.79 22.28 -12.05
C LEU B 44 -10.16 23.37 -12.93
N LEU B 45 -10.40 24.62 -12.56
CA LEU B 45 -9.77 25.75 -13.23
C LEU B 45 -8.33 25.89 -12.73
N LEU B 46 -7.38 25.80 -13.65
CA LEU B 46 -5.96 25.95 -13.32
C LEU B 46 -5.43 27.27 -13.87
N GLY B 47 -6.01 27.70 -14.98
CA GLY B 47 -5.76 29.01 -15.55
C GLY B 47 -7.00 29.87 -15.44
N ASN B 48 -7.00 30.78 -14.47
CA ASN B 48 -8.10 31.71 -14.23
C ASN B 48 -7.56 32.88 -13.41
N ASP B 49 -7.26 33.98 -14.10
CA ASP B 49 -6.48 35.10 -13.54
C ASP B 49 -5.04 34.66 -13.29
N GLY B 50 -4.83 33.85 -12.25
CA GLY B 50 -3.55 33.23 -11.99
C GLY B 50 -3.44 31.89 -12.68
N LEU B 51 -2.21 31.48 -13.00
CA LEU B 51 -1.95 30.19 -13.62
C LEU B 51 -1.27 29.28 -12.60
N ARG B 52 -2.05 28.38 -12.01
CA ARG B 52 -1.58 27.58 -10.88
C ARG B 52 -1.31 26.11 -11.25
N PHE B 53 -0.66 25.92 -12.39
CA PHE B 53 -0.23 24.60 -12.84
C PHE B 53 0.97 24.70 -13.77
N LEU B 54 2.02 23.95 -13.43
CA LEU B 54 3.23 23.89 -14.25
C LEU B 54 3.52 22.45 -14.67
N LEU B 55 3.76 22.26 -15.96
CA LEU B 55 4.19 20.96 -16.48
C LEU B 55 5.67 20.76 -16.15
N ASP B 56 6.13 19.52 -16.20
CA ASP B 56 7.54 19.20 -15.96
C ASP B 56 8.45 19.84 -17.01
N ASP B 57 7.98 19.87 -18.26
CA ASP B 57 8.66 20.56 -19.35
C ASP B 57 7.80 21.70 -19.87
N MET B 58 8.24 22.92 -19.63
CA MET B 58 7.50 24.11 -20.04
C MET B 58 8.15 24.85 -21.21
N THR B 59 8.93 24.12 -22.00
CA THR B 59 9.55 24.67 -23.21
C THR B 59 8.49 25.07 -24.22
N ILE B 60 8.51 26.33 -24.64
CA ILE B 60 7.53 26.87 -25.57
C ILE B 60 8.19 27.28 -26.89
N THR B 61 7.55 26.92 -28.01
CA THR B 61 8.04 27.25 -29.33
C THR B 61 7.03 28.10 -30.09
N ALA B 62 7.34 29.38 -30.22
CA ALA B 62 6.48 30.34 -30.92
C ALA B 62 7.28 31.52 -31.46
N ASN B 63 6.77 32.16 -32.50
CA ASN B 63 7.36 33.37 -33.09
C ASN B 63 8.73 33.16 -33.75
N GLY B 64 9.03 31.91 -34.10
CA GLY B 64 10.32 31.55 -34.68
C GLY B 64 11.42 31.44 -33.65
N LYS B 65 11.04 31.55 -32.37
CA LYS B 65 11.96 31.45 -31.25
C LYS B 65 11.55 30.27 -30.35
N THR B 66 12.40 29.96 -29.38
N THR B 66 12.42 29.94 -29.40
CA THR B 66 12.09 28.95 -28.36
CA THR B 66 12.08 29.01 -28.35
C THR B 66 12.35 29.49 -26.95
C THR B 66 12.24 29.70 -27.00
N TYR B 67 11.38 29.32 -26.06
CA TYR B 67 11.44 29.84 -24.70
C TYR B 67 11.74 28.69 -23.75
N ALA B 68 12.93 28.74 -23.14
CA ALA B 68 13.42 27.68 -22.27
C ALA B 68 12.47 27.37 -21.12
N SER B 69 12.38 26.08 -20.77
CA SER B 69 11.45 25.58 -19.76
C SER B 69 11.57 26.30 -18.41
N ASP B 70 12.81 26.51 -17.95
CA ASP B 70 13.08 27.18 -16.68
C ASP B 70 12.68 28.66 -16.70
N ASP B 71 12.90 29.31 -17.84
CA ASP B 71 12.54 30.71 -18.03
C ASP B 71 11.02 30.91 -18.04
N VAL B 72 10.31 29.97 -18.66
CA VAL B 72 8.85 29.99 -18.72
C VAL B 72 8.22 29.75 -17.35
N LYS B 73 8.74 28.73 -16.64
CA LYS B 73 8.31 28.43 -15.27
C LYS B 73 8.50 29.64 -14.35
N LYS B 74 9.68 30.26 -14.44
CA LYS B 74 10.04 31.43 -13.64
C LYS B 74 9.14 32.62 -13.93
N ALA B 75 8.83 32.83 -15.21
CA ALA B 75 7.97 33.93 -15.65
C ALA B 75 6.53 33.75 -15.19
N ILE B 76 6.05 32.50 -15.21
CA ILE B 76 4.69 32.16 -14.81
C ILE B 76 4.50 32.26 -13.29
N ILE B 77 5.49 31.78 -12.53
CA ILE B 77 5.49 31.90 -11.07
C ILE B 77 5.41 33.37 -10.64
N GLU B 78 6.20 34.21 -11.30
CA GLU B 78 6.21 35.66 -11.04
C GLU B 78 4.91 36.34 -11.48
N GLY B 79 4.31 35.83 -12.55
CA GLY B 79 3.04 36.34 -13.07
C GLY B 79 1.86 36.00 -12.18
N THR B 80 1.84 34.77 -11.67
CA THR B 80 0.79 34.30 -10.77
C THR B 80 0.87 35.01 -9.41
N LYS B 81 2.09 35.24 -8.93
CA LYS B 81 2.33 35.99 -7.70
C LYS B 81 2.02 37.47 -7.87
N ALA B 82 2.16 37.98 -9.09
CA ALA B 82 1.82 39.36 -9.41
C ALA B 82 0.32 39.61 -9.31
N TYR B 83 -0.47 38.62 -9.72
CA TYR B 83 -1.92 38.68 -9.52
C TYR B 83 -2.26 38.54 -8.05
N TYR B 84 -1.86 37.41 -7.45
CA TYR B 84 -2.06 37.15 -6.03
C TYR B 84 -1.02 36.18 -5.49
N ASP B 85 -0.17 36.69 -4.59
CA ASP B 85 0.84 35.87 -3.94
C ASP B 85 0.21 35.10 -2.78
N ASP B 86 -0.38 33.95 -3.12
CA ASP B 86 -1.06 33.09 -2.17
C ASP B 86 -0.06 32.49 -1.17
N PRO B 87 -0.27 32.75 0.14
CA PRO B 87 0.61 32.20 1.17
C PRO B 87 0.52 30.68 1.31
N ASN B 88 -0.55 30.09 0.78
CA ASN B 88 -0.76 28.64 0.84
C ASN B 88 0.02 27.87 -0.24
N GLY B 89 0.42 28.58 -1.29
CA GLY B 89 1.17 27.99 -2.39
C GLY B 89 0.99 28.74 -3.69
N THR B 90 1.74 28.37 -4.72
CA THR B 90 1.70 29.05 -6.01
C THR B 90 1.01 28.20 -7.09
N ALA B 91 1.66 27.10 -7.47
CA ALA B 91 1.18 26.27 -8.57
C ALA B 91 1.26 24.78 -8.25
N LEU B 92 0.31 24.02 -8.77
CA LEU B 92 0.33 22.56 -8.71
C LEU B 92 1.34 22.02 -9.71
N THR B 93 1.98 20.91 -9.36
CA THR B 93 2.97 20.28 -10.24
C THR B 93 2.31 19.25 -11.15
N GLN B 94 3.06 18.76 -12.13
CA GLN B 94 2.59 17.70 -13.03
C GLN B 94 2.32 16.40 -12.27
N ALA B 95 3.21 16.08 -11.33
CA ALA B 95 3.08 14.90 -10.48
C ALA B 95 1.84 14.95 -9.59
N GLU B 96 1.48 16.14 -9.14
CA GLU B 96 0.30 16.34 -8.30
C GLU B 96 -1.01 16.20 -9.09
N VAL B 97 -1.04 16.77 -10.30
CA VAL B 97 -2.23 16.70 -11.16
C VAL B 97 -2.42 15.30 -11.74
N THR B 98 -1.32 14.63 -12.09
CA THR B 98 -1.37 13.25 -12.56
C THR B 98 -1.91 12.29 -11.49
N GLU B 99 -1.50 12.52 -10.25
CA GLU B 99 -1.98 11.73 -9.11
C GLU B 99 -3.46 12.00 -8.84
N LEU B 100 -3.89 13.25 -9.03
CA LEU B 100 -5.28 13.65 -8.84
C LEU B 100 -6.20 12.99 -9.88
N ILE B 101 -5.72 12.90 -11.12
CA ILE B 101 -6.46 12.24 -12.20
C ILE B 101 -6.63 10.74 -11.91
N GLU B 102 -5.53 10.09 -11.52
CA GLU B 102 -5.54 8.69 -11.11
C GLU B 102 -6.52 8.43 -9.97
N TYR B 103 -6.45 9.29 -8.95
CA TYR B 103 -7.29 9.19 -7.76
C TYR B 103 -8.77 9.38 -8.09
N ALA B 104 -9.06 10.33 -8.97
CA ALA B 104 -10.43 10.58 -9.42
C ALA B 104 -10.97 9.42 -10.27
N LYS B 105 -10.11 8.86 -11.11
CA LYS B 105 -10.48 7.75 -11.98
C LYS B 105 -10.86 6.49 -11.20
N SER B 106 -10.18 6.26 -10.07
CA SER B 106 -10.43 5.11 -9.21
C SER B 106 -11.77 5.21 -8.48
N LYS B 107 -12.33 6.41 -8.41
CA LYS B 107 -13.61 6.66 -7.74
C LYS B 107 -14.72 7.07 -8.73
N ASP B 108 -14.53 6.70 -10.00
CA ASP B 108 -15.47 7.02 -11.09
C ASP B 108 -15.78 8.51 -11.21
N ILE B 109 -14.74 9.33 -11.02
CA ILE B 109 -14.84 10.78 -11.15
C ILE B 109 -13.97 11.25 -12.30
N GLY B 110 -14.56 12.04 -13.21
CA GLY B 110 -13.82 12.65 -14.29
C GLY B 110 -13.27 14.01 -13.87
N LEU B 111 -12.17 14.42 -14.48
CA LEU B 111 -11.61 15.74 -14.24
C LEU B 111 -11.73 16.59 -15.50
N ILE B 112 -12.22 17.82 -15.34
CA ILE B 112 -12.32 18.76 -16.44
C ILE B 112 -11.44 19.99 -16.17
N PRO B 113 -10.24 20.01 -16.78
CA PRO B 113 -9.31 21.13 -16.61
C PRO B 113 -9.77 22.39 -17.36
N ALA B 114 -9.43 23.55 -16.81
CA ALA B 114 -9.77 24.82 -17.43
C ALA B 114 -8.60 25.80 -17.41
N ILE B 115 -8.07 26.08 -18.60
CA ILE B 115 -7.04 27.10 -18.76
C ILE B 115 -7.63 28.25 -19.58
N ASN B 116 -7.87 29.37 -18.92
CA ASN B 116 -8.65 30.47 -19.48
C ASN B 116 -7.86 31.43 -20.36
N SER B 117 -8.55 31.95 -21.38
CA SER B 117 -8.03 32.93 -22.35
C SER B 117 -9.14 33.21 -23.36
N PRO B 118 -9.16 34.40 -23.99
CA PRO B 118 -8.21 35.52 -23.87
C PRO B 118 -8.40 36.36 -22.63
N GLY B 119 -9.53 36.22 -21.94
CA GLY B 119 -9.76 36.91 -20.68
C GLY B 119 -9.26 36.07 -19.51
N HIS B 120 -9.26 36.67 -18.32
CA HIS B 120 -8.82 36.01 -17.08
C HIS B 120 -7.44 35.35 -17.21
N MET B 121 -6.45 36.13 -17.68
CA MET B 121 -5.09 35.62 -17.84
C MET B 121 -4.04 36.63 -17.36
N ASP B 122 -4.27 37.18 -16.17
CA ASP B 122 -3.36 38.15 -15.55
C ASP B 122 -1.93 37.61 -15.44
N ALA B 123 -1.82 36.35 -15.06
CA ALA B 123 -0.53 35.67 -14.87
C ALA B 123 0.23 35.49 -16.18
N MET B 124 -0.48 35.11 -17.23
CA MET B 124 0.11 34.87 -18.54
C MET B 124 0.65 36.14 -19.18
N LEU B 125 -0.06 37.25 -18.97
CA LEU B 125 0.33 38.55 -19.52
C LEU B 125 1.62 39.07 -18.91
N VAL B 126 1.75 38.94 -17.60
CA VAL B 126 2.96 39.32 -16.88
C VAL B 126 4.11 38.35 -17.22
N ALA B 127 3.77 37.07 -17.36
CA ALA B 127 4.74 36.03 -17.76
C ALA B 127 5.32 36.32 -19.14
N MET B 128 4.48 36.79 -20.06
CA MET B 128 4.92 37.18 -21.40
C MET B 128 5.80 38.43 -21.37
N GLU B 129 5.51 39.35 -20.44
CA GLU B 129 6.33 40.54 -20.25
C GLU B 129 7.73 40.20 -19.75
N LYS B 130 7.83 39.19 -18.88
CA LYS B 130 9.11 38.71 -18.36
C LYS B 130 9.91 37.98 -19.43
N LEU B 131 9.22 37.44 -20.42
CA LEU B 131 9.85 36.69 -21.51
C LEU B 131 10.13 37.55 -22.75
N GLY B 132 10.10 38.87 -22.57
CA GLY B 132 10.47 39.81 -23.63
C GLY B 132 9.35 40.20 -24.58
N ILE B 133 8.20 39.53 -24.45
CA ILE B 133 7.03 39.86 -25.27
C ILE B 133 6.38 41.14 -24.74
N LYS B 134 6.50 42.21 -25.53
CA LYS B 134 6.06 43.55 -25.11
C LYS B 134 4.58 43.77 -25.34
N ASN B 135 3.96 44.49 -24.41
CA ASN B 135 2.54 44.89 -24.48
C ASN B 135 1.57 43.80 -24.94
N PRO B 136 1.48 42.69 -24.18
CA PRO B 136 0.56 41.62 -24.56
C PRO B 136 -0.90 41.93 -24.19
N GLN B 137 -1.10 42.96 -23.36
CA GLN B 137 -2.42 43.29 -22.83
C GLN B 137 -3.28 44.06 -23.83
N ALA B 138 -4.59 43.80 -23.77
CA ALA B 138 -5.57 44.55 -24.54
C ALA B 138 -5.67 45.98 -24.02
N HIS B 139 -6.03 46.91 -24.90
CA HIS B 139 -6.05 48.33 -24.54
C HIS B 139 -7.28 49.04 -25.09
N PHE B 140 -8.14 49.51 -24.17
CA PHE B 140 -9.36 50.22 -24.54
C PHE B 140 -9.51 51.55 -23.78
N ASP B 141 -10.23 51.54 -22.66
CA ASP B 141 -10.33 52.72 -21.79
C ASP B 141 -9.04 52.88 -20.98
N LYS B 142 -8.35 51.77 -20.79
CA LYS B 142 -7.04 51.71 -20.15
C LYS B 142 -6.35 50.43 -20.62
N VAL B 143 -5.10 50.23 -20.21
CA VAL B 143 -4.40 48.99 -20.48
C VAL B 143 -4.95 47.93 -19.53
N SER B 144 -5.54 46.88 -20.12
CA SER B 144 -6.11 45.78 -19.34
C SER B 144 -5.05 45.03 -18.56
N LYS B 145 -5.46 44.43 -17.44
CA LYS B 145 -4.57 43.62 -16.62
C LYS B 145 -4.99 42.15 -16.66
N THR B 146 -6.05 41.86 -17.42
CA THR B 146 -6.67 40.54 -17.42
C THR B 146 -6.71 39.90 -18.80
N THR B 147 -6.68 40.72 -19.84
CA THR B 147 -6.98 40.26 -21.20
C THR B 147 -5.88 40.52 -22.22
N MET B 148 -5.66 39.55 -23.09
CA MET B 148 -4.66 39.62 -24.14
C MET B 148 -5.18 40.40 -25.36
N ASP B 149 -4.30 41.21 -25.95
CA ASP B 149 -4.58 41.91 -27.19
C ASP B 149 -4.62 40.91 -28.35
N LEU B 150 -5.76 40.90 -29.06
CA LEU B 150 -5.95 40.00 -30.20
C LEU B 150 -5.05 40.32 -31.39
N LYS B 151 -4.75 41.60 -31.58
N LYS B 151 -4.75 41.60 -31.57
CA LYS B 151 -3.91 42.05 -32.69
CA LYS B 151 -3.92 42.08 -32.68
C LYS B 151 -2.41 42.08 -32.35
C LYS B 151 -2.43 41.77 -32.50
N ASN B 152 -2.04 41.37 -31.29
CA ASN B 152 -0.64 41.13 -30.97
C ASN B 152 -0.26 39.68 -31.28
N GLU B 153 0.25 39.47 -32.50
CA GLU B 153 0.65 38.13 -32.96
C GLU B 153 1.65 37.44 -32.05
N GLU B 154 2.64 38.19 -31.58
CA GLU B 154 3.68 37.68 -30.69
C GLU B 154 3.09 37.08 -29.41
N ALA B 155 2.13 37.78 -28.82
CA ALA B 155 1.44 37.32 -27.63
C ALA B 155 0.47 36.19 -27.96
N MET B 156 -0.21 36.30 -29.11
CA MET B 156 -1.18 35.29 -29.56
C MET B 156 -0.53 33.95 -29.87
N ASN B 157 0.60 33.98 -30.56
CA ASN B 157 1.34 32.76 -30.91
C ASN B 157 1.90 32.04 -29.69
N PHE B 158 2.35 32.80 -28.70
CA PHE B 158 2.89 32.22 -27.46
C PHE B 158 1.81 31.52 -26.64
N VAL B 159 0.67 32.20 -26.45
CA VAL B 159 -0.43 31.66 -25.66
C VAL B 159 -1.01 30.39 -26.30
N LYS B 160 -1.22 30.43 -27.62
CA LYS B 160 -1.67 29.26 -28.37
C LYS B 160 -0.73 28.06 -28.16
N ALA B 161 0.58 28.32 -28.21
CA ALA B 161 1.58 27.30 -27.97
C ALA B 161 1.56 26.83 -26.51
N LEU B 162 1.36 27.76 -25.59
CA LEU B 162 1.26 27.46 -24.16
C LEU B 162 0.05 26.60 -23.84
N ILE B 163 -1.12 27.00 -24.36
CA ILE B 163 -2.35 26.22 -24.22
C ILE B 163 -2.19 24.86 -24.89
N GLY B 164 -1.51 24.84 -26.03
CA GLY B 164 -1.22 23.61 -26.76
C GLY B 164 -0.44 22.59 -25.96
N LYS B 165 0.54 23.07 -25.18
CA LYS B 165 1.36 22.20 -24.33
C LYS B 165 0.57 21.64 -23.15
N TYR B 166 -0.34 22.45 -22.60
CA TYR B 166 -1.26 21.98 -21.56
C TYR B 166 -2.23 20.94 -22.12
N MET B 167 -2.75 21.21 -23.31
CA MET B 167 -3.66 20.31 -24.01
C MET B 167 -3.00 18.97 -24.33
N ASP B 168 -1.70 18.99 -24.63
CA ASP B 168 -0.92 17.77 -24.89
C ASP B 168 -0.85 16.86 -23.66
N PHE B 169 -0.81 17.47 -22.47
CA PHE B 169 -0.77 16.74 -21.22
C PHE B 169 -2.10 16.05 -20.91
N PHE B 170 -3.19 16.81 -21.03
CA PHE B 170 -4.53 16.29 -20.74
C PHE B 170 -5.07 15.37 -21.84
N ALA B 171 -4.36 15.30 -22.96
CA ALA B 171 -4.72 14.39 -24.06
C ALA B 171 -4.52 12.94 -23.65
N GLY B 172 -5.62 12.20 -23.59
CA GLY B 172 -5.59 10.80 -23.17
C GLY B 172 -5.76 10.62 -21.67
N LYS B 173 -5.95 11.73 -20.95
CA LYS B 173 -6.12 11.70 -19.51
C LYS B 173 -7.51 12.21 -19.11
N THR B 174 -8.02 13.18 -19.85
CA THR B 174 -9.35 13.75 -19.61
C THR B 174 -10.15 13.77 -20.90
N LYS B 175 -11.47 13.72 -20.78
N LYS B 175 -11.48 13.71 -20.78
CA LYS B 175 -12.38 13.76 -21.93
CA LYS B 175 -12.38 13.76 -21.92
C LYS B 175 -12.61 15.17 -22.44
C LYS B 175 -12.54 15.19 -22.44
N ILE B 176 -12.64 16.14 -21.51
CA ILE B 176 -12.95 17.53 -21.83
C ILE B 176 -11.82 18.50 -21.45
N PHE B 177 -11.71 19.60 -22.20
CA PHE B 177 -10.79 20.69 -21.88
C PHE B 177 -11.51 22.03 -22.06
N ASN B 178 -11.65 22.78 -20.97
CA ASN B 178 -12.31 24.09 -21.01
C ASN B 178 -11.31 25.20 -21.33
N PHE B 179 -11.51 25.86 -22.47
CA PHE B 179 -10.64 26.99 -22.84
C PHE B 179 -11.25 28.37 -22.51
N GLY B 180 -12.38 28.36 -21.82
CA GLY B 180 -12.97 29.57 -21.24
C GLY B 180 -13.63 30.54 -22.20
N THR B 181 -12.86 31.54 -22.63
CA THR B 181 -13.34 32.66 -23.48
C THR B 181 -14.50 33.45 -22.85
N ASP B 182 -14.50 33.54 -21.53
CA ASP B 182 -15.63 34.12 -20.79
C ASP B 182 -15.65 35.64 -20.68
N GLU B 183 -14.54 36.30 -21.02
CA GLU B 183 -14.48 37.77 -21.01
C GLU B 183 -13.51 38.33 -22.04
N TYR B 184 -13.66 39.62 -22.32
CA TYR B 184 -12.65 40.38 -23.06
C TYR B 184 -12.50 41.81 -22.51
N ALA B 185 -11.48 41.99 -21.68
CA ALA B 185 -11.11 43.31 -21.14
C ALA B 185 -12.24 44.05 -20.42
N ASN B 186 -12.99 43.33 -19.59
CA ASN B 186 -14.05 43.93 -18.78
C ASN B 186 -13.53 44.98 -17.80
N ASP B 187 -12.29 44.83 -17.38
CA ASP B 187 -11.64 45.79 -16.47
C ASP B 187 -11.25 47.08 -17.19
N ALA B 188 -11.15 47.02 -18.52
CA ALA B 188 -10.76 48.17 -19.34
C ALA B 188 -11.90 48.69 -20.21
N THR B 189 -13.13 48.24 -19.93
CA THR B 189 -14.29 48.60 -20.73
C THR B 189 -15.55 48.87 -19.90
N SER B 190 -15.40 48.89 -18.58
CA SER B 190 -16.53 48.96 -17.63
C SER B 190 -17.50 47.78 -17.83
N ALA B 191 -16.91 46.59 -18.01
CA ALA B 191 -17.64 45.35 -18.29
C ALA B 191 -18.52 45.44 -19.54
N GLN B 192 -17.91 45.90 -20.64
CA GLN B 192 -18.57 46.00 -21.94
C GLN B 192 -17.69 45.43 -23.05
N GLY B 193 -16.88 44.44 -22.70
CA GLY B 193 -15.88 43.87 -23.61
C GLY B 193 -16.37 43.46 -24.99
N TRP B 194 -17.57 42.88 -25.03
CA TRP B 194 -18.16 42.42 -26.28
C TRP B 194 -18.69 43.57 -27.13
N TYR B 195 -19.17 44.62 -26.46
CA TYR B 195 -19.59 45.84 -27.13
C TYR B 195 -18.39 46.61 -27.70
N TYR B 196 -17.26 46.51 -27.03
CA TYR B 196 -16.01 47.11 -27.50
C TYR B 196 -15.38 46.33 -28.65
N LEU B 197 -15.50 45.00 -28.63
CA LEU B 197 -15.02 44.16 -29.72
C LEU B 197 -15.78 44.42 -31.02
N LYS B 198 -17.09 44.57 -30.91
CA LYS B 198 -17.96 44.90 -32.04
C LYS B 198 -17.64 46.28 -32.61
N TRP B 199 -17.45 47.24 -31.69
CA TRP B 199 -17.17 48.64 -32.05
C TRP B 199 -15.90 48.76 -32.89
N TYR B 200 -14.85 48.05 -32.49
CA TYR B 200 -13.55 48.13 -33.17
C TYR B 200 -13.36 47.04 -34.23
N GLN B 201 -14.46 46.38 -34.60
CA GLN B 201 -14.47 45.29 -35.59
C GLN B 201 -13.44 44.19 -35.30
N LEU B 202 -13.37 43.80 -34.02
CA LEU B 202 -12.41 42.79 -33.56
C LEU B 202 -13.10 41.52 -33.06
N TYR B 203 -14.43 41.52 -33.10
CA TYR B 203 -15.23 40.37 -32.67
C TYR B 203 -15.04 39.16 -33.60
N GLY B 204 -14.74 39.45 -34.87
CA GLY B 204 -14.38 38.42 -35.83
C GLY B 204 -13.05 37.74 -35.50
N LYS B 205 -12.11 38.55 -35.00
N LYS B 205 -12.10 38.54 -35.01
CA LYS B 205 -10.79 38.05 -34.57
CA LYS B 205 -10.80 38.03 -34.59
C LYS B 205 -10.89 37.20 -33.31
C LYS B 205 -10.88 37.19 -33.30
N PHE B 206 -11.85 37.51 -32.45
CA PHE B 206 -12.09 36.75 -31.23
C PHE B 206 -12.66 35.36 -31.56
N ALA B 207 -13.54 35.32 -32.55
CA ALA B 207 -14.13 34.07 -33.03
C ALA B 207 -13.06 33.17 -33.64
N GLU B 208 -12.17 33.77 -34.43
CA GLU B 208 -11.03 33.06 -35.03
C GLU B 208 -10.16 32.43 -33.95
N TYR B 209 -9.94 33.17 -32.87
CA TYR B 209 -9.16 32.70 -31.73
C TYR B 209 -9.87 31.57 -30.98
N ALA B 210 -11.19 31.72 -30.82
CA ALA B 210 -12.01 30.72 -30.14
C ALA B 210 -12.15 29.43 -30.97
N ASN B 211 -12.26 29.59 -32.29
CA ASN B 211 -12.36 28.45 -33.21
C ASN B 211 -11.05 27.67 -33.32
N THR B 212 -9.93 28.39 -33.21
CA THR B 212 -8.60 27.77 -33.21
C THR B 212 -8.43 26.87 -31.99
N LEU B 213 -8.79 27.38 -30.81
CA LEU B 213 -8.72 26.63 -29.56
C LEU B 213 -9.60 25.38 -29.56
N ALA B 214 -10.76 25.50 -30.23
CA ALA B 214 -11.69 24.37 -30.38
C ALA B 214 -11.11 23.29 -31.30
N ALA B 215 -10.45 23.73 -32.37
CA ALA B 215 -9.79 22.82 -33.31
C ALA B 215 -8.55 22.19 -32.68
N MET B 216 -7.85 22.97 -31.88
CA MET B 216 -6.67 22.49 -31.14
C MET B 216 -7.03 21.40 -30.13
N ALA B 217 -8.20 21.55 -29.50
CA ALA B 217 -8.70 20.57 -28.56
C ALA B 217 -9.14 19.29 -29.28
N LYS B 218 -9.84 19.47 -30.39
CA LYS B 218 -10.36 18.33 -31.19
C LYS B 218 -9.27 17.49 -31.85
N GLU B 219 -8.21 18.13 -32.31
N GLU B 219 -8.21 18.14 -32.32
CA GLU B 219 -7.08 17.44 -32.94
CA GLU B 219 -7.08 17.44 -32.94
C GLU B 219 -6.22 16.69 -31.93
C GLU B 219 -6.26 16.66 -31.92
N ARG B 220 -6.44 16.98 -30.64
CA ARG B 220 -5.74 16.29 -29.56
C ARG B 220 -6.66 15.30 -28.83
N GLY B 221 -7.86 15.11 -29.37
CA GLY B 221 -8.83 14.16 -28.81
C GLY B 221 -9.51 14.63 -27.54
N LEU B 222 -9.60 15.96 -27.38
CA LEU B 222 -10.28 16.55 -26.23
C LEU B 222 -11.56 17.25 -26.69
N GLN B 223 -12.65 16.99 -25.97
CA GLN B 223 -13.91 17.69 -26.20
C GLN B 223 -13.76 19.15 -25.82
N PRO B 224 -13.95 20.07 -26.79
CA PRO B 224 -13.81 21.50 -26.52
C PRO B 224 -14.94 22.02 -25.62
N MET B 225 -14.57 22.79 -24.62
CA MET B 225 -15.52 23.41 -23.70
C MET B 225 -15.20 24.88 -23.54
N ALA B 226 -16.25 25.71 -23.47
CA ALA B 226 -16.11 27.13 -23.25
C ALA B 226 -17.36 27.69 -22.59
N PHE B 227 -17.21 28.81 -21.89
CA PHE B 227 -18.36 29.54 -21.35
C PHE B 227 -19.10 30.25 -22.49
N ASN B 228 -20.38 30.54 -22.28
CA ASN B 228 -21.26 31.03 -23.34
C ASN B 228 -21.03 32.46 -23.81
N ASP B 229 -20.47 33.29 -22.92
CA ASP B 229 -20.36 34.74 -23.11
C ASP B 229 -19.99 35.21 -24.52
N GLY B 230 -18.94 34.60 -25.08
CA GLY B 230 -18.41 35.04 -26.37
C GLY B 230 -19.09 34.50 -27.61
N PHE B 231 -19.91 33.46 -27.43
CA PHE B 231 -20.56 32.78 -28.56
C PHE B 231 -21.83 33.49 -29.01
N TYR B 232 -21.83 33.92 -30.28
CA TYR B 232 -22.99 34.55 -30.94
C TYR B 232 -23.62 35.69 -30.15
N TYR B 233 -22.79 36.68 -29.80
CA TYR B 233 -23.21 37.83 -28.99
C TYR B 233 -24.44 38.53 -29.56
N GLU B 234 -25.41 38.80 -28.68
CA GLU B 234 -26.67 39.48 -29.02
C GLU B 234 -27.47 38.77 -30.14
N ASP B 235 -27.38 37.44 -30.15
CA ASP B 235 -28.09 36.60 -31.13
C ASP B 235 -27.83 36.94 -32.60
N LYS B 236 -26.62 37.43 -32.87
CA LYS B 236 -26.19 37.75 -34.24
C LYS B 236 -25.30 36.62 -34.74
N ASP B 237 -25.35 36.34 -36.04
CA ASP B 237 -24.56 35.24 -36.62
C ASP B 237 -23.79 35.60 -37.90
N ASP B 238 -23.46 36.88 -38.07
CA ASP B 238 -22.58 37.30 -39.16
C ASP B 238 -21.15 36.83 -38.92
N VAL B 239 -20.85 36.51 -37.66
CA VAL B 239 -19.59 35.90 -37.27
C VAL B 239 -19.89 34.50 -36.70
N GLN B 240 -19.33 33.47 -37.34
CA GLN B 240 -19.66 32.09 -37.01
C GLN B 240 -18.69 31.48 -35.98
N PHE B 241 -19.17 30.45 -35.28
CA PHE B 241 -18.38 29.76 -34.25
C PHE B 241 -18.40 28.25 -34.46
N ASP B 242 -17.37 27.58 -33.94
CA ASP B 242 -17.28 26.12 -33.97
C ASP B 242 -18.49 25.51 -33.27
N LYS B 243 -19.15 24.57 -33.94
CA LYS B 243 -20.40 23.99 -33.45
C LYS B 243 -20.21 22.84 -32.47
N ASP B 244 -18.98 22.32 -32.39
CA ASP B 244 -18.68 21.15 -31.57
C ASP B 244 -18.42 21.49 -30.10
N VAL B 245 -18.27 22.77 -29.79
CA VAL B 245 -17.92 23.24 -28.44
C VAL B 245 -19.05 22.97 -27.44
N LEU B 246 -18.71 22.34 -26.33
CA LEU B 246 -19.63 22.16 -25.20
C LEU B 246 -19.76 23.48 -24.45
N ILE B 247 -20.97 24.02 -24.42
CA ILE B 247 -21.23 25.33 -23.83
C ILE B 247 -21.55 25.23 -22.34
N SER B 248 -20.70 25.83 -21.52
CA SER B 248 -20.94 25.96 -20.09
C SER B 248 -21.76 27.23 -19.86
N TYR B 249 -23.09 27.10 -19.98
CA TYR B 249 -23.98 28.25 -19.89
C TYR B 249 -24.27 28.64 -18.44
N TRP B 250 -23.99 29.90 -18.11
CA TRP B 250 -24.13 30.40 -16.75
C TRP B 250 -25.10 31.58 -16.61
N SER B 251 -25.15 32.43 -17.63
CA SER B 251 -26.00 33.62 -17.62
C SER B 251 -26.20 34.21 -19.02
N LYS B 252 -27.25 35.00 -19.17
CA LYS B 252 -27.49 35.75 -20.41
C LYS B 252 -26.98 37.19 -20.25
N GLY B 253 -26.35 37.45 -19.10
CA GLY B 253 -25.80 38.76 -18.79
C GLY B 253 -26.77 39.65 -18.03
N TRP B 254 -26.56 40.95 -18.16
CA TRP B 254 -27.37 41.97 -17.49
C TRP B 254 -27.67 43.08 -18.49
N TRP B 255 -27.89 44.31 -17.99
CA TRP B 255 -28.14 45.44 -18.88
C TRP B 255 -26.86 45.85 -19.62
N GLY B 256 -26.95 45.89 -20.94
CA GLY B 256 -25.83 46.27 -21.79
C GLY B 256 -24.91 45.12 -22.16
N TYR B 257 -24.94 44.07 -21.33
CA TYR B 257 -24.12 42.88 -21.52
C TYR B 257 -24.99 41.79 -22.16
N ASN B 258 -25.29 41.98 -23.44
CA ASN B 258 -26.30 41.19 -24.15
C ASN B 258 -25.78 39.87 -24.72
N LEU B 259 -25.61 38.88 -23.84
CA LEU B 259 -25.14 37.56 -24.25
C LEU B 259 -26.22 36.79 -24.99
N ALA B 260 -25.80 35.80 -25.79
CA ALA B 260 -26.72 34.95 -26.53
C ALA B 260 -27.59 34.13 -25.60
N SER B 261 -28.87 34.02 -25.95
CA SER B 261 -29.83 33.24 -25.17
C SER B 261 -29.57 31.73 -25.31
N PRO B 262 -30.02 30.93 -24.32
CA PRO B 262 -29.89 29.48 -24.43
C PRO B 262 -30.71 28.93 -25.60
N GLN B 263 -31.81 29.60 -25.93
CA GLN B 263 -32.65 29.22 -27.06
C GLN B 263 -31.93 29.39 -28.40
N TYR B 264 -31.21 30.51 -28.53
CA TYR B 264 -30.49 30.83 -29.77
C TYR B 264 -29.26 29.95 -29.97
N LEU B 265 -28.57 29.64 -28.88
CA LEU B 265 -27.41 28.74 -28.95
C LEU B 265 -27.82 27.30 -29.23
N ALA B 266 -28.97 26.90 -28.69
CA ALA B 266 -29.54 25.58 -28.96
C ALA B 266 -30.04 25.46 -30.40
N SER B 267 -30.46 26.59 -30.98
CA SER B 267 -30.89 26.64 -32.38
C SER B 267 -29.71 26.56 -33.34
N LYS B 268 -28.51 26.82 -32.82
CA LYS B 268 -27.28 26.64 -33.58
C LYS B 268 -26.73 25.23 -33.42
N GLY B 269 -27.34 24.45 -32.52
CA GLY B 269 -26.99 23.04 -32.33
C GLY B 269 -25.95 22.80 -31.26
N TYR B 270 -26.00 23.60 -30.19
CA TYR B 270 -25.06 23.47 -29.08
C TYR B 270 -25.63 22.63 -27.95
N LYS B 271 -24.79 21.73 -27.41
CA LYS B 271 -25.10 21.03 -26.17
C LYS B 271 -24.62 21.85 -24.99
N PHE B 272 -25.42 21.87 -23.92
CA PHE B 272 -25.11 22.70 -22.75
C PHE B 272 -24.66 21.88 -21.55
N LEU B 273 -23.72 22.44 -20.79
CA LEU B 273 -23.46 22.00 -19.42
C LEU B 273 -24.03 23.09 -18.52
N ASN B 274 -25.21 22.83 -17.96
CA ASN B 274 -25.96 23.82 -17.17
C ASN B 274 -25.17 24.33 -15.96
N THR B 275 -24.46 25.43 -16.15
CA THR B 275 -23.64 26.03 -15.11
C THR B 275 -24.36 27.25 -14.52
N ASN B 276 -25.66 27.08 -14.26
CA ASN B 276 -26.52 28.17 -13.79
C ASN B 276 -25.87 29.02 -12.69
N GLY B 277 -25.86 30.33 -12.91
CA GLY B 277 -25.28 31.29 -11.96
C GLY B 277 -26.00 31.35 -10.63
N ASP B 278 -27.16 30.70 -10.56
CA ASP B 278 -27.93 30.58 -9.32
C ASP B 278 -27.21 29.75 -8.26
N TRP B 279 -26.40 28.79 -8.71
CA TRP B 279 -25.69 27.87 -7.82
C TRP B 279 -24.28 28.33 -7.46
N TYR B 280 -23.96 29.59 -7.77
CA TYR B 280 -22.64 30.16 -7.54
C TYR B 280 -22.36 30.45 -6.07
N TYR B 281 -21.15 30.11 -5.62
CA TYR B 281 -20.66 30.56 -4.33
C TYR B 281 -19.27 31.17 -4.44
N ILE B 282 -19.19 32.47 -4.15
CA ILE B 282 -17.93 33.18 -4.08
C ILE B 282 -17.44 33.08 -2.62
N LEU B 283 -16.20 32.61 -2.46
CA LEU B 283 -15.61 32.42 -1.13
C LEU B 283 -15.63 33.71 -0.32
N GLY B 284 -16.18 33.62 0.90
CA GLY B 284 -16.23 34.77 1.81
C GLY B 284 -17.33 35.78 1.50
N GLN B 285 -18.19 35.47 0.55
CA GLN B 285 -19.32 36.34 0.22
C GLN B 285 -20.41 36.21 1.27
N LYS B 286 -20.77 37.34 1.88
CA LYS B 286 -21.81 37.39 2.91
C LYS B 286 -23.15 37.85 2.30
N PRO B 287 -24.28 37.56 2.98
CA PRO B 287 -25.60 37.98 2.54
C PRO B 287 -25.74 39.47 2.22
N GLU B 288 -24.87 40.30 2.79
CA GLU B 288 -24.92 41.75 2.62
C GLU B 288 -24.26 42.22 1.31
N ASP B 289 -23.35 41.41 0.78
CA ASP B 289 -22.61 41.75 -0.43
C ASP B 289 -23.45 41.60 -1.69
N GLY B 290 -24.58 40.90 -1.58
CA GLY B 290 -25.39 40.52 -2.73
C GLY B 290 -24.71 39.37 -3.45
N GLY B 291 -25.02 39.21 -4.73
CA GLY B 291 -24.39 38.18 -5.57
C GLY B 291 -24.47 36.77 -5.01
N GLY B 292 -23.42 35.99 -5.24
CA GLY B 292 -23.41 34.59 -4.85
C GLY B 292 -22.87 34.29 -3.46
N PHE B 293 -23.72 34.53 -2.45
CA PHE B 293 -23.40 34.14 -1.07
C PHE B 293 -23.96 32.76 -0.75
N LEU B 294 -23.35 32.09 0.23
CA LEU B 294 -23.64 30.69 0.56
C LEU B 294 -25.12 30.37 0.78
N LYS B 295 -25.81 31.23 1.53
CA LYS B 295 -27.22 31.03 1.86
C LYS B 295 -28.11 31.01 0.61
N LYS B 296 -27.82 31.90 -0.34
CA LYS B 296 -28.58 31.96 -1.60
C LYS B 296 -28.28 30.76 -2.49
N ALA B 297 -27.02 30.35 -2.52
CA ALA B 297 -26.58 29.21 -3.33
C ALA B 297 -27.23 27.90 -2.87
N ILE B 298 -27.23 27.66 -1.55
CA ILE B 298 -27.87 26.49 -0.95
C ILE B 298 -29.38 26.51 -1.20
N GLU B 299 -29.96 27.70 -1.08
CA GLU B 299 -31.39 27.91 -1.32
C GLU B 299 -31.78 27.64 -2.77
N ASN B 300 -30.88 27.96 -3.70
CA ASN B 300 -31.13 27.81 -5.14
C ASN B 300 -30.94 26.39 -5.67
N THR B 301 -30.23 25.54 -4.93
CA THR B 301 -30.07 24.13 -5.32
C THR B 301 -31.40 23.39 -5.31
N GLY B 302 -32.37 23.93 -4.58
CA GLY B 302 -33.72 23.40 -4.54
C GLY B 302 -34.70 24.21 -5.37
N LYS B 303 -34.54 25.53 -5.36
CA LYS B 303 -35.44 26.44 -6.08
C LYS B 303 -35.22 26.45 -7.58
N THR B 304 -33.96 26.37 -8.00
CA THR B 304 -33.60 26.29 -9.41
C THR B 304 -33.48 24.83 -9.84
N PRO B 305 -34.37 24.36 -10.75
CA PRO B 305 -34.37 22.98 -11.24
C PRO B 305 -33.03 22.57 -11.87
N PHE B 306 -32.78 21.27 -11.90
CA PHE B 306 -31.53 20.71 -12.42
C PHE B 306 -31.31 21.04 -13.90
N ASN B 307 -32.37 20.96 -14.69
CA ASN B 307 -32.30 21.22 -16.13
C ASN B 307 -32.58 22.68 -16.52
N GLN B 308 -32.80 23.53 -15.53
N GLN B 308 -32.74 23.53 -15.52
CA GLN B 308 -33.12 24.94 -15.80
CA GLN B 308 -33.06 24.94 -15.71
C GLN B 308 -31.89 25.76 -16.14
C GLN B 308 -31.83 25.75 -16.14
N LEU B 309 -31.82 26.18 -17.39
CA LEU B 309 -30.76 27.07 -17.87
C LEU B 309 -31.09 28.49 -17.44
N ALA B 310 -30.06 29.30 -17.19
CA ALA B 310 -30.22 30.68 -16.76
C ALA B 310 -31.01 31.49 -17.79
N SER B 311 -31.86 32.38 -17.30
CA SER B 311 -32.74 33.24 -18.12
C SER B 311 -33.88 32.48 -18.82
N THR B 312 -34.16 31.26 -18.38
CA THR B 312 -35.30 30.48 -18.88
C THR B 312 -36.14 29.93 -17.73
N LYS B 313 -37.35 29.49 -18.04
CA LYS B 313 -38.25 28.89 -17.06
C LYS B 313 -38.50 27.43 -17.42
N TYR B 314 -38.12 26.53 -16.51
CA TYR B 314 -38.29 25.09 -16.71
C TYR B 314 -39.60 24.62 -16.05
N PRO B 315 -40.34 23.71 -16.72
CA PRO B 315 -40.04 23.11 -18.02
C PRO B 315 -40.78 23.74 -19.21
N GLU B 316 -41.16 25.02 -19.07
CA GLU B 316 -41.75 25.76 -20.19
C GLU B 316 -40.75 25.85 -21.34
N VAL B 317 -39.51 26.23 -21.01
CA VAL B 317 -38.40 26.15 -21.93
C VAL B 317 -37.55 24.93 -21.55
N ASP B 318 -37.55 23.93 -22.42
CA ASP B 318 -36.86 22.68 -22.18
C ASP B 318 -35.81 22.45 -23.26
N LEU B 319 -34.55 22.74 -22.91
CA LEU B 319 -33.44 22.64 -23.86
C LEU B 319 -32.45 21.54 -23.46
N PRO B 320 -31.91 20.80 -24.45
CA PRO B 320 -30.98 19.70 -24.21
C PRO B 320 -29.71 20.11 -23.46
N THR B 321 -29.43 19.41 -22.36
CA THR B 321 -28.20 19.58 -21.61
C THR B 321 -27.55 18.22 -21.37
N VAL B 322 -26.22 18.20 -21.35
CA VAL B 322 -25.48 16.98 -21.05
C VAL B 322 -25.41 16.72 -19.55
N GLY B 323 -25.82 17.73 -18.77
CA GLY B 323 -25.80 17.68 -17.32
C GLY B 323 -25.74 19.07 -16.72
N SER B 324 -25.31 19.16 -15.47
CA SER B 324 -25.24 20.44 -14.77
C SER B 324 -23.94 20.61 -13.98
N MET B 325 -23.58 21.85 -13.70
CA MET B 325 -22.37 22.18 -12.97
C MET B 325 -22.61 23.22 -11.88
N LEU B 326 -22.23 22.88 -10.65
CA LEU B 326 -22.23 23.82 -9.54
C LEU B 326 -20.82 24.38 -9.39
N SER B 327 -20.72 25.70 -9.23
CA SER B 327 -19.42 26.37 -9.27
C SER B 327 -19.05 27.11 -7.98
N ILE B 328 -17.83 26.88 -7.53
CA ILE B 328 -17.24 27.63 -6.42
C ILE B 328 -16.19 28.57 -7.00
N TRP B 329 -16.34 29.87 -6.70
CA TRP B 329 -15.44 30.89 -7.25
C TRP B 329 -14.62 31.58 -6.16
N ALA B 330 -13.45 32.08 -6.54
CA ALA B 330 -12.54 32.74 -5.61
C ALA B 330 -12.20 34.16 -6.05
N ASP B 331 -13.24 34.95 -6.36
CA ASP B 331 -13.09 36.34 -6.79
C ASP B 331 -12.15 37.12 -5.88
N ARG B 332 -12.33 36.94 -4.57
CA ARG B 332 -11.39 37.42 -3.57
CA ARG B 332 -11.39 37.42 -3.56
C ARG B 332 -10.60 36.21 -3.06
N PRO B 333 -9.42 35.94 -3.69
CA PRO B 333 -8.66 34.73 -3.37
C PRO B 333 -8.05 34.70 -1.96
N SER B 334 -8.02 35.87 -1.30
CA SER B 334 -7.54 35.96 0.07
C SER B 334 -8.58 35.49 1.09
N ALA B 335 -9.82 35.31 0.63
CA ALA B 335 -10.89 34.77 1.46
C ALA B 335 -10.58 33.32 1.84
N GLU B 336 -10.92 32.96 3.08
CA GLU B 336 -10.63 31.63 3.60
C GLU B 336 -11.52 30.57 2.93
N TYR B 337 -10.87 29.53 2.42
CA TYR B 337 -11.58 28.36 1.90
C TYR B 337 -12.00 27.47 3.07
N LYS B 338 -13.31 27.41 3.31
CA LYS B 338 -13.88 26.55 4.33
C LYS B 338 -14.53 25.35 3.67
N GLU B 339 -13.86 24.20 3.77
CA GLU B 339 -14.29 22.96 3.15
C GLU B 339 -15.74 22.59 3.49
N GLU B 340 -16.13 22.85 4.73
CA GLU B 340 -17.47 22.52 5.23
C GLU B 340 -18.59 23.31 4.54
N GLU B 341 -18.27 24.53 4.08
CA GLU B 341 -19.22 25.36 3.34
C GLU B 341 -19.48 24.78 1.95
N ILE B 342 -18.40 24.37 1.29
CA ILE B 342 -18.46 23.79 -0.05
C ILE B 342 -19.12 22.41 -0.01
N PHE B 343 -18.81 21.65 1.04
CA PHE B 343 -19.40 20.32 1.24
C PHE B 343 -20.91 20.40 1.50
N GLU B 344 -21.36 21.43 2.20
CA GLU B 344 -22.78 21.64 2.47
C GLU B 344 -23.54 22.02 1.20
N LEU B 345 -22.90 22.82 0.35
CA LEU B 345 -23.49 23.23 -0.93
C LEU B 345 -23.52 22.07 -1.92
N MET B 346 -22.48 21.23 -1.89
CA MET B 346 -22.41 20.03 -2.72
C MET B 346 -23.45 19.00 -2.32
N THR B 347 -23.68 18.88 -1.01
CA THR B 347 -24.66 17.94 -0.46
C THR B 347 -26.09 18.38 -0.77
N ALA B 348 -26.36 19.68 -0.64
CA ALA B 348 -27.68 20.24 -0.91
C ALA B 348 -28.12 20.02 -2.36
N PHE B 349 -27.19 20.22 -3.30
CA PHE B 349 -27.44 20.03 -4.72
C PHE B 349 -27.72 18.56 -5.06
N ALA B 350 -27.05 17.66 -4.33
CA ALA B 350 -27.25 16.22 -4.50
C ALA B 350 -28.55 15.73 -3.87
N ASP B 351 -28.90 16.30 -2.72
CA ASP B 351 -30.12 15.92 -1.99
C ASP B 351 -31.40 16.37 -2.69
N HIS B 352 -31.35 17.52 -3.33
CA HIS B 352 -32.50 18.03 -4.09
C HIS B 352 -32.66 17.32 -5.44
N ASN B 353 -31.64 16.58 -5.85
CA ASN B 353 -31.63 15.90 -7.14
C ASN B 353 -31.16 14.44 -7.04
N LYS B 354 -31.70 13.70 -6.07
CA LYS B 354 -31.29 12.33 -5.80
C LYS B 354 -31.48 11.37 -6.99
N ASP B 355 -32.32 11.76 -7.93
CA ASP B 355 -32.60 10.96 -9.13
C ASP B 355 -31.52 11.08 -10.20
N TYR B 356 -30.69 12.12 -10.10
CA TYR B 356 -29.59 12.34 -11.04
C TYR B 356 -28.26 11.84 -10.50
N PHE B 357 -28.06 12.01 -9.19
CA PHE B 357 -26.81 11.65 -8.54
C PHE B 357 -26.75 10.17 -8.17
N ARG B 358 -25.57 9.58 -8.31
CA ARG B 358 -25.33 8.18 -7.95
C ARG B 358 -25.42 7.97 -6.43
N ALA B 359 -25.50 6.70 -6.04
CA ALA B 359 -25.38 6.32 -4.63
C ALA B 359 -23.91 6.35 -4.21
N ASN B 360 -23.66 6.20 -2.92
CA ASN B 360 -22.30 6.19 -2.37
C ASN B 360 -21.64 4.82 -2.53
N TYR B 361 -20.65 4.74 -3.42
CA TYR B 361 -20.00 3.47 -3.75
C TYR B 361 -18.60 3.30 -3.15
N ASN B 362 -18.26 4.15 -2.17
CA ASN B 362 -16.96 4.07 -1.50
C ASN B 362 -16.81 2.85 -0.60
N ALA B 363 -17.88 2.51 0.13
CA ALA B 363 -17.90 1.35 1.02
C ALA B 363 -17.81 0.03 0.25
N LEU B 364 -18.39 0.01 -0.95
CA LEU B 364 -18.35 -1.16 -1.83
C LEU B 364 -16.93 -1.41 -2.36
N ARG B 365 -16.24 -0.33 -2.73
CA ARG B 365 -14.87 -0.41 -3.23
C ARG B 365 -13.88 -0.87 -2.15
N GLU B 366 -14.16 -0.49 -0.90
CA GLU B 366 -13.37 -0.93 0.25
C GLU B 366 -13.55 -2.42 0.51
N GLU B 367 -14.79 -2.88 0.38
CA GLU B 367 -15.14 -4.28 0.63
C GLU B 367 -14.65 -5.20 -0.49
N LEU B 368 -14.67 -4.70 -1.72
CA LEU B 368 -14.18 -5.45 -2.89
C LEU B 368 -12.66 -5.62 -2.87
N ALA B 369 -11.97 -4.64 -2.30
CA ALA B 369 -10.51 -4.67 -2.18
C ALA B 369 -10.03 -5.67 -1.13
N LYS B 370 -10.94 -6.12 -0.29
CA LYS B 370 -10.62 -7.07 0.79
C LYS B 370 -10.64 -8.53 0.33
N ILE B 371 -11.12 -8.78 -0.89
CA ILE B 371 -11.18 -10.13 -1.47
C ILE B 371 -9.77 -10.62 -1.80
N PRO B 372 -9.37 -11.79 -1.26
CA PRO B 372 -8.04 -12.37 -1.52
C PRO B 372 -7.83 -12.76 -2.98
N THR B 373 -6.58 -12.80 -3.40
CA THR B 373 -6.21 -13.13 -4.78
C THR B 373 -5.56 -14.51 -4.87
N SER B 379 -13.51 -24.75 1.79
CA SER B 379 -13.94 -23.52 1.15
C SER B 379 -14.30 -23.74 -0.32
N LYS B 380 -15.53 -24.21 -0.54
CA LYS B 380 -16.05 -24.44 -1.89
C LYS B 380 -17.49 -23.92 -1.98
N GLU B 381 -18.30 -24.31 -1.00
CA GLU B 381 -19.68 -23.83 -0.89
C GLU B 381 -19.71 -22.40 -0.35
N SER B 382 -18.67 -22.04 0.41
CA SER B 382 -18.50 -20.68 0.92
C SER B 382 -17.91 -19.76 -0.16
N LEU B 383 -17.36 -20.37 -1.21
CA LEU B 383 -16.76 -19.64 -2.32
C LEU B 383 -17.82 -19.16 -3.32
N GLU B 384 -18.83 -20.00 -3.55
CA GLU B 384 -19.98 -19.62 -4.38
C GLU B 384 -20.91 -18.68 -3.61
N ALA B 385 -20.78 -18.66 -2.29
CA ALA B 385 -21.46 -17.68 -1.43
C ALA B 385 -20.86 -16.30 -1.64
N LEU B 386 -19.56 -16.25 -1.90
CA LEU B 386 -18.86 -15.01 -2.25
C LEU B 386 -19.23 -14.57 -3.67
N ASP B 387 -19.33 -15.54 -4.58
CA ASP B 387 -19.70 -15.28 -5.97
C ASP B 387 -21.13 -14.73 -6.10
N ALA B 388 -22.05 -15.28 -5.32
CA ALA B 388 -23.46 -14.88 -5.34
C ALA B 388 -23.66 -13.45 -4.85
N ALA B 389 -22.91 -13.06 -3.82
CA ALA B 389 -22.95 -11.70 -3.27
C ALA B 389 -22.30 -10.71 -4.24
N LYS B 390 -21.27 -11.17 -4.94
CA LYS B 390 -20.57 -10.39 -5.95
C LYS B 390 -21.44 -10.17 -7.19
N THR B 391 -22.27 -11.16 -7.49
CA THR B 391 -23.20 -11.09 -8.62
C THR B 391 -24.38 -10.17 -8.31
N ALA B 392 -24.82 -10.18 -7.06
CA ALA B 392 -25.97 -9.39 -6.60
C ALA B 392 -25.69 -7.88 -6.55
N LEU B 393 -24.44 -7.49 -6.75
CA LEU B 393 -24.04 -6.08 -6.69
C LEU B 393 -24.64 -5.25 -7.82
N ASN B 394 -25.16 -4.09 -7.46
CA ASN B 394 -25.78 -3.17 -8.41
C ASN B 394 -25.02 -1.84 -8.45
N TYR B 395 -24.42 -1.54 -9.60
CA TYR B 395 -23.65 -0.32 -9.79
C TYR B 395 -24.47 0.81 -10.42
N ASN B 396 -25.78 0.58 -10.55
CA ASN B 396 -26.69 1.50 -11.23
C ASN B 396 -27.65 2.24 -10.31
N LEU B 397 -27.37 2.21 -9.01
CA LEU B 397 -28.27 2.82 -8.02
C LEU B 397 -27.99 4.30 -7.82
N ASN B 398 -29.06 5.10 -7.76
CA ASN B 398 -28.97 6.53 -7.51
C ASN B 398 -29.00 6.85 -6.01
N ARG B 399 -28.91 8.14 -5.69
CA ARG B 399 -28.82 8.61 -4.29
C ARG B 399 -30.04 8.26 -3.44
N ASN B 400 -31.18 8.03 -4.09
CA ASN B 400 -32.41 7.61 -3.41
C ASN B 400 -32.31 6.23 -2.76
N LYS B 401 -31.48 5.36 -3.34
CA LYS B 401 -31.39 3.96 -2.91
C LYS B 401 -30.05 3.61 -2.26
N GLN B 402 -29.69 4.35 -1.22
CA GLN B 402 -28.48 4.08 -0.45
C GLN B 402 -28.67 2.87 0.46
N ALA B 403 -29.86 2.75 1.05
CA ALA B 403 -30.22 1.62 1.90
C ALA B 403 -30.21 0.30 1.14
N GLU B 404 -30.63 0.34 -0.12
CA GLU B 404 -30.60 -0.82 -1.00
C GLU B 404 -29.18 -1.27 -1.29
N LEU B 405 -28.28 -0.30 -1.49
CA LEU B 405 -26.87 -0.58 -1.74
C LEU B 405 -26.16 -1.06 -0.48
N ASP B 406 -26.50 -0.47 0.66
CA ASP B 406 -25.93 -0.87 1.96
C ASP B 406 -26.17 -2.35 2.27
N THR B 407 -27.36 -2.82 1.92
CA THR B 407 -27.74 -4.23 2.12
C THR B 407 -26.89 -5.18 1.27
N LEU B 408 -26.64 -4.79 0.02
CA LEU B 408 -25.84 -5.58 -0.90
C LEU B 408 -24.37 -5.63 -0.50
N VAL B 409 -23.87 -4.53 0.07
CA VAL B 409 -22.50 -4.45 0.57
C VAL B 409 -22.36 -5.25 1.87
N ALA B 410 -23.40 -5.22 2.69
CA ALA B 410 -23.44 -6.00 3.93
C ALA B 410 -23.48 -7.51 3.65
N ASN B 411 -24.21 -7.90 2.61
CA ASN B 411 -24.26 -9.29 2.15
C ASN B 411 -22.90 -9.75 1.64
N LEU B 412 -22.19 -8.85 0.95
CA LEU B 412 -20.83 -9.10 0.48
C LEU B 412 -19.89 -9.23 1.66
N LYS B 413 -20.07 -8.36 2.66
CA LYS B 413 -19.25 -8.38 3.89
C LYS B 413 -19.41 -9.69 4.66
N ALA B 414 -20.65 -10.19 4.72
CA ALA B 414 -20.94 -11.46 5.38
C ALA B 414 -20.38 -12.66 4.61
N ALA B 415 -20.31 -12.52 3.28
CA ALA B 415 -19.81 -13.57 2.40
C ALA B 415 -18.28 -13.71 2.44
N LEU B 416 -17.59 -12.62 2.80
CA LEU B 416 -16.13 -12.62 2.89
C LEU B 416 -15.58 -13.53 4.01
N GLN B 417 -16.45 -13.95 4.90
CA GLN B 417 -16.11 -14.96 5.91
C GLN B 417 -17.05 -16.16 5.88
N GLY B 418 -16.47 -17.33 5.63
CA GLY B 418 -17.23 -18.57 5.55
C GLY B 418 -16.34 -19.80 5.45
N GLY C 1 6.62 -42.70 30.43
CA GLY C 1 5.90 -41.53 29.84
C GLY C 1 6.54 -40.21 30.20
N SER C 2 5.80 -39.38 30.92
CA SER C 2 6.28 -38.08 31.37
C SER C 2 7.21 -38.20 32.57
N HIS C 3 7.03 -39.27 33.35
CA HIS C 3 7.91 -39.60 34.46
C HIS C 3 9.36 -39.74 33.97
N MET C 4 9.51 -40.31 32.77
CA MET C 4 10.82 -40.44 32.13
C MET C 4 11.31 -39.10 31.58
N GLU C 5 10.40 -38.32 31.00
CA GLU C 5 10.74 -37.02 30.42
C GLU C 5 11.20 -36.00 31.46
N LYS C 6 10.52 -35.98 32.61
CA LYS C 6 10.84 -35.07 33.70
C LYS C 6 12.23 -35.33 34.28
N LEU C 7 12.57 -36.61 34.44
CA LEU C 7 13.88 -37.01 34.93
C LEU C 7 14.99 -36.82 33.90
N ALA C 8 14.61 -36.85 32.62
CA ALA C 8 15.55 -36.65 31.51
C ALA C 8 16.02 -35.20 31.41
N LYS C 9 15.22 -34.28 31.93
CA LYS C 9 15.55 -32.85 31.92
C LYS C 9 16.72 -32.52 32.83
N ASN C 10 17.43 -31.43 32.50
CA ASN C 10 18.57 -30.98 33.29
C ASN C 10 18.14 -30.19 34.52
N LYS C 11 18.68 -30.56 35.67
CA LYS C 11 18.49 -29.82 36.91
C LYS C 11 19.86 -29.30 37.35
N VAL C 12 20.09 -28.01 37.17
CA VAL C 12 21.43 -27.44 37.31
C VAL C 12 21.53 -26.43 38.44
N ILE C 13 22.61 -26.53 39.21
CA ILE C 13 23.00 -25.51 40.18
C ILE C 13 24.21 -24.74 39.65
N SER C 14 24.06 -23.43 39.51
CA SER C 14 25.11 -22.58 38.96
C SER C 14 25.90 -21.86 40.07
N ILE C 15 27.22 -21.96 40.00
CA ILE C 15 28.11 -21.34 40.98
C ILE C 15 29.04 -20.34 40.29
N ASP C 16 29.01 -19.10 40.76
CA ASP C 16 29.87 -18.04 40.24
C ASP C 16 31.26 -18.13 40.90
N ALA C 17 32.09 -19.03 40.36
CA ALA C 17 33.47 -19.18 40.82
C ALA C 17 34.43 -18.37 39.96
N GLY C 18 33.87 -17.44 39.18
CA GLY C 18 34.65 -16.52 38.36
C GLY C 18 34.98 -15.25 39.11
N ARG C 19 33.94 -14.64 39.70
CA ARG C 19 34.09 -13.43 40.51
C ARG C 19 34.81 -13.73 41.83
N LYS C 20 34.46 -14.86 42.44
CA LYS C 20 34.94 -15.23 43.77
C LYS C 20 35.56 -16.63 43.76
N TYR C 21 36.59 -16.82 44.58
CA TYR C 21 37.27 -18.10 44.67
C TYR C 21 36.49 -19.13 45.49
N PHE C 22 36.45 -20.35 44.99
CA PHE C 22 35.90 -21.50 45.69
C PHE C 22 36.97 -22.60 45.71
N THR C 23 37.22 -23.19 46.88
CA THR C 23 38.18 -24.29 46.98
C THR C 23 37.60 -25.55 46.34
N LEU C 24 38.47 -26.50 46.02
CA LEU C 24 38.05 -27.78 45.44
C LEU C 24 37.06 -28.51 46.33
N ASN C 25 37.30 -28.47 47.65
CA ASN C 25 36.43 -29.11 48.64
C ASN C 25 35.05 -28.47 48.77
N GLN C 26 35.00 -27.14 48.64
CA GLN C 26 33.74 -26.41 48.64
C GLN C 26 32.88 -26.80 47.43
N LEU C 27 33.53 -26.94 46.28
CA LEU C 27 32.85 -27.33 45.05
C LEU C 27 32.47 -28.82 45.05
N LYS C 28 33.30 -29.64 45.68
CA LYS C 28 32.99 -31.06 45.88
C LYS C 28 31.73 -31.25 46.74
N ARG C 29 31.60 -30.42 47.77
CA ARG C 29 30.43 -30.47 48.65
C ARG C 29 29.16 -29.96 47.98
N ILE C 30 29.33 -29.06 47.02
CA ILE C 30 28.22 -28.60 46.18
C ILE C 30 27.75 -29.74 45.28
N VAL C 31 28.71 -30.47 44.71
CA VAL C 31 28.42 -31.68 43.92
C VAL C 31 27.74 -32.75 44.77
N ASP C 32 28.21 -32.90 46.01
CA ASP C 32 27.61 -33.82 46.99
C ASP C 32 26.13 -33.53 47.21
N LYS C 33 25.83 -32.27 47.51
CA LYS C 33 24.46 -31.84 47.77
C LYS C 33 23.60 -31.92 46.51
N ALA C 34 24.21 -31.66 45.36
CA ALA C 34 23.52 -31.76 44.07
C ALA C 34 23.07 -33.19 43.79
N SER C 35 23.97 -34.15 44.04
CA SER C 35 23.67 -35.57 43.86
C SER C 35 22.58 -36.06 44.82
N GLU C 36 22.66 -35.59 46.07
CA GLU C 36 21.69 -35.91 47.11
C GLU C 36 20.29 -35.45 46.76
N LEU C 37 20.18 -34.19 46.31
CA LEU C 37 18.88 -33.56 46.05
C LEU C 37 18.25 -33.97 44.71
N GLY C 38 19.05 -34.58 43.84
CA GLY C 38 18.55 -35.08 42.56
C GLY C 38 18.84 -34.19 41.37
N TYR C 39 19.87 -33.36 41.50
CA TYR C 39 20.34 -32.53 40.38
C TYR C 39 21.11 -33.40 39.38
N SER C 40 21.28 -32.87 38.17
CA SER C 40 22.01 -33.58 37.13
C SER C 40 23.34 -32.91 36.80
N ASP C 41 23.43 -31.60 37.04
CA ASP C 41 24.59 -30.82 36.63
C ASP C 41 25.00 -29.72 37.62
N VAL C 42 26.28 -29.37 37.57
CA VAL C 42 26.80 -28.18 38.26
C VAL C 42 27.41 -27.25 37.20
N HIS C 43 26.76 -26.11 37.00
CA HIS C 43 27.26 -25.09 36.09
C HIS C 43 28.29 -24.23 36.83
N LEU C 44 29.54 -24.31 36.38
CA LEU C 44 30.63 -23.64 37.06
C LEU C 44 31.25 -22.54 36.21
N LEU C 45 30.97 -21.28 36.57
CA LEU C 45 31.61 -20.15 35.93
C LEU C 45 33.04 -20.03 36.46
N LEU C 46 34.01 -20.15 35.56
CA LEU C 46 35.42 -20.05 35.93
C LEU C 46 35.98 -18.71 35.42
N GLY C 47 35.45 -18.26 34.29
CA GLY C 47 35.75 -16.94 33.75
C GLY C 47 34.51 -16.08 33.82
N ASN C 48 34.47 -15.19 34.82
CA ASN C 48 33.36 -14.26 35.01
C ASN C 48 33.88 -13.09 35.83
N ASP C 49 34.23 -12.00 35.15
CA ASP C 49 34.99 -10.88 35.73
C ASP C 49 36.43 -11.31 36.00
N GLY C 50 36.62 -12.13 37.04
CA GLY C 50 37.91 -12.75 37.30
C GLY C 50 38.02 -14.06 36.55
N LEU C 51 39.26 -14.46 36.26
CA LEU C 51 39.54 -15.73 35.60
C LEU C 51 40.24 -16.65 36.59
N ARG C 52 39.49 -17.60 37.12
CA ARG C 52 39.94 -18.41 38.25
C ARG C 52 40.18 -19.88 37.90
N PHE C 53 40.80 -20.09 36.74
CA PHE C 53 41.19 -21.43 36.29
C PHE C 53 42.40 -21.35 35.35
N LEU C 54 43.47 -22.04 35.72
CA LEU C 54 44.68 -22.08 34.92
C LEU C 54 45.01 -23.51 34.51
N LEU C 55 45.24 -23.70 33.21
CA LEU C 55 45.68 -24.99 32.68
C LEU C 55 47.18 -25.15 32.97
N ASP C 56 47.66 -26.40 32.94
CA ASP C 56 49.07 -26.69 33.14
C ASP C 56 49.94 -26.05 32.05
N ASP C 57 49.45 -26.07 30.82
CA ASP C 57 50.10 -25.37 29.72
C ASP C 57 49.21 -24.24 29.21
N MET C 58 49.67 -23.01 29.42
CA MET C 58 48.92 -21.82 29.03
C MET C 58 49.55 -21.09 27.85
N THR C 59 50.36 -21.80 27.07
CA THR C 59 51.01 -21.25 25.87
C THR C 59 49.96 -20.87 24.84
N ILE C 60 49.98 -19.61 24.41
CA ILE C 60 48.99 -19.08 23.47
C ILE C 60 49.66 -18.63 22.17
N THR C 61 49.10 -19.07 21.05
CA THR C 61 49.57 -18.68 19.71
C THR C 61 48.53 -17.79 19.04
N ALA C 62 48.89 -16.52 18.85
CA ALA C 62 48.00 -15.53 18.22
C ALA C 62 48.81 -14.35 17.70
N ASN C 63 48.27 -13.68 16.67
CA ASN C 63 48.86 -12.46 16.10
C ASN C 63 50.27 -12.63 15.54
N GLY C 64 50.56 -13.83 15.05
CA GLY C 64 51.86 -14.14 14.46
C GLY C 64 52.98 -14.38 15.46
N LYS C 65 52.62 -14.48 16.74
CA LYS C 65 53.59 -14.70 17.82
CA LYS C 65 53.59 -14.70 17.81
C LYS C 65 53.07 -15.69 18.85
N THR C 66 53.94 -16.07 19.78
N THR C 66 53.94 -16.06 19.79
CA THR C 66 53.56 -16.97 20.87
CA THR C 66 53.59 -16.98 20.87
C THR C 66 53.83 -16.34 22.22
C THR C 66 53.84 -16.35 22.23
N TYR C 67 52.90 -16.52 23.14
CA TYR C 67 53.01 -16.00 24.49
C TYR C 67 53.30 -17.17 25.42
N ALA C 68 54.43 -17.10 26.11
CA ALA C 68 54.91 -18.19 26.97
C ALA C 68 53.93 -18.54 28.09
N SER C 69 53.85 -19.82 28.40
CA SER C 69 52.92 -20.34 29.42
C SER C 69 53.06 -19.62 30.77
N ASP C 70 54.30 -19.42 31.21
CA ASP C 70 54.59 -18.72 32.48
C ASP C 70 54.14 -17.26 32.44
N ASP C 71 54.30 -16.63 31.28
CA ASP C 71 53.90 -15.22 31.10
C ASP C 71 52.37 -15.08 31.12
N VAL C 72 51.68 -16.01 30.47
CA VAL C 72 50.21 -16.02 30.42
C VAL C 72 49.62 -16.27 31.81
N LYS C 73 50.23 -17.21 32.55
CA LYS C 73 49.82 -17.51 33.92
C LYS C 73 50.00 -16.31 34.84
N LYS C 74 51.17 -15.68 34.77
CA LYS C 74 51.50 -14.51 35.60
C LYS C 74 50.60 -13.32 35.27
N ALA C 75 50.27 -13.14 33.99
CA ALA C 75 49.40 -12.06 33.55
C ALA C 75 47.96 -12.24 34.00
N ILE C 76 47.46 -13.47 33.92
CA ILE C 76 46.09 -13.79 34.32
C ILE C 76 45.90 -13.71 35.84
N ILE C 77 46.89 -14.19 36.59
CA ILE C 77 46.88 -14.06 38.05
C ILE C 77 46.83 -12.59 38.47
N GLU C 78 47.60 -11.74 37.79
CA GLU C 78 47.59 -10.30 38.03
C GLU C 78 46.27 -9.66 37.61
N GLY C 79 45.70 -10.13 36.50
CA GLY C 79 44.41 -9.64 36.01
C GLY C 79 43.27 -9.99 36.96
N THR C 80 43.30 -11.21 37.47
CA THR C 80 42.28 -11.69 38.42
C THR C 80 42.41 -10.98 39.77
N LYS C 81 43.64 -10.78 40.22
CA LYS C 81 43.90 -10.04 41.46
C LYS C 81 43.57 -8.55 41.32
N ALA C 82 43.67 -8.03 40.09
CA ALA C 82 43.30 -6.64 39.79
C ALA C 82 41.79 -6.42 39.91
N TYR C 83 41.01 -7.42 39.50
CA TYR C 83 39.56 -7.38 39.70
C TYR C 83 39.22 -7.50 41.18
N TYR C 84 39.66 -8.60 41.79
CA TYR C 84 39.48 -8.83 43.23
C TYR C 84 40.52 -9.82 43.74
N ASP C 85 41.39 -9.33 44.62
CA ASP C 85 42.41 -10.17 45.25
C ASP C 85 41.78 -10.96 46.39
N ASP C 86 41.17 -12.09 46.05
CA ASP C 86 40.51 -12.96 47.02
C ASP C 86 41.54 -13.60 47.95
N PRO C 87 41.40 -13.37 49.27
CA PRO C 87 42.32 -13.96 50.26
C PRO C 87 42.22 -15.48 50.39
N ASN C 88 41.09 -16.04 49.95
CA ASN C 88 40.88 -17.49 49.99
C ASN C 88 41.62 -18.25 48.89
N GLY C 89 41.98 -17.54 47.82
CA GLY C 89 42.69 -18.12 46.69
C GLY C 89 42.50 -17.31 45.43
N THR C 90 43.20 -17.69 44.36
CA THR C 90 43.13 -16.96 43.09
C THR C 90 42.52 -17.79 41.97
N ALA C 91 43.10 -18.96 41.71
CA ALA C 91 42.67 -19.82 40.61
C ALA C 91 42.78 -21.30 40.93
N LEU C 92 41.92 -22.10 40.29
CA LEU C 92 41.98 -23.55 40.39
C LEU C 92 42.98 -24.09 39.37
N THR C 93 43.69 -25.16 39.74
CA THR C 93 44.64 -25.80 38.86
C THR C 93 43.94 -26.77 37.91
N GLN C 94 44.68 -27.29 36.92
CA GLN C 94 44.15 -28.31 36.03
C GLN C 94 43.84 -29.60 36.80
N ALA C 95 44.72 -29.93 37.75
CA ALA C 95 44.56 -31.13 38.58
C ALA C 95 43.28 -31.09 39.45
N GLU C 96 42.94 -29.91 39.94
CA GLU C 96 41.75 -29.73 40.78
C GLU C 96 40.45 -29.87 39.99
N VAL C 97 40.39 -29.24 38.82
CA VAL C 97 39.19 -29.29 37.97
C VAL C 97 38.98 -30.68 37.36
N THR C 98 40.09 -31.34 36.99
CA THR C 98 40.04 -32.72 36.49
C THR C 98 39.48 -33.66 37.57
N GLU C 99 39.88 -33.44 38.82
CA GLU C 99 39.38 -34.20 39.96
C GLU C 99 37.90 -33.93 40.23
N LEU C 100 37.50 -32.67 40.08
CA LEU C 100 36.11 -32.26 40.29
C LEU C 100 35.18 -32.85 39.24
N ILE C 101 35.65 -32.92 37.99
CA ILE C 101 34.90 -33.53 36.90
C ILE C 101 34.73 -35.03 37.15
N GLU C 102 35.81 -35.69 37.55
CA GLU C 102 35.79 -37.13 37.81
C GLU C 102 34.98 -37.47 39.07
N TYR C 103 35.02 -36.58 40.06
CA TYR C 103 34.25 -36.74 41.29
C TYR C 103 32.75 -36.57 41.02
N ALA C 104 32.41 -35.61 40.17
CA ALA C 104 31.03 -35.38 39.78
C ALA C 104 30.50 -36.53 38.93
N LYS C 105 31.35 -37.04 38.04
CA LYS C 105 31.01 -38.17 37.17
C LYS C 105 30.69 -39.44 37.96
N SER C 106 31.38 -39.64 39.08
CA SER C 106 31.17 -40.80 39.94
C SER C 106 29.79 -40.78 40.62
N LYS C 107 29.25 -39.58 40.80
CA LYS C 107 27.91 -39.40 41.38
C LYS C 107 26.87 -39.00 40.33
N ASP C 108 27.17 -39.30 39.07
CA ASP C 108 26.30 -39.01 37.92
C ASP C 108 25.93 -37.53 37.78
N ILE C 109 26.89 -36.66 38.09
CA ILE C 109 26.74 -35.22 37.93
C ILE C 109 27.66 -34.74 36.81
N GLY C 110 27.09 -33.98 35.88
CA GLY C 110 27.88 -33.37 34.81
C GLY C 110 28.36 -31.99 35.22
N LEU C 111 29.47 -31.55 34.66
CA LEU C 111 29.95 -30.19 34.89
C LEU C 111 29.75 -29.36 33.61
N ILE C 112 29.23 -28.16 33.79
CA ILE C 112 29.08 -27.22 32.68
C ILE C 112 29.95 -25.99 32.95
N PRO C 113 31.16 -25.96 32.37
CA PRO C 113 32.06 -24.83 32.58
C PRO C 113 31.63 -23.58 31.81
N ALA C 114 31.95 -22.41 32.38
CA ALA C 114 31.65 -21.14 31.74
C ALA C 114 32.84 -20.19 31.80
N ILE C 115 33.29 -19.76 30.62
CA ILE C 115 34.33 -18.75 30.50
C ILE C 115 33.76 -17.59 29.68
N ASN C 116 33.54 -16.46 30.34
CA ASN C 116 32.77 -15.35 29.76
C ASN C 116 33.58 -14.40 28.87
N SER C 117 32.95 -14.00 27.78
CA SER C 117 33.49 -13.04 26.80
C SER C 117 32.39 -12.72 25.79
N PRO C 118 32.40 -11.52 25.19
CA PRO C 118 33.37 -10.42 25.34
C PRO C 118 33.14 -9.56 26.58
N GLY C 119 31.98 -9.71 27.22
CA GLY C 119 31.71 -9.03 28.48
C GLY C 119 32.21 -9.85 29.65
N HIS C 120 32.13 -9.29 30.85
CA HIS C 120 32.57 -9.95 32.10
C HIS C 120 33.96 -10.60 31.99
N MET C 121 34.93 -9.85 31.48
CA MET C 121 36.30 -10.38 31.32
C MET C 121 37.37 -9.39 31.80
N ASP C 122 37.14 -8.82 32.97
CA ASP C 122 38.06 -7.85 33.60
C ASP C 122 39.48 -8.38 33.68
N ALA C 123 39.61 -9.64 34.10
CA ALA C 123 40.91 -10.28 34.27
C ALA C 123 41.69 -10.44 32.96
N MET C 124 40.98 -10.85 31.91
CA MET C 124 41.59 -11.06 30.60
C MET C 124 42.12 -9.76 29.99
N LEU C 125 41.38 -8.67 30.20
CA LEU C 125 41.76 -7.35 29.68
C LEU C 125 43.07 -6.86 30.28
N VAL C 126 43.20 -6.98 31.59
CA VAL C 126 44.42 -6.60 32.31
C VAL C 126 45.57 -7.57 31.96
N ALA C 127 45.24 -8.85 31.85
CA ALA C 127 46.20 -9.89 31.44
C ALA C 127 46.80 -9.60 30.07
N MET C 128 45.96 -9.14 29.14
CA MET C 128 46.41 -8.78 27.80
C MET C 128 47.32 -7.54 27.81
N GLU C 129 46.99 -6.57 28.65
CA GLU C 129 47.84 -5.38 28.85
C GLU C 129 49.22 -5.76 29.38
N LYS C 130 49.26 -6.73 30.29
N LYS C 130 49.26 -6.74 30.28
CA LYS C 130 50.51 -7.22 30.88
CA LYS C 130 50.51 -7.22 30.87
C LYS C 130 51.35 -7.99 29.86
C LYS C 130 51.35 -7.97 29.85
N LEU C 131 50.69 -8.62 28.90
CA LEU C 131 51.35 -9.37 27.83
C LEU C 131 51.70 -8.50 26.62
N GLY C 132 51.36 -7.22 26.69
CA GLY C 132 51.72 -6.25 25.65
C GLY C 132 50.64 -5.95 24.62
N ILE C 133 49.41 -6.38 24.89
CA ILE C 133 48.28 -6.06 24.02
C ILE C 133 47.63 -4.76 24.50
N LYS C 134 47.88 -3.71 23.75
CA LYS C 134 47.49 -2.35 24.12
C LYS C 134 46.02 -2.08 23.83
N ASN C 135 45.36 -1.38 24.75
CA ASN C 135 43.95 -1.00 24.62
C ASN C 135 43.00 -2.14 24.19
N PRO C 136 42.93 -3.22 24.99
CA PRO C 136 42.02 -4.31 24.62
C PRO C 136 40.56 -4.03 24.97
N GLN C 137 40.33 -2.95 25.72
CA GLN C 137 39.00 -2.65 26.26
C GLN C 137 38.09 -1.91 25.27
N ALA C 138 36.79 -2.16 25.38
CA ALA C 138 35.77 -1.42 24.66
C ALA C 138 35.73 0.03 25.16
N HIS C 139 35.34 0.94 24.28
CA HIS C 139 35.39 2.37 24.56
C HIS C 139 34.10 3.06 24.11
N PHE C 140 33.31 3.55 25.07
CA PHE C 140 32.07 4.27 24.75
C PHE C 140 31.96 5.61 25.49
N ASP C 141 31.14 5.68 26.54
CA ASP C 141 31.06 6.88 27.38
C ASP C 141 32.36 7.08 28.14
N LYS C 142 33.04 5.97 28.41
CA LYS C 142 34.38 5.94 28.97
C LYS C 142 35.02 4.58 28.62
N VAL C 143 36.25 4.36 29.05
CA VAL C 143 36.94 3.10 28.81
C VAL C 143 36.35 2.02 29.73
N SER C 144 35.86 0.94 29.13
CA SER C 144 35.30 -0.18 29.89
C SER C 144 36.37 -0.92 30.66
N LYS C 145 35.99 -1.46 31.82
CA LYS C 145 36.89 -2.27 32.63
C LYS C 145 36.51 -3.74 32.55
N THR C 146 35.44 -4.03 31.80
CA THR C 146 34.83 -5.35 31.79
C THR C 146 34.79 -6.02 30.41
N THR C 147 34.80 -5.21 29.36
CA THR C 147 34.48 -5.69 28.02
C THR C 147 35.57 -5.41 26.97
N MET C 148 35.79 -6.39 26.10
CA MET C 148 36.76 -6.30 25.02
C MET C 148 36.25 -5.50 23.82
N ASP C 149 37.15 -4.71 23.23
CA ASP C 149 36.89 -4.01 21.98
C ASP C 149 36.83 -5.02 20.83
N LEU C 150 35.69 -5.06 20.14
CA LEU C 150 35.50 -5.96 18.99
C LEU C 150 36.34 -5.55 17.78
N LYS C 151 36.67 -4.26 17.69
CA LYS C 151 37.48 -3.72 16.61
C LYS C 151 38.97 -4.09 16.76
N ASN C 152 39.41 -4.29 18.00
CA ASN C 152 40.80 -4.64 18.28
C ASN C 152 41.11 -6.09 17.92
N GLU C 153 41.69 -6.29 16.73
CA GLU C 153 42.00 -7.62 16.22
C GLU C 153 43.02 -8.37 17.07
N GLU C 154 44.02 -7.63 17.58
CA GLU C 154 45.07 -8.22 18.42
C GLU C 154 44.50 -8.85 19.69
N ALA C 155 43.56 -8.14 20.32
CA ALA C 155 42.88 -8.63 21.52
C ALA C 155 41.91 -9.75 21.18
N MET C 156 41.22 -9.62 20.05
CA MET C 156 40.26 -10.61 19.58
C MET C 156 40.94 -11.95 19.25
N ASN C 157 42.11 -11.89 18.63
CA ASN C 157 42.88 -13.08 18.29
C ASN C 157 43.41 -13.83 19.51
N PHE C 158 43.82 -13.07 20.53
CA PHE C 158 44.33 -13.66 21.77
C PHE C 158 43.24 -14.40 22.53
N VAL C 159 42.10 -13.73 22.74
CA VAL C 159 40.99 -14.28 23.51
C VAL C 159 40.41 -15.54 22.83
N LYS C 160 40.26 -15.50 21.51
CA LYS C 160 39.82 -16.65 20.73
C LYS C 160 40.74 -17.87 20.95
N ALA C 161 42.04 -17.62 20.93
CA ALA C 161 43.04 -18.67 21.17
C ALA C 161 43.05 -19.12 22.63
N LEU C 162 42.78 -18.18 23.54
CA LEU C 162 42.68 -18.50 24.97
C LEU C 162 41.45 -19.35 25.28
N ILE C 163 40.32 -19.00 24.69
N ILE C 163 40.32 -18.98 24.69
CA ILE C 163 39.09 -19.77 24.84
CA ILE C 163 39.07 -19.74 24.81
C ILE C 163 39.18 -21.13 24.15
C ILE C 163 39.19 -21.12 24.17
N GLY C 164 39.95 -21.18 23.06
CA GLY C 164 40.22 -22.44 22.36
C GLY C 164 41.01 -23.43 23.19
N LYS C 165 41.98 -22.91 23.96
N LYS C 165 41.97 -22.91 23.97
CA LYS C 165 42.77 -23.72 24.89
CA LYS C 165 42.76 -23.73 24.88
C LYS C 165 41.92 -24.34 26.00
C LYS C 165 41.92 -24.34 26.00
N TYR C 166 40.97 -23.55 26.53
CA TYR C 166 40.05 -24.02 27.57
C TYR C 166 39.08 -25.04 26.99
N MET C 167 38.57 -24.79 25.79
CA MET C 167 37.69 -25.72 25.08
C MET C 167 38.39 -27.04 24.77
N ASP C 168 39.69 -26.98 24.50
CA ASP C 168 40.51 -28.17 24.26
C ASP C 168 40.60 -29.08 25.49
N PHE C 169 40.67 -28.46 26.67
CA PHE C 169 40.69 -29.20 27.93
C PHE C 169 39.36 -29.88 28.23
N PHE C 170 38.27 -29.12 28.09
CA PHE C 170 36.92 -29.62 28.38
C PHE C 170 36.37 -30.56 27.31
N ALA C 171 37.05 -30.62 26.17
CA ALA C 171 36.68 -31.55 25.10
C ALA C 171 36.87 -32.99 25.54
N GLY C 172 35.79 -33.76 25.53
CA GLY C 172 35.80 -35.15 25.96
C GLY C 172 35.62 -35.33 27.46
N LYS C 173 35.61 -34.23 28.20
CA LYS C 173 35.44 -34.26 29.65
C LYS C 173 34.04 -33.80 30.06
N THR C 174 33.53 -32.79 29.35
CA THR C 174 32.19 -32.25 29.59
C THR C 174 31.39 -32.22 28.30
N LYS C 175 30.06 -32.26 28.42
CA LYS C 175 29.17 -32.21 27.26
C LYS C 175 29.02 -30.79 26.73
N ILE C 176 28.91 -29.83 27.65
CA ILE C 176 28.55 -28.45 27.33
C ILE C 176 29.66 -27.46 27.67
N PHE C 177 29.78 -26.40 26.87
CA PHE C 177 30.68 -25.28 27.18
C PHE C 177 29.91 -23.97 27.03
N ASN C 178 29.83 -23.21 28.11
CA ASN C 178 29.17 -21.91 28.11
C ASN C 178 30.16 -20.78 27.84
N PHE C 179 29.99 -20.10 26.70
CA PHE C 179 30.87 -18.97 26.35
C PHE C 179 30.27 -17.61 26.70
N GLY C 180 29.13 -17.62 27.39
CA GLY C 180 28.55 -16.42 27.98
C GLY C 180 27.90 -15.45 27.00
N THR C 181 28.70 -14.49 26.51
CA THR C 181 28.24 -13.40 25.63
C THR C 181 27.03 -12.64 26.20
N ASP C 182 27.07 -12.38 27.51
CA ASP C 182 25.90 -11.87 28.22
C ASP C 182 25.77 -10.35 28.34
N GLU C 183 26.84 -9.62 28.04
CA GLU C 183 26.85 -8.16 28.10
CA GLU C 183 26.82 -8.15 28.06
C GLU C 183 27.87 -7.54 27.14
N TYR C 184 27.75 -6.24 26.89
CA TYR C 184 28.76 -5.51 26.15
C TYR C 184 28.97 -4.10 26.70
N ALA C 185 29.97 -3.98 27.57
CA ALA C 185 30.38 -2.71 28.18
C ALA C 185 29.23 -1.94 28.83
N ASN C 186 28.48 -2.63 29.68
CA ASN C 186 27.41 -1.99 30.46
C ASN C 186 27.93 -0.94 31.44
N ASP C 187 29.20 -1.07 31.82
CA ASP C 187 29.87 -0.11 32.69
C ASP C 187 30.26 1.16 31.95
N ALA C 188 30.36 1.07 30.62
CA ALA C 188 30.79 2.18 29.78
C ALA C 188 29.65 2.77 28.94
N THR C 189 28.43 2.29 29.18
CA THR C 189 27.26 2.69 28.39
C THR C 189 26.05 3.03 29.25
N SER C 190 26.23 3.00 30.57
CA SER C 190 25.13 3.11 31.54
C SER C 190 24.10 2.00 31.32
N ALA C 191 24.60 0.76 31.22
CA ALA C 191 23.78 -0.44 30.98
C ALA C 191 22.92 -0.36 29.71
N GLN C 192 23.56 0.03 28.61
CA GLN C 192 22.89 0.16 27.31
C GLN C 192 23.75 -0.45 26.20
N GLY C 193 24.52 -1.48 26.55
CA GLY C 193 25.51 -2.07 25.66
C GLY C 193 25.04 -2.49 24.27
N TRP C 194 23.86 -3.10 24.22
CA TRP C 194 23.29 -3.57 22.96
C TRP C 194 22.79 -2.43 22.09
N TYR C 195 22.28 -1.38 22.73
CA TYR C 195 21.85 -0.17 22.05
C TYR C 195 23.04 0.58 21.44
N TYR C 196 24.17 0.56 22.15
CA TYR C 196 25.41 1.18 21.67
C TYR C 196 26.05 0.40 20.52
N LEU C 197 25.97 -0.93 20.58
CA LEU C 197 26.44 -1.79 19.49
C LEU C 197 25.66 -1.53 18.20
N LYS C 198 24.35 -1.38 18.33
CA LYS C 198 23.47 -1.05 17.20
C LYS C 198 23.77 0.34 16.66
N TRP C 199 23.98 1.29 17.59
CA TRP C 199 24.27 2.68 17.25
C TRP C 199 25.55 2.81 16.43
N TYR C 200 26.60 2.12 16.84
CA TYR C 200 27.89 2.19 16.16
C TYR C 200 28.07 1.08 15.11
N GLN C 201 26.96 0.43 14.76
CA GLN C 201 26.92 -0.64 13.77
C GLN C 201 27.98 -1.73 14.03
N LEU C 202 28.02 -2.19 15.28
CA LEU C 202 28.98 -3.20 15.72
C LEU C 202 28.29 -4.48 16.20
N TYR C 203 26.95 -4.51 16.10
CA TYR C 203 26.16 -5.66 16.49
C TYR C 203 26.39 -6.85 15.56
N GLY C 204 26.66 -6.57 14.29
CA GLY C 204 27.02 -7.59 13.32
C GLY C 204 28.36 -8.23 13.64
N LYS C 205 29.28 -7.42 14.17
CA LYS C 205 30.60 -7.90 14.58
C LYS C 205 30.54 -8.69 15.90
N PHE C 206 29.57 -8.36 16.75
CA PHE C 206 29.32 -9.13 17.97
C PHE C 206 28.79 -10.53 17.61
N ALA C 207 27.83 -10.58 16.70
CA ALA C 207 27.25 -11.83 16.22
C ALA C 207 28.32 -12.72 15.59
N GLU C 208 29.18 -12.10 14.79
CA GLU C 208 30.31 -12.78 14.16
C GLU C 208 31.21 -13.44 15.21
N TYR C 209 31.42 -12.74 16.32
CA TYR C 209 32.22 -13.26 17.43
C TYR C 209 31.50 -14.39 18.18
N ALA C 210 30.19 -14.22 18.38
CA ALA C 210 29.36 -15.23 19.03
C ALA C 210 29.24 -16.50 18.18
N ASN C 211 29.11 -16.31 16.88
CA ASN C 211 29.05 -17.43 15.92
C ASN C 211 30.35 -18.19 15.84
N THR C 212 31.47 -17.48 15.95
CA THR C 212 32.80 -18.08 15.95
C THR C 212 33.00 -18.97 17.18
N LEU C 213 32.60 -18.45 18.35
CA LEU C 213 32.69 -19.21 19.61
C LEU C 213 31.83 -20.46 19.61
N ALA C 214 30.65 -20.36 19.02
CA ALA C 214 29.73 -21.50 18.88
C ALA C 214 30.29 -22.56 17.94
N ALA C 215 30.93 -22.11 16.86
CA ALA C 215 31.56 -23.00 15.89
C ALA C 215 32.82 -23.65 16.47
N MET C 216 33.50 -22.94 17.36
CA MET C 216 34.68 -23.45 18.06
C MET C 216 34.32 -24.58 19.01
N ALA C 217 33.21 -24.42 19.72
CA ALA C 217 32.72 -25.44 20.65
C ALA C 217 32.26 -26.71 19.92
N LYS C 218 31.49 -26.51 18.84
CA LYS C 218 30.94 -27.62 18.06
C LYS C 218 32.01 -28.48 17.39
N GLU C 219 33.08 -27.84 16.92
CA GLU C 219 34.19 -28.55 16.27
C GLU C 219 34.95 -29.43 17.25
N ARG C 220 34.96 -29.03 18.53
CA ARG C 220 35.66 -29.76 19.58
C ARG C 220 34.74 -30.71 20.36
N GLY C 221 33.56 -30.97 19.81
CA GLY C 221 32.60 -31.91 20.41
C GLY C 221 31.95 -31.38 21.67
N LEU C 222 31.80 -30.07 21.76
CA LEU C 222 31.15 -29.44 22.90
C LEU C 222 29.86 -28.77 22.45
N GLN C 223 28.78 -29.01 23.19
CA GLN C 223 27.52 -28.31 22.98
C GLN C 223 27.68 -26.85 23.38
N PRO C 224 27.51 -25.92 22.42
CA PRO C 224 27.67 -24.50 22.74
C PRO C 224 26.53 -23.96 23.58
N MET C 225 26.87 -23.15 24.58
CA MET C 225 25.90 -22.55 25.48
C MET C 225 26.22 -21.07 25.64
N ALA C 226 25.17 -20.25 25.72
CA ALA C 226 25.31 -18.82 25.96
C ALA C 226 24.05 -18.27 26.59
N PHE C 227 24.18 -17.13 27.27
CA PHE C 227 23.03 -16.43 27.82
C PHE C 227 22.27 -15.72 26.69
N ASN C 228 20.99 -15.45 26.92
CA ASN C 228 20.08 -14.95 25.88
C ASN C 228 20.31 -13.52 25.42
N ASP C 229 20.98 -12.73 26.27
CA ASP C 229 21.10 -11.29 26.11
C ASP C 229 21.48 -10.80 24.70
N GLY C 230 22.52 -11.41 24.12
CA GLY C 230 23.05 -10.95 22.84
C GLY C 230 22.34 -11.46 21.60
N PHE C 231 21.49 -12.46 21.76
CA PHE C 231 20.83 -13.11 20.64
C PHE C 231 19.57 -12.39 20.17
N TYR C 232 19.57 -12.02 18.89
CA TYR C 232 18.42 -11.39 18.23
C TYR C 232 17.79 -10.23 19.03
N TYR C 233 18.63 -9.29 19.43
CA TYR C 233 18.22 -8.16 20.27
C TYR C 233 17.00 -7.42 19.70
N GLU C 234 16.02 -7.19 20.55
CA GLU C 234 14.77 -6.50 20.21
C GLU C 234 13.96 -7.21 19.12
N ASP C 235 14.04 -8.53 19.10
CA ASP C 235 13.31 -9.39 18.16
C ASP C 235 13.60 -9.07 16.68
N LYS C 236 14.83 -8.66 16.38
CA LYS C 236 15.24 -8.33 15.03
C LYS C 236 16.16 -9.42 14.48
N ASP C 237 15.99 -9.75 13.20
CA ASP C 237 16.80 -10.80 12.57
C ASP C 237 17.59 -10.33 11.34
N ASP C 238 17.95 -9.05 11.32
CA ASP C 238 18.82 -8.51 10.27
C ASP C 238 20.26 -9.01 10.46
N VAL C 239 20.59 -9.39 11.70
CA VAL C 239 21.86 -10.04 12.01
C VAL C 239 21.58 -11.46 12.51
N GLN C 240 22.21 -12.44 11.87
CA GLN C 240 21.94 -13.85 12.14
C GLN C 240 22.86 -14.46 13.20
N PHE C 241 22.33 -15.42 13.95
CA PHE C 241 23.08 -16.12 14.99
C PHE C 241 23.01 -17.64 14.79
N ASP C 242 24.02 -18.34 15.33
CA ASP C 242 24.09 -19.80 15.29
C ASP C 242 22.88 -20.42 16.00
N LYS C 243 22.18 -21.32 15.32
CA LYS C 243 20.92 -21.89 15.81
C LYS C 243 21.11 -23.07 16.77
N ASP C 244 22.33 -23.57 16.87
CA ASP C 244 22.62 -24.75 17.69
C ASP C 244 22.94 -24.43 19.15
N VAL C 245 23.05 -23.14 19.46
CA VAL C 245 23.41 -22.68 20.79
C VAL C 245 22.30 -22.96 21.81
N LEU C 246 22.68 -23.63 22.91
CA LEU C 246 21.77 -23.83 24.03
C LEU C 246 21.64 -22.51 24.79
N ILE C 247 20.44 -21.93 24.75
CA ILE C 247 20.20 -20.61 25.32
C ILE C 247 19.84 -20.68 26.80
N SER C 248 20.74 -20.13 27.63
CA SER C 248 20.48 -19.96 29.05
C SER C 248 19.65 -18.70 29.26
N TYR C 249 18.33 -18.85 29.17
CA TYR C 249 17.42 -17.70 29.28
C TYR C 249 17.15 -17.32 30.73
N TRP C 250 17.44 -16.07 31.06
CA TRP C 250 17.31 -15.59 32.44
C TRP C 250 16.35 -14.41 32.59
N SER C 251 16.26 -13.58 31.56
CA SER C 251 15.41 -12.38 31.57
C SER C 251 15.22 -11.77 30.17
N LYS C 252 14.13 -11.04 30.00
CA LYS C 252 13.88 -10.28 28.77
C LYS C 252 14.43 -8.86 28.91
N GLY C 253 15.01 -8.57 30.08
CA GLY C 253 15.59 -7.27 30.35
C GLY C 253 14.66 -6.36 31.13
N TRP C 254 14.81 -5.06 30.91
CA TRP C 254 14.06 -4.03 31.61
C TRP C 254 13.83 -2.86 30.67
N TRP C 255 13.38 -1.71 31.19
CA TRP C 255 13.14 -0.54 30.35
C TRP C 255 14.42 -0.09 29.65
N GLY C 256 14.35 -0.02 28.31
CA GLY C 256 15.49 0.38 27.49
C GLY C 256 16.40 -0.79 27.12
N TYR C 257 16.35 -1.85 27.92
CA TYR C 257 17.15 -3.04 27.70
C TYR C 257 16.29 -4.11 27.02
N ASN C 258 16.07 -3.93 25.72
CA ASN C 258 15.10 -4.70 24.98
C ASN C 258 15.63 -6.03 24.43
N LEU C 259 15.84 -6.99 25.33
CA LEU C 259 16.33 -8.31 24.93
C LEU C 259 15.23 -9.10 24.21
N ALA C 260 15.63 -10.08 23.40
CA ALA C 260 14.70 -10.93 22.67
C ALA C 260 13.81 -11.72 23.62
N SER C 261 12.55 -11.86 23.26
CA SER C 261 11.59 -12.63 24.04
C SER C 261 11.84 -14.13 23.90
N PRO C 262 11.40 -14.93 24.89
CA PRO C 262 11.52 -16.39 24.76
C PRO C 262 10.69 -16.92 23.60
N GLN C 263 9.57 -16.25 23.31
CA GLN C 263 8.71 -16.61 22.17
C GLN C 263 9.43 -16.43 20.83
N TYR C 264 10.18 -15.33 20.70
CA TYR C 264 10.91 -15.02 19.47
C TYR C 264 12.11 -15.95 19.25
N LEU C 265 12.83 -16.25 20.33
CA LEU C 265 13.98 -17.16 20.25
C LEU C 265 13.53 -18.59 19.99
N ALA C 266 12.37 -18.96 20.54
CA ALA C 266 11.78 -20.28 20.29
C ALA C 266 11.28 -20.43 18.86
N SER C 267 10.87 -19.32 18.25
CA SER C 267 10.45 -19.30 16.84
C SER C 267 11.66 -19.46 15.90
N LYS C 268 12.85 -19.13 16.41
CA LYS C 268 14.09 -19.29 15.67
C LYS C 268 14.67 -20.70 15.81
N GLY C 269 14.01 -21.52 16.64
CA GLY C 269 14.40 -22.92 16.82
C GLY C 269 15.31 -23.19 18.00
N TYR C 270 15.46 -22.20 18.88
CA TYR C 270 16.35 -22.31 20.03
C TYR C 270 15.77 -23.16 21.16
N LYS C 271 16.60 -24.03 21.71
CA LYS C 271 16.28 -24.79 22.92
C LYS C 271 16.81 -24.01 24.13
N PHE C 272 16.04 -24.05 25.22
CA PHE C 272 16.37 -23.25 26.41
C PHE C 272 16.84 -24.09 27.58
N LEU C 273 17.75 -23.51 28.37
CA LEU C 273 17.98 -23.94 29.74
C LEU C 273 17.40 -22.85 30.63
N ASN C 274 16.26 -23.16 31.26
CA ASN C 274 15.51 -22.18 32.05
C ASN C 274 16.31 -21.67 33.25
N THR C 275 16.98 -20.54 33.06
CA THR C 275 17.81 -19.94 34.10
C THR C 275 17.11 -18.71 34.69
N ASN C 276 15.83 -18.88 34.99
CA ASN C 276 14.98 -17.79 35.46
C ASN C 276 15.63 -16.94 36.55
N GLY C 277 15.63 -15.62 36.34
CA GLY C 277 16.22 -14.67 37.29
C GLY C 277 15.53 -14.60 38.63
N ASP C 278 14.36 -15.23 38.72
CA ASP C 278 13.61 -15.33 39.97
C ASP C 278 14.34 -16.20 41.01
N TRP C 279 15.08 -17.20 40.52
CA TRP C 279 15.80 -18.12 41.40
C TRP C 279 17.21 -17.66 41.76
N TYR C 280 17.54 -16.42 41.39
CA TYR C 280 18.86 -15.84 41.63
C TYR C 280 19.13 -15.52 43.10
N TYR C 281 20.30 -15.92 43.59
CA TYR C 281 20.80 -15.45 44.88
C TYR C 281 22.22 -14.90 44.75
N ILE C 282 22.35 -13.61 45.05
CA ILE C 282 23.65 -12.96 45.10
C ILE C 282 24.14 -13.02 46.55
N LEU C 283 25.37 -13.49 46.75
CA LEU C 283 25.94 -13.69 48.08
C LEU C 283 25.91 -12.40 48.91
N GLY C 284 25.33 -12.49 50.10
CA GLY C 284 25.28 -11.37 51.05
C GLY C 284 24.20 -10.34 50.77
N GLN C 285 23.37 -10.60 49.77
CA GLN C 285 22.25 -9.70 49.42
C GLN C 285 21.17 -9.78 50.48
N LYS C 286 20.81 -8.62 51.02
N LYS C 286 20.80 -8.60 51.01
CA LYS C 286 19.77 -8.52 52.06
CA LYS C 286 19.77 -8.50 52.05
C LYS C 286 18.47 -7.98 51.47
C LYS C 286 18.45 -8.00 51.44
N PRO C 287 17.32 -8.28 52.12
CA PRO C 287 16.00 -7.80 51.67
C PRO C 287 15.88 -6.29 51.47
N GLU C 288 16.69 -5.52 52.21
CA GLU C 288 16.74 -4.06 52.09
C GLU C 288 17.29 -3.62 50.73
N ASP C 289 18.22 -4.41 50.19
CA ASP C 289 18.87 -4.10 48.91
C ASP C 289 17.95 -4.34 47.72
N GLY C 290 16.96 -5.22 47.90
CA GLY C 290 16.11 -5.67 46.81
C GLY C 290 16.84 -6.71 45.98
N GLY C 291 16.34 -6.98 44.78
CA GLY C 291 16.95 -7.94 43.88
C GLY C 291 16.97 -9.36 44.43
N GLY C 292 18.00 -10.11 44.06
CA GLY C 292 18.10 -11.53 44.42
C GLY C 292 18.65 -11.81 45.81
N PHE C 293 17.84 -11.56 46.83
CA PHE C 293 18.19 -11.97 48.20
C PHE C 293 17.61 -13.35 48.51
N LEU C 294 18.18 -14.01 49.53
CA LEU C 294 17.90 -15.41 49.84
C LEU C 294 16.42 -15.74 50.03
N LYS C 295 15.71 -14.91 50.79
CA LYS C 295 14.30 -15.14 51.08
C LYS C 295 13.42 -15.10 49.84
N LYS C 296 13.73 -14.19 48.91
CA LYS C 296 12.99 -14.10 47.65
C LYS C 296 13.27 -15.29 46.74
N ALA C 297 14.53 -15.72 46.70
CA ALA C 297 14.96 -16.85 45.87
C ALA C 297 14.32 -18.17 46.32
N ILE C 298 14.24 -18.37 47.63
CA ILE C 298 13.60 -19.56 48.23
C ILE C 298 12.09 -19.53 47.97
N GLU C 299 11.51 -18.33 48.05
CA GLU C 299 10.08 -18.11 47.80
C GLU C 299 9.71 -18.35 46.34
N ASN C 300 10.53 -17.80 45.43
CA ASN C 300 10.32 -17.94 43.98
C ASN C 300 10.52 -19.37 43.49
N THR C 301 11.30 -20.14 44.24
CA THR C 301 11.49 -21.57 43.99
C THR C 301 10.15 -22.30 43.96
N GLY C 302 9.20 -21.85 44.79
CA GLY C 302 7.85 -22.38 44.82
C GLY C 302 6.89 -21.61 43.91
N LYS C 303 7.04 -20.28 43.89
CA LYS C 303 6.15 -19.41 43.13
C LYS C 303 6.32 -19.49 41.62
N THR C 304 7.56 -19.54 41.15
CA THR C 304 7.86 -19.66 39.72
C THR C 304 7.95 -21.13 39.33
N PRO C 305 7.08 -21.57 38.39
CA PRO C 305 7.09 -22.95 37.89
C PRO C 305 8.42 -23.36 37.27
N PHE C 306 8.73 -24.65 37.36
CA PHE C 306 9.97 -25.23 36.85
C PHE C 306 10.20 -24.90 35.38
N ASN C 307 9.13 -24.94 34.58
CA ASN C 307 9.21 -24.71 33.14
C ASN C 307 8.93 -23.27 32.72
N GLN C 308 8.64 -22.40 33.68
CA GLN C 308 8.33 -21.00 33.37
C GLN C 308 9.59 -20.22 33.04
N LEU C 309 9.70 -19.83 31.76
CA LEU C 309 10.75 -18.93 31.32
C LEU C 309 10.43 -17.51 31.76
N ALA C 310 11.45 -16.70 31.97
CA ALA C 310 11.27 -15.31 32.40
C ALA C 310 10.47 -14.50 31.39
N SER C 311 9.63 -13.61 31.90
CA SER C 311 8.74 -12.75 31.11
C SER C 311 7.55 -13.48 30.45
N THR C 312 7.35 -14.74 30.84
CA THR C 312 6.21 -15.51 30.35
C THR C 312 5.38 -16.09 31.49
N LYS C 313 4.09 -16.29 31.22
CA LYS C 313 3.17 -16.90 32.18
C LYS C 313 2.94 -18.36 31.81
N TYR C 314 3.35 -19.26 32.72
CA TYR C 314 3.21 -20.70 32.51
C TYR C 314 1.97 -21.21 33.25
N PRO C 315 1.25 -22.20 32.67
CA PRO C 315 1.51 -22.92 31.41
C PRO C 315 0.99 -22.23 30.14
N GLU C 316 0.31 -21.09 30.31
CA GLU C 316 -0.24 -20.32 29.19
C GLU C 316 0.75 -20.25 28.03
N VAL C 317 1.96 -19.76 28.31
CA VAL C 317 3.07 -19.84 27.38
C VAL C 317 3.92 -21.06 27.75
N ASP C 318 3.91 -22.07 26.89
CA ASP C 318 4.59 -23.33 27.13
C ASP C 318 5.62 -23.57 26.04
N LEU C 319 6.88 -23.25 26.33
CA LEU C 319 7.97 -23.38 25.37
C LEU C 319 8.95 -24.48 25.77
N PRO C 320 9.41 -25.29 24.80
CA PRO C 320 10.32 -26.40 25.05
C PRO C 320 11.59 -26.00 25.80
N THR C 321 11.85 -26.69 26.90
CA THR C 321 13.02 -26.44 27.72
C THR C 321 13.73 -27.77 27.99
N VAL C 322 15.06 -27.76 27.96
CA VAL C 322 15.85 -28.96 28.26
C VAL C 322 15.97 -29.19 29.76
N GLY C 323 15.54 -28.19 30.54
CA GLY C 323 15.64 -28.24 31.99
C GLY C 323 15.83 -26.86 32.59
N SER C 324 16.06 -26.80 33.90
CA SER C 324 16.18 -25.53 34.59
C SER C 324 17.49 -25.37 35.38
N MET C 325 17.91 -24.12 35.55
CA MET C 325 19.13 -23.80 36.27
C MET C 325 18.88 -22.75 37.35
N LEU C 326 19.22 -23.09 38.59
CA LEU C 326 19.20 -22.14 39.70
C LEU C 326 20.61 -21.58 39.88
N SER C 327 20.71 -20.26 39.96
CA SER C 327 22.02 -19.60 39.91
C SER C 327 22.42 -18.88 41.20
N ILE C 328 23.68 -19.10 41.59
CA ILE C 328 24.29 -18.38 42.72
C ILE C 328 25.35 -17.44 42.16
N TRP C 329 25.23 -16.16 42.48
CA TRP C 329 26.14 -15.13 41.97
C TRP C 329 26.94 -14.48 43.09
N ALA C 330 28.11 -13.95 42.72
CA ALA C 330 28.99 -13.29 43.67
C ALA C 330 29.33 -11.86 43.24
N ASP C 331 28.29 -11.09 42.91
CA ASP C 331 28.42 -9.71 42.44
C ASP C 331 29.41 -8.89 43.27
N ARG C 332 29.33 -9.04 44.59
CA ARG C 332 30.34 -8.51 45.50
C ARG C 332 31.07 -9.72 46.08
N PRO C 333 32.21 -10.10 45.46
CA PRO C 333 32.93 -11.34 45.79
C PRO C 333 33.54 -11.35 47.19
N SER C 334 33.59 -10.20 47.85
CA SER C 334 34.10 -10.09 49.22
C SER C 334 33.08 -10.59 50.25
N ALA C 335 31.83 -10.71 49.84
CA ALA C 335 30.77 -11.25 50.69
C ALA C 335 31.04 -12.71 51.04
N GLU C 336 30.73 -13.08 52.27
CA GLU C 336 31.01 -14.41 52.79
C GLU C 336 30.13 -15.47 52.12
N TYR C 337 30.77 -16.52 51.60
CA TYR C 337 30.07 -17.68 51.08
C TYR C 337 29.63 -18.58 52.24
N LYS C 338 28.32 -18.62 52.46
CA LYS C 338 27.74 -19.48 53.48
C LYS C 338 27.11 -20.71 52.81
N GLU C 339 27.77 -21.84 52.97
CA GLU C 339 27.36 -23.11 52.36
C GLU C 339 25.90 -23.47 52.64
N GLU C 340 25.46 -23.26 53.87
CA GLU C 340 24.10 -23.61 54.30
C GLU C 340 22.99 -22.81 53.61
N GLU C 341 23.31 -21.59 53.19
CA GLU C 341 22.36 -20.74 52.47
C GLU C 341 22.06 -21.32 51.09
N ILE C 342 23.13 -21.68 50.38
CA ILE C 342 23.03 -22.27 49.04
C ILE C 342 22.37 -23.64 49.12
N PHE C 343 22.73 -24.41 50.15
CA PHE C 343 22.17 -25.74 50.39
C PHE C 343 20.66 -25.70 50.67
N GLU C 344 20.21 -24.69 51.40
CA GLU C 344 18.77 -24.51 51.69
C GLU C 344 18.00 -24.13 50.43
N LEU C 345 18.58 -23.25 49.62
CA LEU C 345 17.98 -22.81 48.36
C LEU C 345 17.93 -23.95 47.35
N MET C 346 19.00 -24.76 47.32
CA MET C 346 19.08 -25.95 46.47
C MET C 346 18.03 -26.98 46.87
N THR C 347 17.86 -27.18 48.17
CA THR C 347 16.90 -28.13 48.73
C THR C 347 15.47 -27.70 48.44
N ALA C 348 15.21 -26.40 48.59
CA ALA C 348 13.89 -25.83 48.30
C ALA C 348 13.47 -26.08 46.85
N PHE C 349 14.41 -25.89 45.92
CA PHE C 349 14.16 -26.06 44.49
C PHE C 349 13.88 -27.51 44.13
N ALA C 350 14.53 -28.43 44.85
CA ALA C 350 14.29 -29.86 44.69
C ALA C 350 12.97 -30.28 45.35
N ASP C 351 12.66 -29.67 46.49
CA ASP C 351 11.45 -30.00 47.25
C ASP C 351 10.16 -29.54 46.57
N HIS C 352 10.21 -28.41 45.88
CA HIS C 352 9.06 -27.90 45.14
C HIS C 352 8.86 -28.62 43.81
N ASN C 353 9.89 -29.36 43.37
CA ASN C 353 9.86 -30.05 42.08
C ASN C 353 10.34 -31.50 42.19
N LYS C 354 9.73 -32.26 43.09
CA LYS C 354 10.15 -33.63 43.39
C LYS C 354 10.01 -34.60 42.22
N ASP C 355 9.06 -34.31 41.32
CA ASP C 355 8.83 -35.13 40.13
C ASP C 355 9.93 -34.98 39.07
N TYR C 356 10.66 -33.87 39.13
CA TYR C 356 11.76 -33.61 38.20
C TYR C 356 13.10 -34.12 38.72
N PHE C 357 13.33 -33.96 40.03
CA PHE C 357 14.59 -34.33 40.66
C PHE C 357 14.65 -35.82 41.01
N ARG C 358 15.83 -36.41 40.83
CA ARG C 358 16.08 -37.81 41.19
C ARG C 358 16.05 -38.02 42.70
N ALA C 359 15.93 -39.29 43.10
CA ALA C 359 16.06 -39.66 44.50
C ALA C 359 17.53 -39.65 44.91
N ASN C 360 17.78 -39.73 46.22
CA ASN C 360 19.14 -39.76 46.74
C ASN C 360 19.76 -41.14 46.61
N TYR C 361 20.73 -41.29 45.71
CA TYR C 361 21.36 -42.58 45.42
C TYR C 361 22.73 -42.79 46.04
N ASN C 362 23.07 -41.96 47.02
CA ASN C 362 24.36 -42.06 47.71
C ASN C 362 24.48 -43.28 48.62
N ALA C 363 23.43 -43.57 49.39
CA ALA C 363 23.40 -44.75 50.27
C ALA C 363 23.42 -46.05 49.47
N LEU C 364 22.81 -46.02 48.28
CA LEU C 364 22.80 -47.16 47.37
C LEU C 364 24.20 -47.45 46.82
N ARG C 365 24.92 -46.39 46.45
CA ARG C 365 26.29 -46.53 45.94
C ARG C 365 27.28 -46.94 47.01
N GLU C 366 27.02 -46.54 48.26
CA GLU C 366 27.82 -46.95 49.41
C GLU C 366 27.66 -48.45 49.70
N GLU C 367 26.42 -48.94 49.55
CA GLU C 367 26.10 -50.34 49.79
C GLU C 367 26.64 -51.26 48.70
N LEU C 368 26.66 -50.77 47.47
CA LEU C 368 27.18 -51.53 46.32
C LEU C 368 28.70 -51.69 46.36
N ALA C 369 29.38 -50.73 46.99
CA ALA C 369 30.83 -50.77 47.14
C ALA C 369 31.28 -51.83 48.14
N LYS C 370 30.36 -52.31 48.97
CA LYS C 370 30.62 -53.34 49.97
C LYS C 370 30.69 -54.74 49.37
N ILE C 371 30.11 -54.90 48.18
CA ILE C 371 30.07 -56.18 47.46
C ILE C 371 31.48 -56.63 47.04
N PRO C 372 31.82 -57.90 47.31
CA PRO C 372 33.12 -58.48 46.91
C PRO C 372 33.29 -58.51 45.40
N GLY C 377 32.77 -65.58 44.73
CA GLY C 377 32.24 -66.86 45.19
C GLY C 377 33.22 -67.61 46.09
N TYR C 378 32.83 -67.99 47.31
CA TYR C 378 31.49 -67.77 47.91
C TYR C 378 30.46 -68.84 47.54
N SER C 379 29.53 -69.08 48.45
CA SER C 379 28.45 -70.05 48.23
C SER C 379 27.54 -70.21 49.45
N LYS C 380 26.27 -70.55 49.21
CA LYS C 380 25.73 -70.78 47.87
C LYS C 380 24.48 -69.93 47.66
N GLU C 381 23.42 -70.27 48.39
CA GLU C 381 22.13 -69.58 48.31
C GLU C 381 22.23 -68.15 48.86
N SER C 382 23.37 -67.83 49.45
CA SER C 382 23.68 -66.47 49.91
C SER C 382 23.99 -65.55 48.73
N LEU C 383 24.52 -66.13 47.65
CA LEU C 383 24.76 -65.39 46.41
C LEU C 383 23.46 -65.12 45.66
N GLU C 384 22.45 -65.95 45.91
CA GLU C 384 21.14 -65.82 45.27
C GLU C 384 20.29 -64.75 45.95
N ALA C 385 20.55 -64.50 47.23
CA ALA C 385 19.88 -63.44 47.98
C ALA C 385 20.42 -62.07 47.59
N LEU C 386 21.74 -62.01 47.36
CA LEU C 386 22.41 -60.78 46.93
C LEU C 386 22.06 -60.43 45.48
N ASP C 387 21.88 -61.45 44.65
CA ASP C 387 21.56 -61.26 43.24
C ASP C 387 20.13 -60.75 43.04
N ALA C 388 19.19 -61.29 43.79
CA ALA C 388 17.78 -60.92 43.70
C ALA C 388 17.53 -59.47 44.14
N ALA C 389 18.26 -59.03 45.16
CA ALA C 389 18.16 -57.67 45.67
C ALA C 389 18.84 -56.66 44.75
N LYS C 390 19.91 -57.10 44.09
CA LYS C 390 20.62 -56.30 43.10
C LYS C 390 19.76 -56.11 41.85
N THR C 391 18.90 -57.10 41.59
CA THR C 391 17.96 -57.06 40.47
C THR C 391 16.81 -56.08 40.75
N ALA C 392 16.33 -56.08 41.98
CA ALA C 392 15.17 -55.28 42.39
C ALA C 392 15.47 -53.78 42.52
N LEU C 393 16.74 -53.41 42.39
CA LEU C 393 17.16 -52.01 42.50
C LEU C 393 16.60 -51.16 41.36
N ASN C 394 15.98 -50.04 41.73
CA ASN C 394 15.40 -49.11 40.77
C ASN C 394 16.21 -47.82 40.73
N TYR C 395 16.83 -47.56 39.57
CA TYR C 395 17.65 -46.36 39.37
C TYR C 395 16.86 -45.21 38.76
N ASN C 396 15.55 -45.43 38.57
CA ASN C 396 14.69 -44.46 37.89
C ASN C 396 13.73 -43.73 38.81
N LEU C 397 14.01 -43.74 40.12
CA LEU C 397 13.11 -43.13 41.10
C LEU C 397 13.38 -41.65 41.32
N ASN C 398 12.31 -40.86 41.37
CA ASN C 398 12.42 -39.42 41.64
C ASN C 398 12.38 -39.11 43.15
N ARG C 399 12.42 -37.83 43.49
CA ARG C 399 12.50 -37.38 44.89
C ARG C 399 11.27 -37.74 45.74
N ASN C 400 10.14 -37.98 45.08
CA ASN C 400 8.91 -38.42 45.75
C ASN C 400 9.01 -39.83 46.32
N LYS C 401 9.95 -40.61 45.81
CA LYS C 401 10.05 -42.03 46.14
C LYS C 401 11.33 -42.41 46.88
N GLN C 402 11.71 -41.62 47.88
CA GLN C 402 12.92 -41.89 48.66
C GLN C 402 12.72 -43.08 49.61
N ALA C 403 11.54 -43.16 50.23
CA ALA C 403 11.20 -44.26 51.13
C ALA C 403 11.13 -45.59 50.39
N GLU C 404 10.64 -45.55 49.15
CA GLU C 404 10.58 -46.72 48.29
C GLU C 404 11.98 -47.18 47.88
N LEU C 405 12.89 -46.22 47.71
CA LEU C 405 14.29 -46.51 47.41
C LEU C 405 15.02 -47.05 48.63
N ASP C 406 14.79 -46.43 49.79
CA ASP C 406 15.41 -46.86 51.05
C ASP C 406 15.05 -48.30 51.41
N THR C 407 13.82 -48.69 51.07
CA THR C 407 13.34 -50.07 51.27
C THR C 407 14.14 -51.05 50.40
N LEU C 408 14.40 -50.66 49.15
CA LEU C 408 15.16 -51.47 48.21
C LEU C 408 16.64 -51.59 48.61
N VAL C 409 17.17 -50.51 49.20
CA VAL C 409 18.54 -50.50 49.72
C VAL C 409 18.63 -51.34 51.01
N ALA C 410 17.58 -51.29 51.82
CA ALA C 410 17.50 -52.09 53.05
C ALA C 410 17.46 -53.60 52.76
N ASN C 411 16.85 -53.96 51.64
CA ASN C 411 16.82 -55.34 51.18
C ASN C 411 18.19 -55.80 50.66
N LEU C 412 18.91 -54.87 50.03
CA LEU C 412 20.28 -55.12 49.56
C LEU C 412 21.24 -55.23 50.74
N LYS C 413 20.94 -54.50 51.82
CA LYS C 413 21.71 -54.53 53.05
C LYS C 413 21.69 -55.91 53.71
N ALA C 414 20.49 -56.49 53.84
CA ALA C 414 20.32 -57.81 54.43
C ALA C 414 20.92 -58.92 53.56
N ALA C 415 20.96 -58.67 52.25
CA ALA C 415 21.51 -59.60 51.28
C ALA C 415 23.04 -59.73 51.41
N LEU C 416 23.69 -58.59 51.67
CA LEU C 416 25.15 -58.55 51.84
C LEU C 416 25.60 -59.40 53.04
N GLN C 417 25.00 -59.15 54.20
CA GLN C 417 25.27 -59.93 55.40
C GLN C 417 24.36 -61.17 55.46
N GLY C 418 24.73 -62.17 54.67
CA GLY C 418 23.96 -63.42 54.59
C GLY C 418 24.73 -64.52 53.88
N HIS D 3 12.60 4.09 -47.62
CA HIS D 3 13.11 3.17 -46.56
C HIS D 3 12.48 1.79 -46.66
N MET D 4 13.19 0.80 -46.16
CA MET D 4 12.72 -0.58 -46.05
C MET D 4 11.51 -0.69 -45.11
N GLU D 5 11.48 0.18 -44.11
CA GLU D 5 10.49 0.14 -43.04
C GLU D 5 9.14 0.72 -43.48
N LYS D 6 9.19 1.81 -44.26
CA LYS D 6 7.98 2.44 -44.81
C LYS D 6 7.28 1.50 -45.79
N LEU D 7 8.07 0.78 -46.58
CA LEU D 7 7.56 -0.17 -47.56
C LEU D 7 7.07 -1.47 -46.92
N ALA D 8 7.64 -1.81 -45.76
CA ALA D 8 7.24 -3.01 -45.01
C ALA D 8 5.87 -2.85 -44.35
N LYS D 9 5.47 -1.60 -44.14
CA LYS D 9 4.17 -1.27 -43.56
C LYS D 9 3.02 -1.63 -44.50
N ASN D 10 1.86 -1.92 -43.93
CA ASN D 10 0.67 -2.29 -44.69
C ASN D 10 -0.07 -1.10 -45.27
N LYS D 11 -0.35 -1.17 -46.57
CA LYS D 11 -1.18 -0.19 -47.25
C LYS D 11 -2.44 -0.91 -47.73
N VAL D 12 -3.55 -0.68 -47.05
CA VAL D 12 -4.76 -1.48 -47.26
C VAL D 12 -5.94 -0.65 -47.76
N ILE D 13 -6.64 -1.18 -48.76
CA ILE D 13 -7.92 -0.65 -49.19
C ILE D 13 -9.04 -1.56 -48.68
N SER D 14 -10.02 -0.97 -48.00
CA SER D 14 -11.12 -1.73 -47.41
C SER D 14 -12.40 -1.60 -48.24
N ILE D 15 -12.98 -2.74 -48.60
CA ILE D 15 -14.21 -2.79 -49.38
C ILE D 15 -15.33 -3.47 -48.58
N ASP D 16 -16.41 -2.73 -48.35
CA ASP D 16 -17.57 -3.25 -47.65
C ASP D 16 -18.43 -4.08 -48.60
N ALA D 17 -18.02 -5.32 -48.82
CA ALA D 17 -18.76 -6.26 -49.65
C ALA D 17 -19.71 -7.11 -48.80
N GLY D 18 -19.99 -6.64 -47.59
CA GLY D 18 -20.93 -7.29 -46.68
C GLY D 18 -22.32 -6.70 -46.80
N ARG D 19 -22.40 -5.37 -46.73
CA ARG D 19 -23.66 -4.66 -46.89
C ARG D 19 -24.14 -4.71 -48.35
N LYS D 20 -23.21 -4.57 -49.27
CA LYS D 20 -23.50 -4.49 -50.70
C LYS D 20 -22.71 -5.52 -51.50
N TYR D 21 -23.34 -6.07 -52.53
CA TYR D 21 -22.71 -7.09 -53.38
C TYR D 21 -21.68 -6.47 -54.33
N PHE D 22 -20.52 -7.10 -54.41
CA PHE D 22 -19.48 -6.77 -55.38
C PHE D 22 -19.16 -8.01 -56.19
N THR D 23 -19.08 -7.87 -57.50
CA THR D 23 -18.74 -9.00 -58.38
C THR D 23 -17.26 -9.34 -58.28
N LEU D 24 -16.91 -10.56 -58.68
CA LEU D 24 -15.51 -11.02 -58.68
C LEU D 24 -14.62 -10.09 -59.49
N ASN D 25 -15.10 -9.67 -60.65
CA ASN D 25 -14.36 -8.77 -61.54
C ASN D 25 -14.22 -7.36 -60.99
N GLN D 26 -15.26 -6.88 -60.29
CA GLN D 26 -15.20 -5.60 -59.59
C GLN D 26 -14.13 -5.62 -58.50
N LEU D 27 -14.03 -6.75 -57.80
CA LEU D 27 -13.03 -6.94 -56.75
C LEU D 27 -11.64 -7.17 -57.34
N LYS D 28 -11.58 -7.84 -58.49
CA LYS D 28 -10.33 -8.04 -59.21
C LYS D 28 -9.75 -6.73 -59.72
N ARG D 29 -10.63 -5.83 -60.16
CA ARG D 29 -10.22 -4.51 -60.65
C ARG D 29 -9.77 -3.59 -59.52
N ILE D 30 -10.32 -3.79 -58.33
CA ILE D 30 -9.86 -3.09 -57.12
C ILE D 30 -8.46 -3.57 -56.74
N VAL D 31 -8.22 -4.88 -56.91
CA VAL D 31 -6.90 -5.47 -56.68
C VAL D 31 -5.87 -4.94 -57.69
N ASP D 32 -6.29 -4.79 -58.94
CA ASP D 32 -5.44 -4.25 -60.01
C ASP D 32 -4.99 -2.82 -59.71
N LYS D 33 -5.93 -2.00 -59.26
CA LYS D 33 -5.64 -0.61 -58.88
C LYS D 33 -4.80 -0.55 -57.61
N ALA D 34 -5.05 -1.47 -56.69
CA ALA D 34 -4.27 -1.59 -55.46
C ALA D 34 -2.82 -1.96 -55.76
N SER D 35 -2.64 -2.88 -56.70
CA SER D 35 -1.31 -3.32 -57.12
C SER D 35 -0.51 -2.21 -57.80
N GLU D 36 -1.18 -1.43 -58.66
CA GLU D 36 -0.52 -0.37 -59.41
C GLU D 36 -0.20 0.87 -58.56
N LEU D 37 -1.04 1.15 -57.57
CA LEU D 37 -0.86 2.33 -56.72
C LEU D 37 0.17 2.11 -55.61
N GLY D 38 0.47 0.85 -55.34
CA GLY D 38 1.49 0.50 -54.35
C GLY D 38 0.95 -0.01 -53.02
N TYR D 39 -0.32 -0.43 -53.03
CA TYR D 39 -0.94 -1.03 -51.85
C TYR D 39 -0.37 -2.42 -51.59
N SER D 40 -0.58 -2.92 -50.38
CA SER D 40 -0.10 -4.25 -50.01
C SER D 40 -1.25 -5.24 -49.80
N ASP D 41 -2.42 -4.72 -49.43
CA ASP D 41 -3.57 -5.56 -49.08
C ASP D 41 -4.92 -5.00 -49.53
N VAL D 42 -5.90 -5.90 -49.64
CA VAL D 42 -7.30 -5.54 -49.82
C VAL D 42 -8.10 -6.17 -48.67
N HIS D 43 -8.64 -5.30 -47.81
CA HIS D 43 -9.47 -5.75 -46.69
C HIS D 43 -10.90 -5.92 -47.15
N LEU D 44 -11.36 -7.18 -47.20
CA LEU D 44 -12.67 -7.49 -47.75
C LEU D 44 -13.66 -7.95 -46.68
N LEU D 45 -14.62 -7.07 -46.39
CA LEU D 45 -15.72 -7.40 -45.48
C LEU D 45 -16.72 -8.28 -46.22
N LEU D 46 -16.88 -9.52 -45.74
CA LEU D 46 -17.81 -10.46 -46.34
C LEU D 46 -19.05 -10.61 -45.47
N GLY D 47 -18.85 -10.53 -44.16
CA GLY D 47 -19.96 -10.50 -43.20
C GLY D 47 -20.01 -9.14 -42.54
N ASN D 48 -20.95 -8.32 -43.01
CA ASN D 48 -21.17 -6.98 -42.46
C ASN D 48 -22.62 -6.57 -42.75
N ASP D 49 -23.49 -6.80 -41.76
CA ASP D 49 -24.95 -6.71 -41.92
C ASP D 49 -25.47 -7.90 -42.74
N GLY D 50 -25.13 -7.91 -44.04
CA GLY D 50 -25.40 -9.06 -44.90
C GLY D 50 -24.21 -9.98 -44.95
N LEU D 51 -24.47 -11.28 -45.12
CA LEU D 51 -23.41 -12.27 -45.24
C LEU D 51 -23.31 -12.74 -46.70
N ARG D 52 -22.30 -12.23 -47.39
CA ARG D 52 -22.19 -12.39 -48.84
C ARG D 52 -21.04 -13.29 -49.28
N PHE D 53 -20.85 -14.39 -48.53
CA PHE D 53 -19.89 -15.43 -48.89
C PHE D 53 -20.36 -16.78 -48.38
N LEU D 54 -20.56 -17.72 -49.31
CA LEU D 54 -21.00 -19.07 -48.98
C LEU D 54 -19.93 -20.09 -49.37
N LEU D 55 -19.53 -20.92 -48.41
CA LEU D 55 -18.62 -22.02 -48.67
C LEU D 55 -19.36 -23.13 -49.40
N ASP D 56 -18.60 -23.99 -50.10
CA ASP D 56 -19.16 -25.14 -50.81
C ASP D 56 -19.85 -26.11 -49.84
N ASP D 57 -19.25 -26.30 -48.67
CA ASP D 57 -19.85 -27.07 -47.60
C ASP D 57 -20.13 -26.15 -46.41
N MET D 58 -21.42 -26.02 -46.08
CA MET D 58 -21.85 -25.14 -45.00
C MET D 58 -22.46 -25.90 -43.82
N THR D 59 -22.08 -27.17 -43.67
CA THR D 59 -22.56 -28.01 -42.58
C THR D 59 -22.03 -27.50 -41.23
N ILE D 60 -22.95 -27.24 -40.31
CA ILE D 60 -22.62 -26.71 -38.98
C ILE D 60 -22.98 -27.69 -37.88
N THR D 61 -22.04 -27.89 -36.95
CA THR D 61 -22.26 -28.71 -35.76
C THR D 61 -22.29 -27.81 -34.53
N ALA D 62 -23.46 -27.73 -33.90
CA ALA D 62 -23.65 -26.90 -32.71
C ALA D 62 -24.86 -27.35 -31.89
N ASN D 63 -24.76 -27.17 -30.57
CA ASN D 63 -25.85 -27.46 -29.63
C ASN D 63 -26.29 -28.94 -29.59
N GLY D 64 -25.36 -29.83 -29.91
CA GLY D 64 -25.62 -31.27 -29.91
C GLY D 64 -26.33 -31.80 -31.14
N LYS D 65 -26.52 -30.92 -32.14
CA LYS D 65 -27.15 -31.29 -33.39
C LYS D 65 -26.35 -30.75 -34.58
N THR D 66 -26.67 -31.24 -35.77
CA THR D 66 -26.04 -30.75 -36.99
C THR D 66 -27.04 -30.13 -37.96
N TYR D 67 -26.69 -28.97 -38.48
CA TYR D 67 -27.52 -28.24 -39.42
C TYR D 67 -27.00 -28.51 -40.83
N ALA D 68 -27.87 -29.06 -41.68
CA ALA D 68 -27.50 -29.47 -43.04
C ALA D 68 -26.99 -28.31 -43.89
N SER D 69 -26.02 -28.59 -44.75
CA SER D 69 -25.36 -27.59 -45.59
C SER D 69 -26.33 -26.79 -46.47
N ASP D 70 -27.26 -27.49 -47.10
CA ASP D 70 -28.28 -26.86 -47.95
C ASP D 70 -29.20 -25.93 -47.17
N ASP D 71 -29.55 -26.35 -45.95
CA ASP D 71 -30.41 -25.56 -45.07
C ASP D 71 -29.71 -24.29 -44.59
N VAL D 72 -28.40 -24.40 -44.31
CA VAL D 72 -27.59 -23.27 -43.86
C VAL D 72 -27.41 -22.24 -44.98
N LYS D 73 -27.13 -22.73 -46.19
CA LYS D 73 -27.03 -21.87 -47.38
C LYS D 73 -28.34 -21.13 -47.63
N LYS D 74 -29.44 -21.88 -47.58
CA LYS D 74 -30.78 -21.34 -47.79
C LYS D 74 -31.17 -20.30 -46.75
N ALA D 75 -30.76 -20.54 -45.49
CA ALA D 75 -31.06 -19.64 -44.39
C ALA D 75 -30.27 -18.33 -44.49
N ILE D 76 -29.00 -18.44 -44.88
CA ILE D 76 -28.12 -17.27 -45.02
C ILE D 76 -28.53 -16.37 -46.19
N ILE D 77 -28.91 -16.97 -47.31
CA ILE D 77 -29.41 -16.23 -48.47
C ILE D 77 -30.68 -15.46 -48.12
N GLU D 78 -31.58 -16.11 -47.36
CA GLU D 78 -32.80 -15.46 -46.89
C GLU D 78 -32.54 -14.37 -45.85
N GLY D 79 -31.47 -14.53 -45.08
CA GLY D 79 -31.06 -13.52 -44.10
C GLY D 79 -30.43 -12.30 -44.75
N THR D 80 -29.63 -12.55 -45.79
CA THR D 80 -28.94 -11.48 -46.52
C THR D 80 -29.92 -10.67 -47.37
N LYS D 81 -30.90 -11.35 -47.97
CA LYS D 81 -31.94 -10.69 -48.75
C LYS D 81 -32.93 -9.92 -47.85
N ALA D 82 -33.04 -10.35 -46.59
CA ALA D 82 -33.88 -9.67 -45.61
C ALA D 82 -33.28 -8.32 -45.19
N TYR D 83 -31.96 -8.28 -45.08
CA TYR D 83 -31.26 -7.01 -44.82
C TYR D 83 -31.33 -6.11 -46.06
N TYR D 84 -30.79 -6.60 -47.17
CA TYR D 84 -30.85 -5.90 -48.45
C TYR D 84 -30.76 -6.88 -49.61
N ASP D 85 -31.84 -6.98 -50.38
CA ASP D 85 -31.90 -7.84 -51.55
C ASP D 85 -31.25 -7.13 -52.73
N ASP D 86 -29.92 -7.21 -52.80
CA ASP D 86 -29.14 -6.58 -53.85
C ASP D 86 -29.47 -7.18 -55.21
N PRO D 87 -29.91 -6.33 -56.17
CA PRO D 87 -30.23 -6.80 -57.53
C PRO D 87 -29.01 -7.28 -58.32
N ASN D 88 -27.82 -6.80 -57.94
CA ASN D 88 -26.57 -7.18 -58.60
C ASN D 88 -26.10 -8.59 -58.26
N GLY D 89 -26.51 -9.09 -57.10
CA GLY D 89 -26.13 -10.44 -56.64
C GLY D 89 -26.35 -10.60 -55.14
N THR D 90 -26.17 -11.81 -54.64
CA THR D 90 -26.39 -12.10 -53.22
C THR D 90 -25.10 -12.42 -52.48
N ALA D 91 -24.41 -13.47 -52.91
CA ALA D 91 -23.21 -13.95 -52.21
C ALA D 91 -22.15 -14.49 -53.17
N LEU D 92 -20.89 -14.31 -52.79
CA LEU D 92 -19.76 -14.87 -53.54
C LEU D 92 -19.59 -16.35 -53.20
N THR D 93 -19.22 -17.14 -54.20
CA THR D 93 -19.00 -18.57 -54.01
C THR D 93 -17.59 -18.83 -53.46
N GLN D 94 -17.34 -20.07 -53.04
CA GLN D 94 -16.00 -20.46 -52.60
C GLN D 94 -15.02 -20.41 -53.77
N ALA D 95 -15.51 -20.78 -54.96
CA ALA D 95 -14.70 -20.75 -56.19
C ALA D 95 -14.28 -19.33 -56.57
N GLU D 96 -15.14 -18.35 -56.31
CA GLU D 96 -14.86 -16.95 -56.63
C GLU D 96 -13.83 -16.33 -55.68
N VAL D 97 -14.01 -16.56 -54.38
CA VAL D 97 -13.08 -16.03 -53.37
C VAL D 97 -11.69 -16.67 -53.49
N THR D 98 -11.67 -17.97 -53.77
CA THR D 98 -10.41 -18.71 -54.01
C THR D 98 -9.64 -18.14 -55.21
N GLU D 99 -10.38 -17.79 -56.27
CA GLU D 99 -9.77 -17.17 -57.44
C GLU D 99 -9.25 -15.78 -57.12
N LEU D 100 -10.02 -15.03 -56.32
CA LEU D 100 -9.65 -13.66 -55.93
C LEU D 100 -8.36 -13.61 -55.11
N ILE D 101 -8.18 -14.54 -54.18
N ILE D 101 -8.21 -14.55 -54.19
CA ILE D 101 -6.97 -14.57 -53.36
CA ILE D 101 -7.02 -14.66 -53.33
C ILE D 101 -5.73 -15.03 -54.12
C ILE D 101 -5.77 -15.01 -54.14
N GLU D 102 -5.92 -15.93 -55.09
CA GLU D 102 -4.83 -16.39 -55.95
C GLU D 102 -4.46 -15.32 -56.98
N TYR D 103 -5.47 -14.53 -57.38
CA TYR D 103 -5.27 -13.39 -58.26
C TYR D 103 -4.54 -12.26 -57.54
N ALA D 104 -4.91 -12.04 -56.28
CA ALA D 104 -4.27 -11.01 -55.45
C ALA D 104 -2.82 -11.39 -55.15
N LYS D 105 -2.60 -12.68 -54.89
CA LYS D 105 -1.26 -13.21 -54.58
C LYS D 105 -0.29 -13.05 -55.76
N SER D 106 -0.80 -13.14 -56.98
CA SER D 106 0.00 -12.99 -58.19
C SER D 106 0.48 -11.54 -58.40
N LYS D 107 -0.24 -10.59 -57.81
CA LYS D 107 0.16 -9.18 -57.85
C LYS D 107 0.75 -8.71 -56.51
N ASP D 108 1.16 -9.66 -55.67
CA ASP D 108 1.71 -9.39 -54.34
C ASP D 108 0.77 -8.61 -53.44
N ILE D 109 -0.51 -8.97 -53.49
CA ILE D 109 -1.54 -8.37 -52.66
C ILE D 109 -2.14 -9.46 -51.76
N GLY D 110 -2.25 -9.17 -50.47
CA GLY D 110 -2.89 -10.08 -49.53
C GLY D 110 -4.35 -9.70 -49.32
N LEU D 111 -5.18 -10.69 -49.01
CA LEU D 111 -6.58 -10.44 -48.69
C LEU D 111 -6.78 -10.47 -47.17
N ILE D 112 -7.57 -9.52 -46.68
CA ILE D 112 -7.92 -9.48 -45.26
C ILE D 112 -9.44 -9.66 -45.12
N PRO D 113 -9.89 -10.91 -44.94
CA PRO D 113 -11.32 -11.18 -44.82
C PRO D 113 -11.92 -10.70 -43.51
N ALA D 114 -13.20 -10.32 -43.54
CA ALA D 114 -13.89 -9.84 -42.36
C ALA D 114 -15.30 -10.41 -42.23
N ILE D 115 -15.52 -11.13 -41.14
CA ILE D 115 -16.84 -11.67 -40.79
C ILE D 115 -17.23 -11.06 -39.45
N ASN D 116 -18.19 -10.13 -39.48
CA ASN D 116 -18.52 -9.31 -38.31
C ASN D 116 -19.49 -9.95 -37.33
N SER D 117 -19.14 -9.86 -36.05
CA SER D 117 -19.97 -10.33 -34.93
C SER D 117 -19.39 -9.74 -33.65
N PRO D 118 -20.20 -9.62 -32.57
CA PRO D 118 -21.62 -9.98 -32.46
C PRO D 118 -22.57 -8.91 -33.00
N GLY D 119 -22.01 -7.79 -33.47
CA GLY D 119 -22.78 -6.75 -34.13
C GLY D 119 -22.64 -6.83 -35.63
N HIS D 120 -23.44 -6.03 -36.34
CA HIS D 120 -23.48 -6.02 -37.81
C HIS D 120 -23.63 -7.43 -38.41
N MET D 121 -24.60 -8.18 -37.88
CA MET D 121 -24.86 -9.55 -38.34
C MET D 121 -26.36 -9.82 -38.53
N ASP D 122 -27.02 -8.90 -39.24
CA ASP D 122 -28.45 -8.99 -39.53
C ASP D 122 -28.82 -10.29 -40.22
N ALA D 123 -27.99 -10.67 -41.20
CA ALA D 123 -28.21 -11.86 -42.01
C ALA D 123 -28.16 -13.15 -41.18
N MET D 124 -27.18 -13.23 -40.28
CA MET D 124 -27.00 -14.41 -39.43
C MET D 124 -28.15 -14.57 -38.42
N LEU D 125 -28.64 -13.45 -37.90
CA LEU D 125 -29.76 -13.46 -36.95
C LEU D 125 -31.03 -14.02 -37.58
N VAL D 126 -31.32 -13.56 -38.79
CA VAL D 126 -32.47 -14.06 -39.56
C VAL D 126 -32.22 -15.50 -40.02
N ALA D 127 -30.97 -15.79 -40.38
CA ALA D 127 -30.56 -17.14 -40.78
C ALA D 127 -30.76 -18.16 -39.67
N MET D 128 -30.46 -17.75 -38.43
CA MET D 128 -30.63 -18.62 -37.26
C MET D 128 -32.10 -18.89 -36.96
N GLU D 129 -32.94 -17.87 -37.15
CA GLU D 129 -34.39 -18.02 -36.99
C GLU D 129 -34.96 -19.05 -37.97
N LYS D 130 -34.43 -19.06 -39.19
CA LYS D 130 -34.85 -20.00 -40.23
C LYS D 130 -34.40 -21.43 -39.92
N LEU D 131 -33.27 -21.56 -39.23
CA LEU D 131 -32.73 -22.86 -38.85
C LEU D 131 -33.30 -23.38 -37.53
N GLY D 132 -34.12 -22.56 -36.87
CA GLY D 132 -34.84 -22.98 -35.67
C GLY D 132 -34.31 -22.39 -34.37
N ILE D 133 -33.34 -21.50 -34.46
CA ILE D 133 -32.79 -20.82 -33.28
C ILE D 133 -33.64 -19.60 -32.94
N LYS D 134 -34.39 -19.72 -31.84
CA LYS D 134 -35.38 -18.72 -31.45
C LYS D 134 -34.74 -17.54 -30.69
N ASN D 135 -35.21 -16.34 -31.02
CA ASN D 135 -34.73 -15.10 -30.41
C ASN D 135 -33.21 -14.98 -30.27
N PRO D 136 -32.48 -15.01 -31.41
CA PRO D 136 -31.02 -14.89 -31.34
C PRO D 136 -30.57 -13.45 -31.14
N GLN D 137 -31.51 -12.50 -31.24
CA GLN D 137 -31.22 -11.07 -31.20
C GLN D 137 -31.06 -10.54 -29.78
N ALA D 138 -30.21 -9.52 -29.63
CA ALA D 138 -30.06 -8.80 -28.38
C ALA D 138 -31.31 -7.96 -28.10
N HIS D 139 -31.58 -7.72 -26.83
CA HIS D 139 -32.80 -7.05 -26.40
C HIS D 139 -32.49 -5.95 -25.39
N PHE D 140 -32.79 -4.70 -25.76
CA PHE D 140 -32.61 -3.56 -24.86
C PHE D 140 -33.83 -2.63 -24.82
N ASP D 141 -33.76 -1.50 -25.51
CA ASP D 141 -34.92 -0.60 -25.64
C ASP D 141 -35.93 -1.21 -26.61
N LYS D 142 -35.42 -1.87 -27.64
CA LYS D 142 -36.20 -2.68 -28.55
C LYS D 142 -35.40 -3.94 -28.90
N VAL D 143 -36.01 -4.83 -29.69
CA VAL D 143 -35.31 -6.01 -30.20
C VAL D 143 -34.37 -5.58 -31.31
N SER D 144 -33.08 -5.90 -31.15
CA SER D 144 -32.06 -5.53 -32.14
C SER D 144 -32.25 -6.29 -33.45
N LYS D 145 -31.93 -5.62 -34.55
CA LYS D 145 -31.98 -6.25 -35.87
C LYS D 145 -30.57 -6.60 -36.36
N THR D 146 -29.57 -6.10 -35.63
CA THR D 146 -28.18 -6.19 -36.05
C THR D 146 -27.30 -7.06 -35.14
N THR D 147 -27.71 -7.21 -33.88
CA THR D 147 -26.83 -7.77 -32.85
C THR D 147 -27.38 -9.01 -32.15
N MET D 148 -26.47 -9.95 -31.89
CA MET D 148 -26.79 -11.20 -31.21
C MET D 148 -26.80 -11.05 -29.69
N ASP D 149 -27.72 -11.76 -29.05
CA ASP D 149 -27.79 -11.85 -27.60
C ASP D 149 -26.67 -12.77 -27.08
N LEU D 150 -25.80 -12.21 -26.24
CA LEU D 150 -24.68 -12.95 -25.66
C LEU D 150 -25.14 -14.04 -24.69
N LYS D 151 -26.28 -13.80 -24.05
CA LYS D 151 -26.85 -14.74 -23.08
C LYS D 151 -27.51 -15.96 -23.75
N ASN D 152 -27.83 -15.82 -25.03
CA ASN D 152 -28.43 -16.90 -25.81
C ASN D 152 -27.37 -17.91 -26.26
N GLU D 153 -27.24 -19.00 -25.49
CA GLU D 153 -26.24 -20.05 -25.76
C GLU D 153 -26.40 -20.71 -27.13
N GLU D 154 -27.64 -21.01 -27.51
CA GLU D 154 -27.95 -21.68 -28.78
C GLU D 154 -27.47 -20.86 -29.99
N ALA D 155 -27.65 -19.55 -29.91
CA ALA D 155 -27.20 -18.63 -30.96
C ALA D 155 -25.69 -18.45 -30.93
N MET D 156 -25.14 -18.36 -29.72
CA MET D 156 -23.70 -18.19 -29.50
C MET D 156 -22.90 -19.39 -29.99
N ASN D 157 -23.39 -20.58 -29.71
CA ASN D 157 -22.76 -21.83 -30.15
C ASN D 157 -22.80 -22.01 -31.67
N PHE D 158 -23.85 -21.50 -32.30
CA PHE D 158 -24.00 -21.59 -33.75
C PHE D 158 -23.03 -20.69 -34.50
N VAL D 159 -22.96 -19.42 -34.09
N VAL D 159 -22.96 -19.42 -34.11
CA VAL D 159 -22.12 -18.42 -34.74
CA VAL D 159 -22.10 -18.44 -34.79
C VAL D 159 -20.63 -18.68 -34.56
C VAL D 159 -20.61 -18.71 -34.58
N LYS D 160 -20.27 -19.30 -33.43
CA LYS D 160 -18.88 -19.69 -33.15
C LYS D 160 -18.43 -20.80 -34.09
N ALA D 161 -19.34 -21.74 -34.35
CA ALA D 161 -19.09 -22.81 -35.30
C ALA D 161 -19.12 -22.30 -36.75
N LEU D 162 -19.96 -21.29 -36.99
CA LEU D 162 -20.07 -20.68 -38.32
C LEU D 162 -18.81 -19.89 -38.69
N ILE D 163 -18.35 -19.04 -37.78
CA ILE D 163 -17.10 -18.29 -37.97
C ILE D 163 -15.92 -19.25 -38.00
N GLY D 164 -16.00 -20.31 -37.19
CA GLY D 164 -15.01 -21.39 -37.21
C GLY D 164 -14.86 -22.04 -38.58
N LYS D 165 -15.97 -22.21 -39.29
CA LYS D 165 -15.96 -22.75 -40.64
C LYS D 165 -15.33 -21.80 -41.64
N TYR D 166 -15.62 -20.50 -41.51
CA TYR D 166 -15.00 -19.47 -42.35
C TYR D 166 -13.51 -19.36 -42.07
N MET D 167 -13.14 -19.43 -40.79
CA MET D 167 -11.74 -19.41 -40.37
C MET D 167 -10.97 -20.63 -40.89
N ASP D 168 -11.66 -21.77 -41.00
CA ASP D 168 -11.08 -23.00 -41.54
C ASP D 168 -10.71 -22.85 -43.01
N PHE D 169 -11.54 -22.11 -43.76
CA PHE D 169 -11.28 -21.86 -45.17
C PHE D 169 -10.09 -20.93 -45.38
N PHE D 170 -10.06 -19.82 -44.64
CA PHE D 170 -9.00 -18.81 -44.79
C PHE D 170 -7.66 -19.23 -44.16
N ALA D 171 -7.69 -20.33 -43.41
CA ALA D 171 -6.47 -20.89 -42.81
C ALA D 171 -5.53 -21.43 -43.88
N GLY D 172 -4.34 -20.84 -43.95
CA GLY D 172 -3.34 -21.21 -44.95
C GLY D 172 -3.47 -20.45 -46.26
N LYS D 173 -4.46 -19.56 -46.33
CA LYS D 173 -4.71 -18.76 -47.52
C LYS D 173 -4.41 -17.28 -47.28
N THR D 174 -4.90 -16.76 -46.15
CA THR D 174 -4.66 -15.37 -45.77
C THR D 174 -3.94 -15.29 -44.43
N LYS D 175 -3.21 -14.20 -44.20
CA LYS D 175 -2.47 -14.01 -42.97
C LYS D 175 -3.36 -13.53 -41.82
N ILE D 176 -4.32 -12.68 -42.13
CA ILE D 176 -5.14 -12.00 -41.12
C ILE D 176 -6.62 -12.35 -41.27
N PHE D 177 -7.32 -12.43 -40.13
CA PHE D 177 -8.77 -12.60 -40.10
C PHE D 177 -9.39 -11.55 -39.18
N ASN D 178 -10.32 -10.76 -39.73
CA ASN D 178 -11.00 -9.72 -38.97
C ASN D 178 -12.37 -10.19 -38.47
N PHE D 179 -12.47 -10.44 -37.17
CA PHE D 179 -13.74 -10.86 -36.57
C PHE D 179 -14.61 -9.71 -36.07
N GLY D 180 -14.14 -8.48 -36.31
CA GLY D 180 -14.94 -7.28 -36.09
C GLY D 180 -15.10 -6.83 -34.65
N THR D 181 -16.16 -7.32 -33.99
CA THR D 181 -16.57 -6.88 -32.65
C THR D 181 -16.67 -5.35 -32.52
N ASP D 182 -17.25 -4.72 -33.55
CA ASP D 182 -17.24 -3.26 -33.67
C ASP D 182 -18.43 -2.54 -33.01
N GLU D 183 -19.50 -3.28 -32.73
CA GLU D 183 -20.67 -2.70 -32.07
C GLU D 183 -21.38 -3.72 -31.20
N TYR D 184 -22.31 -3.24 -30.37
CA TYR D 184 -23.27 -4.09 -29.71
C TYR D 184 -24.63 -3.43 -29.57
N ALA D 185 -25.52 -3.74 -30.50
CA ALA D 185 -26.92 -3.29 -30.49
C ALA D 185 -27.10 -1.78 -30.40
N ASN D 186 -26.39 -1.04 -31.27
CA ASN D 186 -26.54 0.41 -31.34
C ASN D 186 -27.92 0.85 -31.83
N ASP D 187 -28.57 -0.02 -32.61
CA ASP D 187 -29.93 0.23 -33.10
C ASP D 187 -30.98 0.05 -32.01
N ALA D 188 -30.62 -0.66 -30.94
CA ALA D 188 -31.52 -0.93 -29.84
C ALA D 188 -31.17 -0.16 -28.57
N THR D 189 -30.16 0.72 -28.68
CA THR D 189 -29.66 1.48 -27.52
C THR D 189 -29.44 2.96 -27.82
N SER D 190 -29.90 3.41 -28.98
CA SER D 190 -29.65 4.78 -29.48
C SER D 190 -28.14 5.07 -29.55
N ALA D 191 -27.39 4.10 -30.07
CA ALA D 191 -25.93 4.17 -30.16
C ALA D 191 -25.24 4.39 -28.80
N GLN D 192 -25.60 3.56 -27.82
CA GLN D 192 -24.99 3.57 -26.50
C GLN D 192 -24.69 2.13 -26.07
N GLY D 193 -24.42 1.28 -27.05
CA GLY D 193 -24.28 -0.16 -26.85
C GLY D 193 -23.33 -0.62 -25.75
N TRP D 194 -22.19 0.07 -25.64
CA TRP D 194 -21.19 -0.27 -24.63
C TRP D 194 -21.63 0.14 -23.22
N TYR D 195 -22.36 1.25 -23.14
CA TYR D 195 -22.92 1.73 -21.88
C TYR D 195 -23.98 0.76 -21.33
N TYR D 196 -24.74 0.17 -22.25
CA TYR D 196 -25.77 -0.82 -21.89
C TYR D 196 -25.16 -2.15 -21.47
N LEU D 197 -24.07 -2.55 -22.12
CA LEU D 197 -23.33 -3.74 -21.74
C LEU D 197 -22.73 -3.59 -20.34
N LYS D 198 -22.24 -2.40 -20.03
CA LYS D 198 -21.71 -2.08 -18.71
C LYS D 198 -22.84 -2.00 -17.67
N TRP D 199 -23.99 -1.47 -18.09
CA TRP D 199 -25.15 -1.30 -17.22
C TRP D 199 -25.72 -2.65 -16.75
N TYR D 200 -25.85 -3.59 -17.68
CA TYR D 200 -26.39 -4.91 -17.38
C TYR D 200 -25.32 -5.94 -17.04
N GLN D 201 -24.09 -5.45 -16.83
CA GLN D 201 -22.92 -6.28 -16.50
C GLN D 201 -22.70 -7.42 -17.50
N LEU D 202 -22.72 -7.07 -18.78
CA LEU D 202 -22.54 -8.03 -19.86
C LEU D 202 -21.30 -7.74 -20.70
N TYR D 203 -20.57 -6.69 -20.31
CA TYR D 203 -19.32 -6.31 -20.97
C TYR D 203 -18.22 -7.33 -20.72
N GLY D 204 -18.28 -7.98 -19.55
CA GLY D 204 -17.41 -9.12 -19.25
C GLY D 204 -17.70 -10.30 -20.16
N LYS D 205 -18.97 -10.49 -20.50
N LYS D 205 -18.97 -10.49 -20.51
CA LYS D 205 -19.39 -11.56 -21.40
CA LYS D 205 -19.38 -11.57 -21.40
C LYS D 205 -19.07 -11.25 -22.87
C LYS D 205 -19.07 -11.25 -22.86
N PHE D 206 -19.02 -9.96 -23.20
CA PHE D 206 -18.61 -9.51 -24.54
C PHE D 206 -17.12 -9.79 -24.72
N ALA D 207 -16.35 -9.54 -23.65
CA ALA D 207 -14.92 -9.74 -23.66
C ALA D 207 -14.53 -11.20 -23.89
N GLU D 208 -15.19 -12.11 -23.18
CA GLU D 208 -14.91 -13.53 -23.34
C GLU D 208 -15.38 -14.10 -24.68
N TYR D 209 -16.28 -13.37 -25.36
CA TYR D 209 -16.63 -13.70 -26.74
C TYR D 209 -15.58 -13.20 -27.72
N ALA D 210 -15.04 -12.00 -27.44
CA ALA D 210 -13.95 -11.43 -28.24
C ALA D 210 -12.66 -12.22 -28.08
N ASN D 211 -12.40 -12.68 -26.86
CA ASN D 211 -11.22 -13.49 -26.55
C ASN D 211 -11.28 -14.87 -27.19
N THR D 212 -12.49 -15.44 -27.26
CA THR D 212 -12.70 -16.75 -27.89
C THR D 212 -12.45 -16.68 -29.39
N LEU D 213 -12.95 -15.62 -30.04
CA LEU D 213 -12.74 -15.40 -31.47
C LEU D 213 -11.26 -15.16 -31.79
N ALA D 214 -10.56 -14.52 -30.86
CA ALA D 214 -9.12 -14.29 -30.99
C ALA D 214 -8.34 -15.61 -30.81
N ALA D 215 -8.81 -16.44 -29.90
CA ALA D 215 -8.22 -17.77 -29.66
C ALA D 215 -8.48 -18.71 -30.84
N MET D 216 -9.66 -18.56 -31.46
CA MET D 216 -10.06 -19.35 -32.61
C MET D 216 -9.22 -19.03 -33.85
N ALA D 217 -8.89 -17.76 -34.02
CA ALA D 217 -8.07 -17.32 -35.14
C ALA D 217 -6.62 -17.77 -34.99
N LYS D 218 -6.07 -17.63 -33.79
CA LYS D 218 -4.68 -17.99 -33.49
C LYS D 218 -4.41 -19.49 -33.61
N GLU D 219 -5.40 -20.31 -33.23
CA GLU D 219 -5.26 -21.77 -33.31
C GLU D 219 -5.34 -22.29 -34.75
N ARG D 220 -5.76 -21.44 -35.67
CA ARG D 220 -5.85 -21.80 -37.08
C ARG D 220 -4.81 -21.08 -37.94
N GLY D 221 -3.82 -20.47 -37.28
CA GLY D 221 -2.73 -19.78 -37.95
C GLY D 221 -3.12 -18.45 -38.57
N LEU D 222 -4.16 -17.83 -38.02
CA LEU D 222 -4.62 -16.52 -38.50
C LEU D 222 -4.32 -15.44 -37.47
N GLN D 223 -3.79 -14.32 -37.95
CA GLN D 223 -3.58 -13.14 -37.11
C GLN D 223 -4.94 -12.52 -36.79
N PRO D 224 -5.32 -12.52 -35.51
CA PRO D 224 -6.63 -11.96 -35.11
C PRO D 224 -6.68 -10.46 -35.29
N MET D 225 -7.78 -9.98 -35.87
CA MET D 225 -7.98 -8.56 -36.11
C MET D 225 -9.38 -8.16 -35.67
N ALA D 226 -9.50 -6.97 -35.09
CA ALA D 226 -10.79 -6.43 -34.66
C ALA D 226 -10.74 -4.91 -34.61
N PHE D 227 -11.90 -4.28 -34.72
CA PHE D 227 -12.02 -2.85 -34.55
C PHE D 227 -11.89 -2.49 -33.07
N ASN D 228 -11.44 -1.27 -32.79
CA ASN D 228 -11.09 -0.83 -31.44
C ASN D 228 -12.25 -0.66 -30.46
N ASP D 229 -13.44 -0.44 -31.01
CA ASP D 229 -14.63 -0.02 -30.25
C ASP D 229 -14.87 -0.78 -28.94
N GLY D 230 -14.77 -2.11 -29.00
CA GLY D 230 -15.09 -2.96 -27.85
C GLY D 230 -13.96 -3.20 -26.86
N PHE D 231 -12.75 -2.80 -27.23
CA PHE D 231 -11.58 -3.06 -26.39
C PHE D 231 -11.35 -2.00 -25.32
N TYR D 232 -11.32 -2.46 -24.06
CA TYR D 232 -11.05 -1.62 -22.89
C TYR D 232 -11.83 -0.30 -22.88
N TYR D 233 -13.15 -0.41 -23.03
CA TYR D 233 -14.04 0.75 -23.11
C TYR D 233 -13.84 1.73 -21.95
N GLU D 234 -13.65 3.00 -22.29
CA GLU D 234 -13.49 4.10 -21.34
C GLU D 234 -12.21 4.01 -20.49
N ASP D 235 -11.16 3.43 -21.08
CA ASP D 235 -9.84 3.27 -20.43
C ASP D 235 -9.88 2.47 -19.12
N LYS D 236 -10.85 1.56 -19.02
CA LYS D 236 -11.00 0.72 -17.83
C LYS D 236 -10.50 -0.69 -18.12
N ASP D 237 -9.93 -1.34 -17.11
CA ASP D 237 -9.31 -2.65 -17.30
C ASP D 237 -9.65 -3.71 -16.24
N ASP D 238 -10.85 -3.61 -15.66
CA ASP D 238 -11.36 -4.67 -14.80
C ASP D 238 -11.88 -5.83 -15.63
N VAL D 239 -11.95 -5.61 -16.95
CA VAL D 239 -12.26 -6.63 -17.93
C VAL D 239 -11.12 -6.67 -18.96
N GLN D 240 -10.37 -7.77 -18.96
CA GLN D 240 -9.19 -7.89 -19.83
C GLN D 240 -9.49 -8.55 -21.18
N PHE D 241 -8.72 -8.16 -22.18
CA PHE D 241 -8.88 -8.66 -23.55
C PHE D 241 -7.59 -9.32 -24.05
N ASP D 242 -7.69 -10.05 -25.15
CA ASP D 242 -6.55 -10.70 -25.79
C ASP D 242 -5.60 -9.64 -26.36
N LYS D 243 -4.33 -9.72 -25.97
CA LYS D 243 -3.34 -8.69 -26.31
C LYS D 243 -2.71 -8.87 -27.71
N ASP D 244 -2.95 -10.03 -28.32
CA ASP D 244 -2.37 -10.34 -29.63
C ASP D 244 -3.20 -9.79 -30.79
N VAL D 245 -4.39 -9.28 -30.49
CA VAL D 245 -5.32 -8.79 -31.50
C VAL D 245 -4.80 -7.54 -32.20
N LEU D 246 -4.85 -7.56 -33.53
CA LEU D 246 -4.50 -6.42 -34.36
C LEU D 246 -5.67 -5.43 -34.38
N ILE D 247 -5.47 -4.28 -33.71
CA ILE D 247 -6.53 -3.28 -33.58
C ILE D 247 -6.65 -2.39 -34.81
N SER D 248 -7.79 -2.46 -35.46
CA SER D 248 -8.12 -1.58 -36.57
C SER D 248 -8.74 -0.30 -36.01
N TYR D 249 -7.88 0.63 -35.59
CA TYR D 249 -8.33 1.86 -34.93
C TYR D 249 -8.87 2.87 -35.93
N TRP D 250 -10.09 3.34 -35.69
CA TRP D 250 -10.76 4.27 -36.59
C TRP D 250 -11.24 5.56 -35.91
N SER D 251 -11.63 5.45 -34.63
CA SER D 251 -12.13 6.59 -33.85
C SER D 251 -12.12 6.31 -32.35
N LYS D 252 -12.09 7.38 -31.56
CA LYS D 252 -12.22 7.30 -30.11
C LYS D 252 -13.68 7.46 -29.70
N GLY D 253 -14.55 7.63 -30.68
CA GLY D 253 -15.98 7.79 -30.45
C GLY D 253 -16.42 9.24 -30.43
N TRP D 254 -17.57 9.48 -29.82
CA TRP D 254 -18.17 10.81 -29.72
C TRP D 254 -18.72 11.02 -28.31
N TRP D 255 -19.49 12.09 -28.10
CA TRP D 255 -20.04 12.37 -26.77
C TRP D 255 -20.97 11.25 -26.30
N GLY D 256 -20.66 10.70 -25.12
CA GLY D 256 -21.41 9.59 -24.56
C GLY D 256 -20.88 8.23 -25.00
N TYR D 257 -20.26 8.22 -26.18
CA TYR D 257 -19.68 7.01 -26.75
C TYR D 257 -18.18 7.02 -26.46
N ASN D 258 -17.82 6.62 -25.25
CA ASN D 258 -16.47 6.82 -24.73
C ASN D 258 -15.53 5.63 -24.93
N LEU D 259 -15.04 5.47 -26.16
CA LEU D 259 -14.12 4.39 -26.50
C LEU D 259 -12.72 4.65 -25.95
N ALA D 260 -11.92 3.59 -25.89
CA ALA D 260 -10.54 3.68 -25.42
C ALA D 260 -9.69 4.52 -26.36
N SER D 261 -8.79 5.32 -25.79
CA SER D 261 -7.86 6.14 -26.55
C SER D 261 -6.78 5.27 -27.20
N PRO D 262 -6.14 5.76 -28.28
CA PRO D 262 -5.03 5.01 -28.87
C PRO D 262 -3.84 4.95 -27.93
N GLN D 263 -3.70 5.96 -27.07
CA GLN D 263 -2.64 5.99 -26.07
C GLN D 263 -2.81 4.90 -25.02
N TYR D 264 -4.06 4.64 -24.62
CA TYR D 264 -4.36 3.62 -23.62
C TYR D 264 -4.22 2.21 -24.18
N LEU D 265 -4.65 2.01 -25.42
CA LEU D 265 -4.52 0.70 -26.07
C LEU D 265 -3.06 0.38 -26.40
N ALA D 266 -2.28 1.40 -26.72
CA ALA D 266 -0.85 1.24 -26.97
C ALA D 266 -0.08 0.94 -25.68
N SER D 267 -0.58 1.46 -24.56
CA SER D 267 -0.01 1.17 -23.24
C SER D 267 -0.32 -0.25 -22.79
N LYS D 268 -1.41 -0.81 -23.34
CA LYS D 268 -1.75 -2.21 -23.12
C LYS D 268 -0.93 -3.15 -24.02
N GLY D 269 -0.25 -2.56 -25.00
CA GLY D 269 0.67 -3.30 -25.87
C GLY D 269 0.13 -3.61 -27.25
N TYR D 270 -0.97 -2.97 -27.62
CA TYR D 270 -1.61 -3.21 -28.92
C TYR D 270 -0.89 -2.52 -30.06
N LYS D 271 -0.63 -3.28 -31.12
CA LYS D 271 -0.17 -2.72 -32.40
C LYS D 271 -1.38 -2.38 -33.25
N PHE D 272 -1.30 -1.27 -33.99
CA PHE D 272 -2.45 -0.74 -34.70
C PHE D 272 -2.37 -0.88 -36.22
N LEU D 273 -3.53 -1.11 -36.84
CA LEU D 273 -3.71 -0.85 -38.25
C LEU D 273 -4.51 0.44 -38.36
N ASN D 274 -3.83 1.53 -38.73
CA ASN D 274 -4.42 2.86 -38.75
C ASN D 274 -5.55 2.99 -39.77
N THR D 275 -6.79 2.80 -39.30
CA THR D 275 -7.97 2.86 -40.15
C THR D 275 -8.72 4.17 -39.92
N ASN D 276 -7.98 5.28 -39.95
CA ASN D 276 -8.52 6.60 -39.61
C ASN D 276 -9.85 6.91 -40.30
N GLY D 277 -10.82 7.33 -39.49
CA GLY D 277 -12.16 7.67 -39.97
C GLY D 277 -12.21 8.88 -40.89
N ASP D 278 -11.12 9.64 -40.92
CA ASP D 278 -10.96 10.76 -41.84
C ASP D 278 -10.92 10.29 -43.30
N TRP D 279 -10.48 9.06 -43.50
CA TRP D 279 -10.33 8.49 -44.85
C TRP D 279 -11.56 7.68 -45.30
N TYR D 280 -12.66 7.82 -44.57
CA TYR D 280 -13.91 7.09 -44.84
C TYR D 280 -14.68 7.70 -46.01
N TYR D 281 -15.13 6.84 -46.93
CA TYR D 281 -16.10 7.23 -47.94
C TYR D 281 -17.27 6.27 -47.97
N ILE D 282 -18.45 6.80 -47.63
CA ILE D 282 -19.70 6.06 -47.73
C ILE D 282 -20.26 6.27 -49.13
N LEU D 283 -20.61 5.17 -49.81
CA LEU D 283 -21.14 5.23 -51.17
C LEU D 283 -22.41 6.07 -51.25
N GLY D 284 -22.39 7.09 -52.10
CA GLY D 284 -23.54 7.96 -52.30
C GLY D 284 -23.62 9.18 -51.40
N GLN D 285 -22.72 9.24 -50.42
CA GLN D 285 -22.68 10.36 -49.46
C GLN D 285 -22.24 11.65 -50.14
N LYS D 286 -22.94 12.74 -49.81
CA LYS D 286 -22.70 14.05 -50.42
C LYS D 286 -22.33 15.09 -49.35
N PRO D 287 -21.73 16.22 -49.76
CA PRO D 287 -21.31 17.28 -48.82
C PRO D 287 -22.44 17.78 -47.91
N GLU D 288 -23.67 17.69 -48.38
CA GLU D 288 -24.85 18.15 -47.64
C GLU D 288 -25.09 17.30 -46.38
N ASP D 289 -24.88 16.00 -46.50
CA ASP D 289 -25.16 15.04 -45.44
C ASP D 289 -24.11 15.09 -44.33
N GLY D 290 -22.93 15.62 -44.65
CA GLY D 290 -21.80 15.60 -43.73
C GLY D 290 -21.15 14.22 -43.73
N GLY D 291 -20.43 13.91 -42.65
CA GLY D 291 -19.77 12.62 -42.51
C GLY D 291 -18.76 12.35 -43.60
N GLY D 292 -18.65 11.09 -44.02
CA GLY D 292 -17.67 10.66 -45.00
C GLY D 292 -18.09 10.77 -46.45
N PHE D 293 -18.14 12.00 -46.95
CA PHE D 293 -18.36 12.23 -48.39
C PHE D 293 -17.03 12.27 -49.15
N LEU D 294 -17.10 12.06 -50.47
CA LEU D 294 -15.92 11.87 -51.31
C LEU D 294 -14.88 12.99 -51.21
N LYS D 295 -15.33 14.23 -51.27
CA LYS D 295 -14.43 15.39 -51.23
C LYS D 295 -13.68 15.51 -49.90
N LYS D 296 -14.38 15.24 -48.79
CA LYS D 296 -13.77 15.27 -47.46
C LYS D 296 -12.67 14.20 -47.34
N ALA D 297 -12.99 12.99 -47.80
CA ALA D 297 -12.08 11.85 -47.74
C ALA D 297 -10.82 12.08 -48.58
N ILE D 298 -10.99 12.67 -49.77
CA ILE D 298 -9.87 13.00 -50.65
C ILE D 298 -8.98 14.08 -50.05
N GLU D 299 -9.62 15.08 -49.42
CA GLU D 299 -8.94 16.18 -48.72
CA GLU D 299 -8.88 16.15 -48.77
C GLU D 299 -8.09 15.65 -47.56
N ASN D 300 -8.64 14.68 -46.85
CA ASN D 300 -8.00 14.12 -45.66
C ASN D 300 -6.83 13.16 -45.92
N THR D 301 -6.74 12.62 -47.14
CA THR D 301 -5.62 11.76 -47.52
C THR D 301 -4.30 12.52 -47.51
N GLY D 302 -4.39 13.84 -47.66
CA GLY D 302 -3.24 14.73 -47.54
C GLY D 302 -3.22 15.47 -46.22
N LYS D 303 -4.39 15.86 -45.73
CA LYS D 303 -4.53 16.58 -44.47
C LYS D 303 -4.12 15.75 -43.25
N THR D 304 -4.66 14.53 -43.17
CA THR D 304 -4.35 13.63 -42.06
C THR D 304 -3.12 12.78 -42.40
N PRO D 305 -2.07 12.86 -41.57
CA PRO D 305 -0.84 12.10 -41.75
C PRO D 305 -1.08 10.58 -41.77
N PHE D 306 -0.24 9.88 -42.53
CA PHE D 306 -0.33 8.43 -42.71
C PHE D 306 -0.32 7.66 -41.38
N ASN D 307 0.53 8.11 -40.45
CA ASN D 307 0.69 7.44 -39.17
C ASN D 307 -0.22 7.96 -38.05
N GLN D 308 -0.93 9.06 -38.33
CA GLN D 308 -1.80 9.68 -37.34
C GLN D 308 -3.01 8.81 -37.02
N LEU D 309 -3.08 8.34 -35.77
CA LEU D 309 -4.25 7.65 -35.27
C LEU D 309 -5.32 8.67 -34.92
N ALA D 310 -6.59 8.28 -35.08
CA ALA D 310 -7.71 9.17 -34.79
C ALA D 310 -7.69 9.65 -33.34
N SER D 311 -8.10 10.90 -33.14
CA SER D 311 -8.11 11.58 -31.83
C SER D 311 -6.71 11.95 -31.31
N THR D 312 -5.68 11.76 -32.12
CA THR D 312 -4.32 12.15 -31.75
C THR D 312 -3.72 13.11 -32.77
N LYS D 313 -2.74 13.90 -32.32
CA LYS D 313 -2.03 14.84 -33.19
C LYS D 313 -0.63 14.29 -33.47
N TYR D 314 -0.34 14.09 -34.76
CA TYR D 314 0.94 13.53 -35.21
C TYR D 314 1.84 14.66 -35.74
N PRO D 315 3.15 14.61 -35.42
CA PRO D 315 3.88 13.58 -34.68
C PRO D 315 4.01 13.85 -33.17
N GLU D 316 3.16 14.71 -32.62
CA GLU D 316 3.14 15.00 -31.19
C GLU D 316 2.86 13.72 -30.39
N VAL D 317 1.83 13.00 -30.80
CA VAL D 317 1.56 11.65 -30.31
C VAL D 317 1.96 10.67 -31.43
N ASP D 318 3.05 9.95 -31.18
CA ASP D 318 3.60 9.01 -32.16
C ASP D 318 3.53 7.59 -31.61
N LEU D 319 2.58 6.81 -32.15
CA LEU D 319 2.35 5.44 -31.69
C LEU D 319 2.57 4.43 -32.81
N PRO D 320 3.20 3.28 -32.49
CA PRO D 320 3.55 2.24 -33.47
C PRO D 320 2.34 1.68 -34.22
N THR D 321 2.43 1.71 -35.56
CA THR D 321 1.43 1.11 -36.42
C THR D 321 2.09 0.14 -37.39
N VAL D 322 1.35 -0.87 -37.81
CA VAL D 322 1.82 -1.83 -38.82
C VAL D 322 1.53 -1.31 -40.22
N GLY D 323 0.82 -0.18 -40.30
CA GLY D 323 0.43 0.43 -41.56
C GLY D 323 -0.87 1.19 -41.43
N SER D 324 -1.50 1.49 -42.58
CA SER D 324 -2.76 2.22 -42.60
C SER D 324 -3.79 1.61 -43.56
N MET D 325 -5.06 1.92 -43.30
CA MET D 325 -6.17 1.39 -44.09
C MET D 325 -7.19 2.48 -44.45
N LEU D 326 -7.43 2.63 -45.75
CA LEU D 326 -8.48 3.51 -46.24
C LEU D 326 -9.73 2.68 -46.50
N SER D 327 -10.86 3.15 -45.99
CA SER D 327 -12.09 2.35 -45.98
C SER D 327 -13.22 2.91 -46.83
N ILE D 328 -13.81 2.03 -47.63
CA ILE D 328 -15.01 2.34 -48.40
C ILE D 328 -16.19 1.60 -47.78
N TRP D 329 -17.22 2.34 -47.38
CA TRP D 329 -18.38 1.75 -46.71
C TRP D 329 -19.64 1.88 -47.56
N ALA D 330 -20.54 0.92 -47.39
CA ALA D 330 -21.79 0.88 -48.14
C ALA D 330 -23.01 0.98 -47.21
N ASP D 331 -22.99 1.98 -46.32
CA ASP D 331 -24.03 2.18 -45.30
C ASP D 331 -25.45 2.14 -45.86
N ARG D 332 -25.66 2.81 -46.99
CA ARG D 332 -26.88 2.65 -47.77
C ARG D 332 -26.52 1.85 -49.02
N PRO D 333 -26.68 0.51 -48.96
CA PRO D 333 -26.16 -0.39 -49.99
C PRO D 333 -26.87 -0.26 -51.35
N SER D 334 -27.96 0.49 -51.40
CA SER D 334 -28.70 0.74 -52.64
C SER D 334 -28.03 1.80 -53.50
N ALA D 335 -27.11 2.56 -52.90
CA ALA D 335 -26.34 3.59 -53.61
C ALA D 335 -25.42 2.95 -54.65
N GLU D 336 -25.24 3.63 -55.77
CA GLU D 336 -24.45 3.14 -56.89
C GLU D 336 -22.95 3.13 -56.55
N TYR D 337 -22.33 1.98 -56.73
CA TYR D 337 -20.87 1.86 -56.61
C TYR D 337 -20.23 2.42 -57.88
N LYS D 338 -19.58 3.57 -57.75
CA LYS D 338 -18.85 4.17 -58.86
C LYS D 338 -17.36 3.89 -58.68
N GLU D 339 -16.86 2.96 -59.48
CA GLU D 339 -15.47 2.49 -59.42
C GLU D 339 -14.46 3.63 -59.46
N GLU D 340 -14.73 4.63 -60.29
CA GLU D 340 -13.84 5.77 -60.49
C GLU D 340 -13.68 6.65 -59.24
N GLU D 341 -14.71 6.71 -58.41
CA GLU D 341 -14.68 7.47 -57.16
C GLU D 341 -13.72 6.83 -56.16
N ILE D 342 -13.77 5.51 -56.08
CA ILE D 342 -12.90 4.73 -55.20
C ILE D 342 -11.46 4.78 -55.72
N PHE D 343 -11.31 4.65 -57.03
CA PHE D 343 -10.02 4.73 -57.70
C PHE D 343 -9.34 6.09 -57.49
N GLU D 344 -10.13 7.16 -57.49
CA GLU D 344 -9.63 8.51 -57.24
C GLU D 344 -9.18 8.68 -55.79
N LEU D 345 -9.97 8.14 -54.87
CA LEU D 345 -9.65 8.21 -53.44
C LEU D 345 -8.42 7.37 -53.10
N MET D 346 -8.32 6.20 -53.74
CA MET D 346 -7.16 5.32 -53.60
C MET D 346 -5.89 5.96 -54.14
N THR D 347 -6.02 6.67 -55.26
CA THR D 347 -4.90 7.34 -55.93
C THR D 347 -4.35 8.50 -55.09
N ALA D 348 -5.25 9.31 -54.54
CA ALA D 348 -4.88 10.45 -53.70
C ALA D 348 -4.11 10.01 -52.45
N PHE D 349 -4.54 8.90 -51.86
CA PHE D 349 -3.89 8.34 -50.67
C PHE D 349 -2.49 7.83 -50.98
N ALA D 350 -2.33 7.24 -52.17
CA ALA D 350 -1.03 6.76 -52.64
C ALA D 350 -0.11 7.92 -53.06
N ASP D 351 -0.70 8.95 -53.63
CA ASP D 351 0.06 10.12 -54.10
C ASP D 351 0.56 11.02 -52.97
N HIS D 352 -0.24 11.15 -51.91
CA HIS D 352 0.17 11.92 -50.73
C HIS D 352 1.17 11.16 -49.86
N ASN D 353 1.34 9.87 -50.14
CA ASN D 353 2.23 9.01 -49.37
C ASN D 353 3.12 8.12 -50.26
N LYS D 354 3.78 8.74 -51.23
CA LYS D 354 4.60 8.01 -52.21
C LYS D 354 5.77 7.25 -51.60
N ASP D 355 6.25 7.72 -50.45
CA ASP D 355 7.34 7.08 -49.71
C ASP D 355 6.93 5.77 -49.05
N TYR D 356 5.63 5.62 -48.80
CA TYR D 356 5.10 4.40 -48.18
C TYR D 356 4.65 3.37 -49.23
N PHE D 357 4.05 3.85 -50.31
CA PHE D 357 3.51 2.98 -51.35
C PHE D 357 4.56 2.51 -52.34
N ARG D 358 4.48 1.24 -52.74
CA ARG D 358 5.36 0.65 -53.74
C ARG D 358 5.16 1.30 -55.11
N ALA D 359 6.13 1.08 -56.00
CA ALA D 359 5.99 1.48 -57.40
C ALA D 359 5.06 0.50 -58.12
N ASN D 360 4.65 0.87 -59.34
CA ASN D 360 3.81 0.01 -60.17
C ASN D 360 4.66 -1.06 -60.86
N TYR D 361 4.40 -2.32 -60.51
CA TYR D 361 5.18 -3.46 -61.03
C TYR D 361 4.44 -4.36 -62.03
N ASN D 362 3.31 -3.88 -62.54
CA ASN D 362 2.53 -4.63 -63.52
C ASN D 362 3.20 -4.73 -64.88
N ALA D 363 3.80 -3.62 -65.33
CA ALA D 363 4.51 -3.57 -66.61
C ALA D 363 5.78 -4.44 -66.59
N LEU D 364 6.38 -4.56 -65.41
CA LEU D 364 7.54 -5.43 -65.22
C LEU D 364 7.13 -6.91 -65.24
N ARG D 365 5.97 -7.21 -64.64
CA ARG D 365 5.43 -8.58 -64.64
C ARG D 365 4.93 -9.00 -66.03
N GLU D 366 4.58 -8.02 -66.85
CA GLU D 366 4.25 -8.26 -68.26
C GLU D 366 5.48 -8.69 -69.05
N GLU D 367 6.59 -7.99 -68.81
CA GLU D 367 7.82 -8.20 -69.57
C GLU D 367 8.60 -9.43 -69.12
N LEU D 368 8.53 -9.75 -67.82
CA LEU D 368 9.18 -10.94 -67.26
C LEU D 368 8.48 -12.22 -67.70
N ALA D 369 7.20 -12.10 -68.09
CA ALA D 369 6.44 -13.21 -68.63
C ALA D 369 6.67 -13.39 -70.14
N LYS D 370 7.29 -12.38 -70.76
CA LYS D 370 7.54 -12.39 -72.20
C LYS D 370 8.81 -13.15 -72.60
N ILE D 371 9.77 -13.26 -71.67
CA ILE D 371 11.03 -13.97 -71.94
C ILE D 371 10.83 -15.49 -72.04
N SER D 379 21.84 -17.77 -78.78
CA SER D 379 22.78 -16.65 -78.87
C SER D 379 23.23 -16.22 -77.48
N LYS D 380 24.53 -16.37 -77.21
CA LYS D 380 25.10 -16.10 -75.89
C LYS D 380 25.18 -14.62 -75.54
N GLU D 381 25.68 -13.81 -76.47
CA GLU D 381 25.78 -12.36 -76.28
C GLU D 381 24.41 -11.69 -76.14
N SER D 382 23.43 -12.25 -76.83
CA SER D 382 22.04 -11.81 -76.71
C SER D 382 21.42 -12.31 -75.40
N LEU D 383 21.91 -13.45 -74.92
CA LEU D 383 21.47 -14.01 -73.64
C LEU D 383 22.20 -13.37 -72.46
N GLU D 384 23.37 -12.80 -72.72
CA GLU D 384 24.13 -12.06 -71.71
C GLU D 384 23.46 -10.73 -71.40
N ALA D 385 22.79 -10.16 -72.41
CA ALA D 385 22.05 -8.92 -72.26
C ALA D 385 20.73 -9.12 -71.52
N LEU D 386 20.04 -10.22 -71.86
CA LEU D 386 18.78 -10.58 -71.20
C LEU D 386 19.01 -11.00 -69.74
N ASP D 387 20.26 -11.31 -69.41
CA ASP D 387 20.66 -11.64 -68.04
C ASP D 387 21.01 -10.36 -67.27
N ALA D 388 21.78 -9.47 -67.90
CA ALA D 388 22.25 -8.24 -67.27
C ALA D 388 21.13 -7.25 -66.96
N ALA D 389 20.14 -7.19 -67.85
CA ALA D 389 18.98 -6.32 -67.64
C ALA D 389 18.03 -6.90 -66.59
N LYS D 390 17.98 -8.22 -66.52
CA LYS D 390 17.17 -8.95 -65.54
C LYS D 390 17.76 -8.80 -64.13
N THR D 391 19.08 -8.71 -64.05
CA THR D 391 19.78 -8.56 -62.78
C THR D 391 19.71 -7.10 -62.28
N ALA D 392 19.58 -6.16 -63.21
CA ALA D 392 19.50 -4.74 -62.87
C ALA D 392 18.13 -4.34 -62.31
N LEU D 393 17.18 -5.28 -62.34
CA LEU D 393 15.81 -5.03 -61.88
C LEU D 393 15.74 -4.86 -60.37
N ASN D 394 15.05 -3.79 -59.95
CA ASN D 394 14.89 -3.44 -58.55
C ASN D 394 13.43 -3.59 -58.13
N TYR D 395 13.18 -4.44 -57.14
CA TYR D 395 11.82 -4.70 -56.65
C TYR D 395 11.51 -3.92 -55.36
N ASN D 396 12.42 -3.01 -55.00
CA ASN D 396 12.31 -2.27 -53.74
C ASN D 396 12.02 -0.78 -53.92
N LEU D 397 11.51 -0.41 -55.09
CA LEU D 397 11.26 1.00 -55.42
C LEU D 397 9.85 1.43 -55.01
N ASN D 398 9.76 2.64 -54.44
CA ASN D 398 8.48 3.21 -54.03
C ASN D 398 7.83 4.04 -55.15
N ARG D 399 6.66 4.62 -54.85
CA ARG D 399 5.88 5.38 -55.83
C ARG D 399 6.58 6.64 -56.35
N ASN D 400 7.51 7.16 -55.56
CA ASN D 400 8.35 8.30 -55.96
C ASN D 400 9.26 8.00 -57.15
N LYS D 401 9.69 6.74 -57.26
CA LYS D 401 10.69 6.35 -58.25
C LYS D 401 10.15 5.43 -59.34
N GLN D 402 9.01 5.82 -59.92
CA GLN D 402 8.39 5.08 -61.01
C GLN D 402 9.18 5.24 -62.32
N ALA D 403 9.68 6.46 -62.55
CA ALA D 403 10.49 6.76 -63.73
C ALA D 403 11.82 6.00 -63.74
N GLU D 404 12.39 5.83 -62.54
CA GLU D 404 13.61 5.04 -62.37
C GLU D 404 13.37 3.56 -62.67
N LEU D 405 12.18 3.09 -62.33
CA LEU D 405 11.77 1.71 -62.61
C LEU D 405 11.42 1.51 -64.09
N ASP D 406 10.74 2.50 -64.67
CA ASP D 406 10.34 2.46 -66.09
C ASP D 406 11.54 2.32 -67.03
N THR D 407 12.66 2.92 -66.66
CA THR D 407 13.91 2.82 -67.42
C THR D 407 14.49 1.41 -67.34
N LEU D 408 14.36 0.78 -66.16
CA LEU D 408 14.84 -0.58 -65.95
C LEU D 408 14.02 -1.60 -66.73
N VAL D 409 12.72 -1.35 -66.86
CA VAL D 409 11.82 -2.19 -67.66
C VAL D 409 12.08 -1.95 -69.15
N ALA D 410 12.40 -0.72 -69.51
CA ALA D 410 12.76 -0.35 -70.88
C ALA D 410 14.09 -0.99 -71.29
N ASN D 411 15.04 -1.05 -70.37
CA ASN D 411 16.32 -1.72 -70.58
C ASN D 411 16.16 -3.24 -70.68
N LEU D 412 15.12 -3.76 -70.04
CA LEU D 412 14.80 -5.18 -70.11
C LEU D 412 14.17 -5.55 -71.46
N LYS D 413 13.27 -4.69 -71.94
CA LYS D 413 12.58 -4.89 -73.23
C LYS D 413 13.57 -4.93 -74.40
N ALA D 414 14.63 -4.12 -74.30
CA ALA D 414 15.68 -4.08 -75.31
C ALA D 414 16.53 -5.36 -75.30
N ALA D 415 16.66 -5.96 -74.12
CA ALA D 415 17.40 -7.22 -73.95
C ALA D 415 16.67 -8.40 -74.59
N LEU D 416 15.34 -8.33 -74.62
CA LEU D 416 14.51 -9.36 -75.23
C LEU D 416 14.59 -9.35 -76.76
N GLN D 417 15.01 -8.21 -77.32
CA GLN D 417 15.10 -8.04 -78.77
C GLN D 417 16.55 -7.81 -79.20
MG MG E . -15.19 9.39 9.64
MG MG F . -30.19 5.83 37.57
MG MG G . -10.41 3.89 50.64
MG MG H . 8.14 -3.75 34.89
MG MG I . -0.82 14.70 24.50
C1 EDO J . 8.49 9.34 1.42
O1 EDO J . 9.90 9.41 1.62
C2 EDO J . 7.77 9.62 2.74
O2 EDO J . 7.43 8.39 3.38
C1 EDO K . -10.03 12.16 27.86
C1 EDO K . -9.44 11.84 27.09
O1 EDO K . -9.86 13.14 28.89
O1 EDO K . -9.93 13.03 26.47
C2 EDO K . -11.29 12.47 27.07
C2 EDO K . -10.60 11.07 27.69
O2 EDO K . -11.13 12.02 25.72
O2 EDO K . -10.73 9.82 27.01
C1 EDO L . -15.91 7.33 33.58
O1 EDO L . -15.15 6.59 32.62
C2 EDO L . -16.63 8.48 32.88
O2 EDO L . -18.01 8.47 33.26
MG MG M . -17.04 34.39 -11.59
MG MG N . -7.49 29.62 2.80
C1 EDO O . -17.96 33.00 -16.56
O1 EDO O . -17.01 33.90 -15.97
C2 EDO O . -18.45 32.03 -15.49
O2 EDO O . -19.19 32.77 -14.50
MG MG P . 25.07 -3.72 13.35
MG MG Q . 34.00 -16.45 52.01
MG MG R . 25.88 -12.88 11.48
C1 EDO S . 24.45 -13.63 33.61
O1 EDO S . 24.65 -12.25 33.33
C2 EDO S . 22.98 -13.99 33.38
O2 EDO S . 22.17 -13.27 34.33
C1 EDO T . 33.65 -1.10 20.74
O1 EDO T . 34.17 -1.39 19.44
C2 EDO T . 34.05 0.31 21.13
O2 EDO T . 35.43 0.31 21.57
C1 EDO U . 35.55 -21.52 13.78
O1 EDO U . 36.71 -21.65 14.60
C2 EDO U . 35.73 -20.37 12.79
O2 EDO U . 34.46 -19.86 12.41
C1 EDO V . 41.91 -38.31 36.54
O1 EDO V . 40.51 -38.13 36.74
C2 EDO V . 42.19 -38.52 35.06
O2 EDO V . 43.13 -37.55 34.60
C1 EDO W . -15.54 0.57 -37.94
O1 EDO W . -15.76 1.91 -38.40
C2 EDO W . -16.63 -0.34 -38.48
O2 EDO W . -17.78 -0.25 -37.65
C1 EDO X . -42.21 -17.39 -30.09
O1 EDO X . -41.36 -16.81 -29.09
C2 EDO X . -43.57 -17.69 -29.48
O2 EDO X . -43.42 -18.58 -28.37
C1 EDO Y . -17.51 20.62 -49.68
O1 EDO Y . -16.43 20.51 -48.75
C2 EDO Y . -18.61 21.49 -49.09
O2 EDO Y . -19.02 20.95 -47.83
C1 EDO Z . 11.36 0.12 -74.46
O1 EDO Z . 12.76 -0.19 -74.37
C2 EDO Z . 11.19 1.64 -74.50
O2 EDO Z . 10.23 2.03 -73.51
#